data_6I5U
#
_entry.id   6I5U
#
_cell.length_a   1.0
_cell.length_b   1.0
_cell.length_c   1.0
_cell.angle_alpha   90.00
_cell.angle_beta   90.00
_cell.angle_gamma   90.00
#
_symmetry.space_group_name_H-M   'P 1'
#
_entity_poly.entity_id   1
_entity_poly.type   'polypeptide(L)'
_entity_poly.pdbx_seq_one_letter_code
;MSMQQETSHMTAAPQTNGHQIFPEIDMSAGDSSSIVRATVVQASTVFYDTPATLDKAERLLSEAAENGSQLVVFPEAFIG
GYPRGSTFELAIGSRTAKGRDDFRKYHASAIDVPGPEVERLALMAKKYKVYLVMGVIEREGYTLYCTVLFFDSQGLFLGK
HRKLMPTALERCIWGFGDGSTIPVFDTPIGKIGAAICWENRMPSLRTAMYAKGIEIYCAPTADSRETWLASMTHIALEGG
CFVLSANQFCRRKDYPSPPEYMFSGSEESLTPDSVVCAGGSSIISPLGIVLAGPNYRGEALITADLDLGDIARAKFDFDV
VGHYSRPEVFSLNIREHPRKAVSFKTSKVMEDESVHHHHHH
;
_entity_poly.pdbx_strand_id   F,E,D,C,B,A
#
# COMPACT_ATOMS: atom_id res chain seq x y z
N ILE A 35 -31.40 -26.85 32.98
CA ILE A 35 -30.86 -26.88 34.34
C ILE A 35 -30.63 -28.31 34.79
N VAL A 36 -29.38 -28.63 35.10
CA VAL A 36 -29.02 -29.95 35.62
C VAL A 36 -28.50 -29.78 37.04
N ARG A 37 -28.23 -30.90 37.69
CA ARG A 37 -27.61 -30.88 39.01
C ARG A 37 -26.63 -32.05 39.11
N ALA A 38 -25.51 -31.81 39.78
CA ALA A 38 -24.42 -32.76 39.78
C ALA A 38 -23.85 -32.91 41.18
N THR A 39 -23.24 -34.07 41.43
CA THR A 39 -22.68 -34.40 42.73
C THR A 39 -21.21 -34.80 42.59
N VAL A 40 -20.45 -34.55 43.66
CA VAL A 40 -19.11 -35.11 43.81
C VAL A 40 -19.09 -35.90 45.11
N VAL A 41 -18.18 -36.87 45.18
CA VAL A 41 -18.03 -37.69 46.37
C VAL A 41 -16.66 -37.42 46.97
N GLN A 42 -16.44 -37.91 48.18
CA GLN A 42 -15.21 -37.62 48.89
C GLN A 42 -14.70 -38.87 49.62
N ALA A 43 -15.22 -40.03 49.27
CA ALA A 43 -14.86 -41.25 49.99
C ALA A 43 -13.51 -41.77 49.50
N SER A 44 -12.96 -42.72 50.27
CA SER A 44 -11.66 -43.29 49.97
C SER A 44 -11.81 -44.78 49.68
N THR A 45 -10.79 -45.34 49.05
CA THR A 45 -10.76 -46.75 48.72
C THR A 45 -10.07 -47.53 49.84
N VAL A 46 -10.24 -48.86 49.79
CA VAL A 46 -9.57 -49.74 50.75
C VAL A 46 -8.18 -50.14 50.29
N PHE A 47 -7.76 -49.69 49.11
CA PHE A 47 -6.39 -49.65 48.59
C PHE A 47 -5.85 -51.02 48.17
N TYR A 48 -6.54 -52.09 48.55
CA TYR A 48 -6.19 -53.45 48.19
C TYR A 48 -7.49 -54.20 47.96
N ASP A 49 -7.39 -55.33 47.25
CA ASP A 49 -8.52 -56.22 46.95
C ASP A 49 -9.62 -55.46 46.19
N THR A 50 -9.27 -55.08 44.95
CA THR A 50 -10.12 -54.26 44.09
C THR A 50 -11.55 -54.74 43.76
N PRO A 51 -11.95 -56.02 43.87
CA PRO A 51 -13.40 -56.28 43.83
C PRO A 51 -14.14 -55.91 45.11
N ALA A 52 -13.44 -55.60 46.20
CA ALA A 52 -14.12 -55.19 47.42
C ALA A 52 -14.38 -53.69 47.49
N THR A 53 -13.59 -52.89 46.77
CA THR A 53 -13.79 -51.45 46.71
C THR A 53 -14.76 -51.04 45.63
N LEU A 54 -15.44 -52.00 45.01
CA LEU A 54 -16.38 -51.72 43.93
C LEU A 54 -17.83 -51.69 44.41
N ASP A 55 -18.10 -52.26 45.58
CA ASP A 55 -19.43 -52.17 46.18
C ASP A 55 -19.63 -50.92 47.01
N LYS A 56 -18.55 -50.33 47.52
CA LYS A 56 -18.61 -48.98 48.08
C LYS A 56 -19.11 -47.99 47.03
N ALA A 57 -18.62 -48.13 45.79
CA ALA A 57 -19.10 -47.35 44.67
C ALA A 57 -20.58 -47.59 44.40
N GLU A 58 -21.05 -48.82 44.56
CA GLU A 58 -22.46 -49.14 44.37
C GLU A 58 -23.35 -48.47 45.42
N ARG A 59 -22.97 -48.57 46.70
CA ARG A 59 -23.80 -47.98 47.74
C ARG A 59 -23.75 -46.45 47.72
N LEU A 60 -22.60 -45.87 47.34
CA LEU A 60 -22.55 -44.42 47.18
C LEU A 60 -23.32 -43.96 45.95
N LEU A 61 -23.33 -44.75 44.89
CA LEU A 61 -24.09 -44.40 43.70
C LEU A 61 -25.59 -44.47 43.97
N SER A 62 -26.03 -45.43 44.78
CA SER A 62 -27.44 -45.49 45.16
C SER A 62 -27.84 -44.34 46.09
N GLU A 63 -26.99 -44.00 47.06
CA GLU A 63 -27.29 -42.87 47.95
C GLU A 63 -27.24 -41.54 47.19
N ALA A 64 -26.44 -41.46 46.12
CA ALA A 64 -26.48 -40.26 45.28
C ALA A 64 -27.61 -40.31 44.27
N ALA A 65 -28.20 -41.47 44.06
CA ALA A 65 -29.36 -41.59 43.19
C ALA A 65 -30.64 -41.17 43.88
N GLU A 66 -30.76 -41.38 45.19
CA GLU A 66 -32.04 -41.23 45.86
C GLU A 66 -32.50 -39.78 46.02
N ASN A 67 -31.65 -38.79 45.71
CA ASN A 67 -32.07 -37.40 45.76
C ASN A 67 -32.18 -36.76 44.37
N GLY A 68 -32.33 -37.56 43.32
CA GLY A 68 -32.60 -37.04 41.99
C GLY A 68 -31.43 -36.35 41.31
N SER A 69 -30.23 -36.91 41.44
CA SER A 69 -29.05 -36.33 40.81
C SER A 69 -28.95 -36.78 39.36
N GLN A 70 -27.98 -36.22 38.65
CA GLN A 70 -27.86 -36.47 37.23
C GLN A 70 -26.42 -36.68 36.76
N LEU A 71 -25.42 -36.38 37.58
CA LEU A 71 -24.02 -36.48 37.16
C LEU A 71 -23.16 -36.68 38.40
N VAL A 72 -22.40 -37.77 38.43
CA VAL A 72 -21.62 -38.16 39.61
C VAL A 72 -20.15 -38.21 39.25
N VAL A 73 -19.31 -37.56 40.04
CA VAL A 73 -17.88 -37.46 39.80
C VAL A 73 -17.13 -38.13 40.95
N PHE A 74 -16.24 -39.06 40.62
CA PHE A 74 -15.41 -39.79 41.56
C PHE A 74 -13.97 -39.27 41.54
N PRO A 75 -13.21 -39.38 42.65
CA PRO A 75 -11.88 -38.77 42.71
C PRO A 75 -10.82 -39.47 41.88
N GLU A 76 -9.59 -38.98 42.00
CA GLU A 76 -8.46 -39.52 41.24
C GLU A 76 -8.00 -40.84 41.85
N ALA A 77 -7.76 -41.83 40.98
CA ALA A 77 -7.19 -43.14 41.33
C ALA A 77 -8.07 -43.87 42.34
N PHE A 78 -9.36 -43.94 42.04
CA PHE A 78 -10.30 -44.51 42.98
C PHE A 78 -10.26 -46.02 43.00
N ILE A 79 -10.24 -46.67 41.84
CA ILE A 79 -10.27 -48.13 41.78
C ILE A 79 -8.91 -48.72 42.07
N GLY A 80 -7.86 -48.21 41.41
CA GLY A 80 -6.55 -48.80 41.58
C GLY A 80 -5.89 -48.50 42.91
N GLY A 81 -6.22 -47.36 43.51
CA GLY A 81 -5.60 -46.98 44.76
C GLY A 81 -4.39 -46.09 44.56
N TYR A 82 -4.24 -45.11 45.44
CA TYR A 82 -3.19 -44.10 45.31
C TYR A 82 -2.19 -44.27 46.45
N PRO A 83 -1.00 -44.81 46.20
CA PRO A 83 -0.07 -45.09 47.30
C PRO A 83 0.53 -43.83 47.89
N ARG A 84 0.08 -43.43 49.06
CA ARG A 84 0.53 -42.20 49.67
C ARG A 84 1.63 -42.49 50.67
N GLY A 85 2.70 -41.71 50.62
CA GLY A 85 3.78 -41.81 51.58
C GLY A 85 4.84 -42.85 51.26
N SER A 86 4.53 -43.83 50.44
CA SER A 86 5.49 -44.88 50.12
C SER A 86 6.55 -44.34 49.17
N THR A 87 7.79 -44.84 49.31
CA THR A 87 8.90 -44.34 48.51
C THR A 87 9.50 -45.38 47.59
N PHE A 88 9.20 -46.67 47.78
CA PHE A 88 9.69 -47.84 47.05
C PHE A 88 11.20 -48.05 47.15
N GLU A 89 11.89 -47.27 48.00
CA GLU A 89 13.33 -47.33 48.22
C GLU A 89 14.13 -47.16 46.92
N LEU A 90 13.95 -46.00 46.29
CA LEU A 90 14.69 -45.64 45.08
C LEU A 90 15.66 -44.52 45.41
N ALA A 91 16.93 -44.85 45.61
CA ALA A 91 17.88 -43.81 45.98
C ALA A 91 18.39 -43.05 44.76
N ILE A 92 19.21 -43.71 43.94
CA ILE A 92 19.62 -43.12 42.68
C ILE A 92 19.61 -44.22 41.62
N GLY A 93 19.22 -45.42 42.04
CA GLY A 93 19.55 -46.62 41.29
C GLY A 93 20.19 -47.67 42.17
N SER A 94 19.88 -47.63 43.46
CA SER A 94 20.31 -48.70 44.36
C SER A 94 19.47 -49.95 44.15
N ARG A 95 18.14 -49.80 44.15
CA ARG A 95 17.16 -50.86 43.86
C ARG A 95 17.29 -52.03 44.83
N THR A 96 16.92 -51.76 46.08
CA THR A 96 16.90 -52.79 47.11
C THR A 96 15.79 -53.80 46.82
N ALA A 97 15.86 -54.94 47.52
CA ALA A 97 14.93 -56.04 47.29
C ALA A 97 13.51 -55.72 47.72
N LYS A 98 13.33 -54.86 48.72
CA LYS A 98 11.99 -54.47 49.16
C LYS A 98 11.54 -53.18 48.44
N GLY A 99 11.62 -53.21 47.13
CA GLY A 99 10.84 -52.30 46.31
C GLY A 99 10.14 -53.09 45.23
N ARG A 100 10.71 -54.25 44.91
CA ARG A 100 10.21 -55.07 43.82
C ARG A 100 8.93 -55.79 44.23
N ASP A 101 8.92 -56.35 45.44
CA ASP A 101 7.74 -57.03 45.94
C ASP A 101 6.62 -56.04 46.23
N ASP A 102 6.98 -54.84 46.67
CA ASP A 102 6.01 -53.77 46.85
C ASP A 102 5.40 -53.35 45.51
N PHE A 103 6.22 -53.30 44.45
CA PHE A 103 5.70 -52.95 43.15
C PHE A 103 4.81 -54.04 42.56
N ARG A 104 5.15 -55.32 42.78
CA ARG A 104 4.29 -56.35 42.21
C ARG A 104 2.98 -56.50 43.00
N LYS A 105 3.01 -56.23 44.31
CA LYS A 105 1.77 -56.22 45.08
C LYS A 105 0.89 -55.04 44.69
N TYR A 106 1.49 -53.95 44.23
CA TYR A 106 0.68 -52.85 43.70
C TYR A 106 0.23 -53.11 42.27
N HIS A 107 1.03 -53.84 41.50
CA HIS A 107 0.68 -54.12 40.11
C HIS A 107 -0.44 -55.14 40.00
N ALA A 108 -0.52 -56.07 40.94
CA ALA A 108 -1.56 -57.10 40.87
C ALA A 108 -2.94 -56.60 41.27
N SER A 109 -3.10 -55.32 41.59
CA SER A 109 -4.38 -54.74 41.97
C SER A 109 -4.81 -53.63 41.03
N ALA A 110 -4.59 -53.82 39.73
CA ALA A 110 -5.02 -52.87 38.71
C ALA A 110 -5.96 -53.56 37.73
N ILE A 111 -6.66 -52.76 36.93
CA ILE A 111 -7.65 -53.30 36.00
C ILE A 111 -7.16 -53.08 34.59
N ASP A 112 -7.94 -53.52 33.61
CA ASP A 112 -7.61 -53.33 32.20
C ASP A 112 -8.87 -53.13 31.39
N VAL A 113 -8.81 -52.21 30.44
CA VAL A 113 -9.99 -51.85 29.65
C VAL A 113 -9.81 -52.32 28.20
N PRO A 114 -10.87 -52.77 27.52
CA PRO A 114 -12.15 -53.15 28.10
C PRO A 114 -12.07 -54.55 28.70
N GLY A 115 -12.73 -54.77 29.83
CA GLY A 115 -12.67 -56.04 30.51
C GLY A 115 -13.84 -56.27 31.43
N PRO A 116 -13.67 -57.16 32.42
CA PRO A 116 -14.79 -57.49 33.32
C PRO A 116 -15.09 -56.41 34.34
N GLU A 117 -14.19 -55.43 34.54
CA GLU A 117 -14.42 -54.39 35.53
C GLU A 117 -15.13 -53.17 34.96
N VAL A 118 -15.20 -53.02 33.65
CA VAL A 118 -15.98 -51.93 33.05
C VAL A 118 -17.37 -52.39 32.63
N GLU A 119 -17.57 -53.69 32.40
CA GLU A 119 -18.92 -54.19 32.13
C GLU A 119 -19.83 -54.03 33.34
N ARG A 120 -19.28 -54.22 34.54
CA ARG A 120 -20.07 -54.03 35.75
C ARG A 120 -20.38 -52.56 35.98
N LEU A 121 -19.47 -51.66 35.61
CA LEU A 121 -19.77 -50.23 35.75
C LEU A 121 -20.78 -49.76 34.71
N ALA A 122 -20.73 -50.33 33.51
CA ALA A 122 -21.75 -50.04 32.51
C ALA A 122 -23.11 -50.56 32.94
N LEU A 123 -23.15 -51.75 33.54
CA LEU A 123 -24.40 -52.28 34.07
C LEU A 123 -24.87 -51.49 35.29
N MET A 124 -23.94 -50.88 36.02
CA MET A 124 -24.30 -50.02 37.15
C MET A 124 -24.97 -48.74 36.67
N ALA A 125 -24.39 -48.08 35.67
CA ALA A 125 -24.98 -46.86 35.15
C ALA A 125 -26.14 -47.11 34.21
N LYS A 126 -26.37 -48.37 33.81
CA LYS A 126 -27.45 -48.70 32.89
C LYS A 126 -28.79 -48.88 33.59
N LYS A 127 -28.78 -49.11 34.91
CA LYS A 127 -30.01 -49.39 35.65
C LYS A 127 -30.96 -48.20 35.65
N TYR A 128 -30.43 -46.99 35.83
CA TYR A 128 -31.26 -45.80 35.76
C TYR A 128 -30.50 -44.73 34.98
N LYS A 129 -31.02 -43.51 34.97
CA LYS A 129 -30.47 -42.43 34.15
C LYS A 129 -29.49 -41.60 34.99
N VAL A 130 -28.21 -41.74 34.71
CA VAL A 130 -27.16 -40.91 35.30
C VAL A 130 -25.94 -40.98 34.39
N TYR A 131 -25.19 -39.87 34.33
CA TYR A 131 -23.91 -39.84 33.65
C TYR A 131 -22.82 -40.13 34.67
N LEU A 132 -21.78 -40.83 34.25
CA LEU A 132 -20.80 -41.37 35.18
C LEU A 132 -19.41 -41.10 34.65
N VAL A 133 -18.58 -40.44 35.45
CA VAL A 133 -17.15 -40.41 35.22
C VAL A 133 -16.50 -41.17 36.37
N MET A 134 -15.28 -41.63 36.14
CA MET A 134 -14.63 -42.51 37.12
C MET A 134 -13.13 -42.46 36.91
N GLY A 135 -12.38 -42.26 37.99
CA GLY A 135 -10.93 -42.25 37.92
C GLY A 135 -10.32 -43.59 38.31
N VAL A 136 -9.86 -44.35 37.31
CA VAL A 136 -9.35 -45.69 37.55
C VAL A 136 -7.86 -45.71 37.28
N ILE A 137 -7.23 -46.86 37.49
CA ILE A 137 -5.85 -47.10 37.08
C ILE A 137 -5.82 -48.35 36.23
N GLU A 138 -5.39 -48.22 34.99
CA GLU A 138 -5.39 -49.30 34.04
C GLU A 138 -3.98 -49.86 33.84
N ARG A 139 -3.90 -51.06 33.30
CA ARG A 139 -2.64 -51.66 32.94
C ARG A 139 -2.62 -51.91 31.44
N GLU A 140 -1.42 -51.90 30.86
CA GLU A 140 -1.25 -52.27 29.45
C GLU A 140 0.16 -52.85 29.32
N GLY A 141 0.26 -54.17 29.46
CA GLY A 141 1.52 -54.88 29.34
C GLY A 141 2.58 -54.46 30.32
N TYR A 142 2.34 -54.72 31.61
CA TYR A 142 3.24 -54.39 32.72
C TYR A 142 3.55 -52.90 32.82
N THR A 143 2.59 -52.05 32.46
CA THR A 143 2.68 -50.62 32.68
C THR A 143 1.48 -50.17 33.51
N LEU A 144 1.47 -48.90 33.89
CA LEU A 144 0.37 -48.34 34.65
C LEU A 144 0.04 -46.96 34.10
N TYR A 145 -1.18 -46.78 33.61
CA TYR A 145 -1.65 -45.49 33.13
C TYR A 145 -2.76 -45.01 34.03
N CYS A 146 -2.66 -43.78 34.52
CA CYS A 146 -3.65 -43.20 35.41
C CYS A 146 -4.70 -42.49 34.57
N THR A 147 -5.68 -43.26 34.09
CA THR A 147 -6.68 -42.75 33.17
C THR A 147 -7.96 -42.37 33.90
N VAL A 148 -8.93 -41.92 33.12
CA VAL A 148 -10.26 -41.56 33.61
C VAL A 148 -11.27 -42.04 32.58
N LEU A 149 -12.46 -42.44 33.01
CA LEU A 149 -13.43 -43.08 32.14
C LEU A 149 -14.70 -42.23 32.04
N PHE A 150 -15.53 -42.56 31.06
CA PHE A 150 -16.76 -41.81 30.79
C PHE A 150 -17.87 -42.79 30.43
N PHE A 151 -19.06 -42.57 30.97
CA PHE A 151 -20.21 -43.40 30.71
C PHE A 151 -21.46 -42.56 30.60
N ASP A 152 -22.34 -42.93 29.67
CA ASP A 152 -23.57 -42.20 29.44
C ASP A 152 -24.73 -42.86 30.19
N SER A 153 -25.95 -42.42 29.90
CA SER A 153 -27.15 -42.91 30.56
C SER A 153 -27.66 -44.22 29.98
N GLN A 154 -27.12 -44.67 28.85
CA GLN A 154 -27.60 -45.88 28.19
C GLN A 154 -26.63 -47.04 28.31
N GLY A 155 -25.62 -46.93 29.17
CA GLY A 155 -24.69 -48.01 29.38
C GLY A 155 -23.65 -48.19 28.30
N LEU A 156 -23.40 -47.16 27.48
CA LEU A 156 -22.37 -47.22 26.47
C LEU A 156 -21.03 -46.78 27.06
N PHE A 157 -19.97 -47.04 26.30
CA PHE A 157 -18.62 -46.65 26.69
C PHE A 157 -18.15 -45.58 25.71
N LEU A 158 -18.12 -44.34 26.18
CA LEU A 158 -17.79 -43.21 25.31
C LEU A 158 -16.29 -43.21 24.97
N GLY A 159 -15.44 -43.16 25.98
CA GLY A 159 -14.01 -43.17 25.74
C GLY A 159 -13.25 -43.01 27.03
N LYS A 160 -12.03 -42.51 26.92
CA LYS A 160 -11.16 -42.36 28.07
C LYS A 160 -10.13 -41.27 27.81
N HIS A 161 -9.60 -40.72 28.90
CA HIS A 161 -8.59 -39.66 28.83
C HIS A 161 -7.42 -40.04 29.74
N ARG A 162 -6.33 -40.50 29.14
CA ARG A 162 -5.13 -40.79 29.90
C ARG A 162 -4.47 -39.51 30.39
N LYS A 163 -3.51 -39.66 31.30
CA LYS A 163 -2.80 -38.51 31.85
C LYS A 163 -1.62 -38.17 30.95
N LEU A 164 -1.42 -36.87 30.73
CA LEU A 164 -0.37 -36.42 29.82
C LEU A 164 1.01 -36.65 30.42
N MET A 165 1.27 -36.06 31.58
CA MET A 165 2.55 -36.29 32.22
C MET A 165 2.41 -36.36 33.73
N PRO A 166 2.90 -37.43 34.38
CA PRO A 166 2.87 -37.49 35.84
C PRO A 166 3.86 -36.51 36.45
N THR A 167 3.65 -36.20 37.73
CA THR A 167 4.17 -34.94 38.24
C THR A 167 5.65 -35.01 38.64
N ALA A 168 5.96 -35.63 39.76
CA ALA A 168 7.35 -35.66 40.20
C ALA A 168 7.88 -37.07 40.43
N LEU A 169 7.27 -37.85 41.32
CA LEU A 169 7.75 -39.17 41.64
C LEU A 169 6.94 -40.26 40.96
N GLU A 170 5.75 -39.92 40.47
CA GLU A 170 4.91 -40.84 39.72
C GLU A 170 5.49 -41.17 38.35
N ARG A 171 6.51 -40.43 37.89
CA ARG A 171 7.23 -40.78 36.68
C ARG A 171 7.94 -42.11 36.80
N CYS A 172 8.29 -42.52 38.02
CA CYS A 172 9.03 -43.76 38.23
C CYS A 172 8.14 -44.98 38.00
N ILE A 173 6.84 -44.86 38.25
CA ILE A 173 5.94 -46.00 38.24
C ILE A 173 4.85 -45.92 37.16
N TRP A 174 4.56 -44.74 36.63
CA TRP A 174 3.48 -44.59 35.66
C TRP A 174 4.04 -44.23 34.30
N GLY A 175 3.12 -44.06 33.34
CA GLY A 175 3.48 -43.83 31.96
C GLY A 175 2.89 -42.55 31.42
N PHE A 176 3.31 -42.21 30.20
CA PHE A 176 2.94 -40.96 29.57
C PHE A 176 1.84 -41.18 28.55
N GLY A 177 0.91 -40.25 28.47
CA GLY A 177 -0.15 -40.33 27.50
C GLY A 177 0.22 -39.63 26.21
N ASP A 178 -0.51 -39.91 25.14
CA ASP A 178 -0.23 -39.31 23.84
C ASP A 178 -1.23 -38.19 23.56
N GLY A 179 -1.15 -37.65 22.35
CA GLY A 179 -2.00 -36.53 21.99
C GLY A 179 -3.39 -36.91 21.55
N SER A 180 -3.60 -38.13 21.07
CA SER A 180 -4.87 -38.54 20.49
C SER A 180 -5.84 -39.04 21.55
N THR A 181 -6.02 -38.26 22.62
CA THR A 181 -6.83 -38.72 23.74
C THR A 181 -7.79 -37.66 24.28
N ILE A 182 -7.52 -36.38 24.07
CA ILE A 182 -8.29 -35.24 24.59
C ILE A 182 -9.71 -35.26 24.04
N PRO A 183 -10.73 -35.41 24.88
CA PRO A 183 -12.10 -35.64 24.38
C PRO A 183 -12.97 -34.40 24.26
N VAL A 184 -14.06 -34.52 23.49
CA VAL A 184 -15.12 -33.52 23.44
C VAL A 184 -16.34 -34.00 24.23
N PHE A 185 -16.94 -35.12 23.79
CA PHE A 185 -18.01 -35.86 24.47
C PHE A 185 -19.24 -34.97 24.69
N ASP A 186 -19.85 -34.59 23.57
CA ASP A 186 -21.09 -33.83 23.63
C ASP A 186 -22.25 -34.71 24.10
N THR A 187 -23.02 -34.19 25.04
CA THR A 187 -24.16 -34.85 25.64
C THR A 187 -25.38 -33.96 25.44
N PRO A 188 -26.61 -34.46 25.65
CA PRO A 188 -27.77 -33.56 25.62
C PRO A 188 -27.94 -32.68 26.85
N ILE A 189 -26.98 -32.65 27.77
CA ILE A 189 -26.96 -31.66 28.84
C ILE A 189 -25.78 -30.72 28.73
N GLY A 190 -24.99 -30.83 27.67
CA GLY A 190 -23.84 -29.98 27.46
C GLY A 190 -22.65 -30.79 27.02
N LYS A 191 -21.49 -30.15 27.04
CA LYS A 191 -20.23 -30.79 26.69
C LYS A 191 -19.36 -30.91 27.92
N ILE A 192 -18.88 -32.12 28.21
CA ILE A 192 -18.12 -32.38 29.43
C ILE A 192 -16.71 -32.81 29.06
N GLY A 193 -15.73 -32.33 29.81
CA GLY A 193 -14.35 -32.71 29.64
C GLY A 193 -13.73 -33.04 30.99
N ALA A 194 -12.43 -33.35 30.96
CA ALA A 194 -11.78 -33.72 32.21
C ALA A 194 -10.29 -33.40 32.13
N ALA A 195 -9.68 -33.34 33.31
CA ALA A 195 -8.24 -33.18 33.46
C ALA A 195 -7.89 -33.69 34.85
N ILE A 196 -6.61 -33.95 35.06
CA ILE A 196 -6.16 -34.65 36.26
C ILE A 196 -5.23 -33.67 36.98
N CYS A 197 -4.57 -34.12 38.05
CA CYS A 197 -4.01 -33.32 39.15
C CYS A 197 -3.27 -32.05 38.76
N TRP A 198 -2.15 -32.18 38.04
CA TRP A 198 -1.39 -31.02 37.61
C TRP A 198 -1.34 -30.85 36.10
N GLU A 199 -2.39 -31.29 35.41
CA GLU A 199 -2.59 -30.85 34.03
C GLU A 199 -3.35 -29.55 33.97
N ASN A 200 -3.99 -29.15 35.06
CA ASN A 200 -4.76 -27.92 35.12
C ASN A 200 -3.87 -26.68 35.27
N ARG A 201 -2.56 -26.86 35.44
CA ARG A 201 -1.66 -25.73 35.53
C ARG A 201 -1.00 -25.38 34.21
N MET A 202 -1.06 -26.25 33.22
CA MET A 202 -0.53 -25.94 31.90
C MET A 202 -1.41 -24.88 31.26
N PRO A 203 -0.84 -23.89 30.58
CA PRO A 203 -1.70 -22.95 29.83
C PRO A 203 -2.12 -23.50 28.49
N SER A 204 -1.28 -24.28 27.82
CA SER A 204 -1.58 -24.76 26.48
C SER A 204 -2.68 -25.82 26.48
N LEU A 205 -2.71 -26.68 27.49
CA LEU A 205 -3.77 -27.69 27.54
C LEU A 205 -5.12 -27.06 27.84
N ARG A 206 -5.14 -26.01 28.66
CA ARG A 206 -6.41 -25.36 28.95
C ARG A 206 -6.91 -24.56 27.75
N THR A 207 -6.01 -23.91 27.01
CA THR A 207 -6.48 -23.25 25.80
C THR A 207 -6.67 -24.21 24.63
N ALA A 208 -6.32 -25.48 24.79
CA ALA A 208 -6.78 -26.51 23.87
C ALA A 208 -8.13 -27.11 24.28
N MET A 209 -8.44 -27.09 25.57
CA MET A 209 -9.77 -27.49 26.01
C MET A 209 -10.80 -26.42 25.66
N TYR A 210 -10.42 -25.14 25.76
CA TYR A 210 -11.36 -24.06 25.55
C TYR A 210 -11.79 -23.95 24.09
N ALA A 211 -10.92 -24.37 23.16
CA ALA A 211 -11.23 -24.26 21.74
C ALA A 211 -12.22 -25.31 21.26
N LYS A 212 -12.50 -26.33 22.07
CA LYS A 212 -13.46 -27.36 21.71
C LYS A 212 -14.84 -27.10 22.31
N GLY A 213 -14.97 -26.14 23.21
CA GLY A 213 -16.27 -25.77 23.74
C GLY A 213 -16.66 -26.46 25.02
N ILE A 214 -15.78 -26.44 26.02
CA ILE A 214 -16.07 -27.07 27.29
C ILE A 214 -16.85 -26.09 28.16
N GLU A 215 -17.97 -26.54 28.75
CA GLU A 215 -18.67 -25.76 29.75
C GLU A 215 -18.97 -26.50 31.04
N ILE A 216 -18.62 -27.78 31.13
CA ILE A 216 -18.63 -28.51 32.41
C ILE A 216 -17.29 -29.22 32.50
N TYR A 217 -16.44 -28.75 33.42
CA TYR A 217 -15.01 -29.05 33.39
C TYR A 217 -14.63 -29.79 34.67
N CYS A 218 -14.76 -31.12 34.64
CA CYS A 218 -14.40 -31.95 35.79
C CYS A 218 -12.89 -31.97 35.97
N ALA A 219 -12.46 -32.06 37.23
CA ALA A 219 -11.03 -32.08 37.54
C ALA A 219 -10.79 -32.77 38.87
N PRO A 220 -10.59 -34.09 38.85
CA PRO A 220 -10.14 -34.79 40.06
C PRO A 220 -8.70 -34.43 40.40
N THR A 221 -8.33 -34.66 41.64
CA THR A 221 -6.98 -34.37 42.10
C THR A 221 -6.65 -35.24 43.30
N ALA A 222 -5.42 -35.08 43.80
CA ALA A 222 -4.97 -35.83 44.96
C ALA A 222 -4.14 -34.96 45.91
N ASP A 223 -4.53 -33.70 46.09
CA ASP A 223 -3.87 -32.82 47.05
C ASP A 223 -4.90 -31.99 47.79
N SER A 224 -4.48 -31.42 48.93
CA SER A 224 -5.36 -30.66 49.81
C SER A 224 -4.59 -29.47 50.38
N ARG A 225 -4.67 -28.34 49.72
CA ARG A 225 -4.06 -27.11 50.20
C ARG A 225 -5.04 -25.95 50.04
N GLU A 226 -4.68 -24.80 50.62
CA GLU A 226 -5.38 -23.57 50.30
C GLU A 226 -5.09 -23.12 48.88
N THR A 227 -3.94 -23.52 48.34
CA THR A 227 -3.53 -23.34 46.95
C THR A 227 -4.59 -23.76 45.93
N TRP A 228 -5.28 -24.88 46.19
CA TRP A 228 -6.09 -25.51 45.15
C TRP A 228 -7.37 -24.74 44.86
N LEU A 229 -7.98 -24.15 45.89
CA LEU A 229 -9.19 -23.35 45.67
C LEU A 229 -8.87 -22.08 44.90
N ALA A 230 -7.76 -21.41 45.25
CA ALA A 230 -7.32 -20.24 44.50
C ALA A 230 -6.83 -20.59 43.11
N SER A 231 -6.42 -21.83 42.86
CA SER A 231 -6.02 -22.20 41.52
C SER A 231 -7.21 -22.64 40.67
N MET A 232 -8.32 -23.03 41.29
CA MET A 232 -9.51 -23.34 40.50
C MET A 232 -10.39 -22.12 40.22
N THR A 233 -10.34 -21.10 41.07
CA THR A 233 -11.11 -19.87 40.80
C THR A 233 -10.62 -19.20 39.52
N HIS A 234 -9.32 -19.27 39.25
CA HIS A 234 -8.77 -18.68 38.03
C HIS A 234 -9.24 -19.42 36.79
N ILE A 235 -9.36 -20.75 36.86
CA ILE A 235 -9.85 -21.51 35.71
C ILE A 235 -11.33 -21.25 35.48
N ALA A 236 -12.11 -21.16 36.57
CA ALA A 236 -13.54 -20.87 36.44
C ALA A 236 -13.78 -19.46 35.92
N LEU A 237 -12.85 -18.53 36.13
CA LEU A 237 -13.01 -17.19 35.57
C LEU A 237 -12.48 -17.08 34.14
N GLU A 238 -11.34 -17.70 33.87
CA GLU A 238 -10.74 -17.67 32.53
C GLU A 238 -11.58 -18.44 31.52
N GLY A 239 -12.40 -19.38 31.98
CA GLY A 239 -13.20 -20.22 31.12
C GLY A 239 -14.60 -19.65 31.00
N GLY A 240 -15.52 -20.15 31.81
CA GLY A 240 -16.93 -19.92 31.61
C GLY A 240 -17.62 -21.23 31.92
N CYS A 241 -16.82 -22.16 32.42
CA CYS A 241 -17.22 -23.53 32.70
C CYS A 241 -17.41 -23.74 34.21
N PHE A 242 -18.38 -24.57 34.55
CA PHE A 242 -18.65 -24.96 35.92
C PHE A 242 -17.58 -25.92 36.38
N VAL A 243 -16.56 -25.40 37.06
CA VAL A 243 -15.46 -26.23 37.54
C VAL A 243 -15.95 -27.11 38.68
N LEU A 244 -15.74 -28.41 38.56
CA LEU A 244 -16.36 -29.41 39.44
C LEU A 244 -15.27 -30.38 39.88
N SER A 245 -14.60 -30.05 40.97
CA SER A 245 -13.45 -30.82 41.44
C SER A 245 -13.90 -31.90 42.42
N ALA A 246 -12.97 -32.81 42.72
CA ALA A 246 -13.25 -33.93 43.62
C ALA A 246 -11.94 -34.41 44.21
N ASN A 247 -11.93 -34.66 45.52
CA ASN A 247 -10.77 -35.20 46.20
C ASN A 247 -11.24 -36.20 47.24
N GLN A 248 -10.33 -37.05 47.70
CA GLN A 248 -10.68 -38.12 48.62
C GLN A 248 -10.22 -37.79 50.04
N PHE A 249 -10.75 -38.56 51.00
CA PHE A 249 -10.55 -38.32 52.42
C PHE A 249 -10.26 -39.65 53.10
N CYS A 250 -9.04 -39.82 53.61
CA CYS A 250 -8.62 -41.08 54.19
C CYS A 250 -7.85 -40.83 55.49
N ARG A 251 -7.68 -41.89 56.26
CA ARG A 251 -6.94 -41.83 57.53
C ARG A 251 -5.96 -42.99 57.64
N VAL A 276 -3.12 -36.55 57.31
CA VAL A 276 -4.21 -37.43 56.91
C VAL A 276 -4.70 -37.04 55.51
N CYS A 277 -4.28 -35.85 55.06
CA CYS A 277 -4.60 -35.29 53.74
C CYS A 277 -6.11 -35.16 53.53
N ALA A 278 -6.71 -34.29 54.35
CA ALA A 278 -8.15 -34.04 54.32
C ALA A 278 -8.49 -33.21 53.08
N GLY A 279 -8.85 -33.91 52.01
CA GLY A 279 -9.18 -33.24 50.76
C GLY A 279 -10.51 -32.52 50.82
N GLY A 280 -10.60 -31.43 50.07
CA GLY A 280 -11.82 -30.67 50.01
C GLY A 280 -12.32 -30.42 48.60
N SER A 281 -13.46 -31.00 48.25
CA SER A 281 -14.07 -30.82 46.94
C SER A 281 -15.07 -29.68 46.98
N SER A 282 -15.38 -29.14 45.80
CA SER A 282 -16.26 -27.99 45.70
C SER A 282 -16.88 -27.94 44.31
N ILE A 283 -17.55 -26.84 44.03
CA ILE A 283 -18.14 -26.53 42.72
C ILE A 283 -18.24 -25.01 42.60
N ILE A 284 -17.77 -24.47 41.48
CA ILE A 284 -17.58 -23.02 41.35
C ILE A 284 -18.35 -22.53 40.13
N SER A 285 -19.16 -21.48 40.33
CA SER A 285 -19.86 -20.79 39.26
C SER A 285 -18.85 -20.11 38.33
N PRO A 286 -19.22 -19.88 37.07
CA PRO A 286 -18.31 -19.16 36.16
C PRO A 286 -18.25 -17.64 36.37
N LEU A 287 -18.77 -17.13 37.48
CA LEU A 287 -18.50 -15.76 37.89
C LEU A 287 -17.55 -15.69 39.08
N GLY A 288 -17.12 -16.83 39.60
CA GLY A 288 -16.27 -16.85 40.78
C GLY A 288 -17.01 -16.98 42.10
N ILE A 289 -18.15 -17.65 42.10
CA ILE A 289 -19.00 -17.76 43.28
C ILE A 289 -19.07 -19.23 43.66
N VAL A 290 -18.54 -19.57 44.84
CA VAL A 290 -18.51 -20.95 45.29
C VAL A 290 -19.92 -21.36 45.72
N LEU A 291 -20.49 -22.36 45.05
CA LEU A 291 -21.82 -22.84 45.42
C LEU A 291 -21.77 -23.69 46.68
N ALA A 292 -20.93 -24.74 46.68
CA ALA A 292 -20.79 -25.61 47.83
C ALA A 292 -19.33 -25.56 48.29
N GLY A 293 -19.13 -25.32 49.59
CA GLY A 293 -17.83 -24.93 50.09
C GLY A 293 -16.85 -26.09 50.16
N PRO A 294 -15.62 -25.75 50.55
CA PRO A 294 -14.57 -26.78 50.67
C PRO A 294 -14.75 -27.63 51.90
N ASN A 295 -15.52 -28.72 51.78
CA ASN A 295 -15.89 -29.54 52.93
C ASN A 295 -14.70 -30.31 53.47
N TYR A 296 -14.01 -29.75 54.47
CA TYR A 296 -12.94 -30.44 55.17
C TYR A 296 -13.44 -31.28 56.34
N ARG A 297 -14.75 -31.30 56.57
CA ARG A 297 -15.35 -31.90 57.76
C ARG A 297 -15.75 -33.33 57.44
N GLY A 298 -14.78 -34.23 57.46
CA GLY A 298 -15.02 -35.63 57.17
C GLY A 298 -15.36 -35.88 55.71
N GLU A 299 -15.87 -37.07 55.45
CA GLU A 299 -16.31 -37.45 54.12
C GLU A 299 -17.83 -37.41 54.05
N ALA A 300 -18.36 -36.96 52.92
CA ALA A 300 -19.79 -36.77 52.75
C ALA A 300 -20.10 -36.68 51.27
N LEU A 301 -21.37 -36.41 50.97
CA LEU A 301 -21.81 -36.14 49.60
C LEU A 301 -22.04 -34.65 49.47
N ILE A 302 -21.74 -34.11 48.30
CA ILE A 302 -21.87 -32.68 48.02
C ILE A 302 -22.68 -32.51 46.75
N THR A 303 -23.76 -31.74 46.83
CA THR A 303 -24.65 -31.54 45.69
C THR A 303 -24.95 -30.05 45.50
N ALA A 304 -25.25 -29.70 44.26
CA ALA A 304 -25.67 -28.36 43.87
C ALA A 304 -26.32 -28.47 42.50
N ASP A 305 -27.00 -27.40 42.09
CA ASP A 305 -27.63 -27.35 40.78
C ASP A 305 -26.85 -26.42 39.84
N LEU A 306 -27.03 -26.63 38.55
CA LEU A 306 -26.25 -25.94 37.52
C LEU A 306 -27.21 -25.24 36.56
N ASP A 307 -27.08 -23.92 36.47
CA ASP A 307 -27.88 -23.14 35.52
C ASP A 307 -27.07 -22.95 34.24
N LEU A 308 -27.49 -23.59 33.15
CA LEU A 308 -26.76 -23.49 31.89
C LEU A 308 -26.97 -22.15 31.19
N GLY A 309 -27.86 -21.31 31.67
CA GLY A 309 -27.98 -19.96 31.18
C GLY A 309 -27.05 -18.97 31.85
N ASP A 310 -26.20 -19.44 32.77
CA ASP A 310 -25.23 -18.60 33.45
C ASP A 310 -23.87 -18.65 32.77
N ILE A 311 -23.84 -19.00 31.48
CA ILE A 311 -22.60 -19.02 30.70
C ILE A 311 -22.64 -17.98 29.60
N ALA A 312 -23.75 -17.89 28.87
CA ALA A 312 -23.90 -16.85 27.85
C ALA A 312 -24.05 -15.47 28.47
N ARG A 313 -24.42 -15.38 29.74
CA ARG A 313 -24.37 -14.12 30.45
C ARG A 313 -23.02 -13.90 31.12
N ALA A 314 -22.18 -14.92 31.20
CA ALA A 314 -20.87 -14.79 31.81
C ALA A 314 -19.77 -14.50 30.80
N LYS A 315 -19.99 -14.85 29.53
CA LYS A 315 -19.02 -14.58 28.47
C LYS A 315 -19.31 -13.27 27.76
N PHE A 316 -19.91 -12.32 28.45
CA PHE A 316 -20.09 -10.97 27.92
C PHE A 316 -18.86 -10.11 28.18
N ASP A 317 -18.16 -10.36 29.28
CA ASP A 317 -16.98 -9.57 29.62
C ASP A 317 -15.73 -10.07 28.89
N PHE A 318 -15.33 -11.31 29.17
CA PHE A 318 -13.99 -11.74 28.83
C PHE A 318 -13.92 -12.39 27.46
N ASP A 319 -14.57 -13.54 27.31
CA ASP A 319 -14.71 -14.27 26.04
C ASP A 319 -13.35 -14.64 25.45
N VAL A 320 -12.75 -15.70 25.98
CA VAL A 320 -11.60 -16.43 25.42
C VAL A 320 -12.02 -17.12 24.11
N VAL A 321 -11.17 -17.95 23.50
CA VAL A 321 -10.71 -18.00 22.11
C VAL A 321 -11.52 -17.28 21.01
N GLY A 322 -12.82 -17.03 21.21
CA GLY A 322 -13.41 -15.86 20.57
C GLY A 322 -13.00 -14.59 21.30
N HIS A 323 -13.73 -13.48 21.15
CA HIS A 323 -13.26 -12.32 20.38
C HIS A 323 -12.00 -11.64 20.95
N TYR A 324 -11.48 -12.07 22.10
CA TYR A 324 -10.09 -11.87 22.48
C TYR A 324 -9.16 -12.83 21.76
N SER A 325 -7.93 -12.95 22.28
CA SER A 325 -6.91 -13.89 21.81
C SER A 325 -6.60 -13.64 20.33
N ARG A 326 -6.02 -12.46 20.08
CA ARG A 326 -5.71 -11.89 18.78
C ARG A 326 -5.04 -12.89 17.85
N PRO A 327 -5.73 -13.35 16.80
CA PRO A 327 -5.12 -14.32 15.90
C PRO A 327 -4.05 -13.72 15.01
N GLU A 328 -3.95 -12.40 14.95
CA GLU A 328 -2.95 -11.75 14.12
C GLU A 328 -1.56 -11.74 14.76
N VAL A 329 -1.43 -12.13 16.03
CA VAL A 329 -0.14 -12.21 16.69
C VAL A 329 0.12 -13.59 17.28
N PHE A 330 -0.85 -14.20 17.94
CA PHE A 330 -0.71 -15.53 18.51
C PHE A 330 -1.34 -16.56 17.59
N SER A 331 -0.82 -17.79 17.64
CA SER A 331 -1.38 -18.90 16.88
C SER A 331 -0.89 -20.19 17.51
N LEU A 332 -1.78 -21.16 17.69
CA LEU A 332 -1.44 -22.43 18.32
C LEU A 332 -1.80 -23.56 17.37
N ASN A 333 -1.07 -24.68 17.47
CA ASN A 333 -1.45 -25.87 16.74
C ASN A 333 -1.08 -27.11 17.53
N ILE A 334 -2.06 -28.01 17.64
CA ILE A 334 -1.94 -29.25 18.42
C ILE A 334 -1.81 -30.41 17.45
N ARG A 335 -0.75 -31.20 17.62
CA ARG A 335 -0.53 -32.38 16.80
C ARG A 335 -1.16 -33.57 17.51
N GLU A 336 -2.21 -34.12 16.93
CA GLU A 336 -3.03 -35.13 17.57
C GLU A 336 -2.98 -36.42 16.73
N HIS A 337 -1.94 -37.22 16.97
CA HIS A 337 -1.72 -38.44 16.20
C HIS A 337 -1.69 -39.66 17.11
N PRO A 338 -2.28 -40.77 16.70
CA PRO A 338 -2.17 -41.99 17.49
C PRO A 338 -0.87 -42.72 17.23
N ARG A 339 0.22 -42.32 17.90
CA ARG A 339 1.53 -42.90 17.62
C ARG A 339 1.78 -44.07 18.56
N LYS A 340 2.25 -45.18 17.97
CA LYS A 340 2.53 -46.41 18.69
C LYS A 340 3.85 -46.96 18.18
N ALA A 341 4.53 -47.76 19.00
CA ALA A 341 5.89 -48.19 18.65
C ALA A 341 5.89 -49.21 17.53
N VAL A 342 5.21 -50.34 17.72
CA VAL A 342 5.21 -51.44 16.75
C VAL A 342 3.82 -51.56 16.14
N SER A 343 3.76 -51.54 14.81
CA SER A 343 2.49 -51.54 14.08
C SER A 343 2.47 -52.69 13.10
N PHE A 344 1.76 -53.76 13.44
CA PHE A 344 1.63 -54.89 12.52
C PHE A 344 0.60 -54.56 11.45
N LYS A 345 0.92 -54.94 10.22
CA LYS A 345 0.00 -54.80 9.10
C LYS A 345 -0.07 -56.10 8.32
N THR A 346 -1.30 -56.56 8.06
CA THR A 346 -1.54 -57.82 7.37
C THR A 346 -2.47 -57.62 6.19
N SER A 347 -2.94 -58.73 5.61
CA SER A 347 -3.90 -58.68 4.52
C SER A 347 -4.79 -59.92 4.53
N ILE B 35 19.75 -10.46 46.66
CA ILE B 35 18.54 -10.07 47.38
C ILE B 35 18.24 -8.60 47.15
N VAL B 36 17.07 -8.33 46.58
CA VAL B 36 16.61 -6.97 46.36
C VAL B 36 15.36 -6.73 47.21
N ARG B 37 14.88 -5.50 47.19
CA ARG B 37 13.62 -5.17 47.85
C ARG B 37 12.88 -4.14 47.02
N ALA B 38 11.57 -4.27 46.96
CA ALA B 38 10.76 -3.49 46.03
C ALA B 38 9.52 -2.96 46.74
N THR B 39 8.99 -1.85 46.23
CA THR B 39 7.82 -1.21 46.80
C THR B 39 6.75 -1.02 45.73
N VAL B 40 5.49 -1.00 46.18
CA VAL B 40 4.37 -0.56 45.37
C VAL B 40 3.69 0.59 46.10
N VAL B 41 3.00 1.43 45.34
CA VAL B 41 2.28 2.56 45.91
C VAL B 41 0.79 2.34 45.66
N GLN B 42 -0.02 3.16 46.31
CA GLN B 42 -1.47 2.98 46.24
C GLN B 42 -2.17 4.34 46.12
N ALA B 43 -1.43 5.38 45.79
CA ALA B 43 -2.03 6.71 45.75
C ALA B 43 -2.80 6.94 44.46
N SER B 44 -3.59 8.00 44.43
CA SER B 44 -4.42 8.32 43.29
C SER B 44 -3.98 9.65 42.70
N THR B 45 -4.41 9.89 41.47
CA THR B 45 -4.11 11.13 40.76
C THR B 45 -5.23 12.14 40.97
N VAL B 46 -4.93 13.40 40.63
CA VAL B 46 -5.93 14.45 40.71
C VAL B 46 -6.76 14.56 39.44
N PHE B 47 -6.48 13.71 38.44
CA PHE B 47 -7.31 13.39 37.27
C PHE B 47 -7.38 14.50 36.22
N TYR B 48 -6.93 15.70 36.57
CA TYR B 48 -6.87 16.84 35.68
C TYR B 48 -5.60 17.61 36.02
N ASP B 49 -5.17 18.44 35.08
CA ASP B 49 -3.99 19.31 35.21
C ASP B 49 -2.73 18.46 35.49
N THR B 50 -2.35 17.69 34.48
CA THR B 50 -1.25 16.73 34.55
C THR B 50 0.16 17.23 34.95
N PRO B 51 0.55 18.51 34.88
CA PRO B 51 1.77 18.90 35.59
C PRO B 51 1.62 19.02 37.10
N ALA B 52 0.40 18.98 37.63
CA ALA B 52 0.22 19.05 39.08
C ALA B 52 0.23 17.67 39.74
N THR B 53 -0.09 16.62 38.99
CA THR B 53 -0.02 15.26 39.49
C THR B 53 1.35 14.63 39.36
N LEU B 54 2.36 15.42 38.98
CA LEU B 54 3.69 14.92 38.77
C LEU B 54 4.61 15.18 39.97
N ASP B 55 4.22 16.10 40.85
CA ASP B 55 4.95 16.35 42.09
C ASP B 55 4.52 15.43 43.22
N LYS B 56 3.29 14.92 43.17
CA LYS B 56 2.90 13.82 44.05
C LYS B 56 3.80 12.62 43.84
N ALA B 57 4.11 12.33 42.57
CA ALA B 57 5.07 11.29 42.23
C ALA B 57 6.45 11.58 42.79
N GLU B 58 6.87 12.84 42.80
CA GLU B 58 8.16 13.23 43.37
C GLU B 58 8.22 13.00 44.87
N ARG B 59 7.19 13.45 45.61
CA ARG B 59 7.23 13.30 47.06
C ARG B 59 7.03 11.84 47.48
N LEU B 60 6.26 11.05 46.73
CA LEU B 60 6.16 9.63 47.01
C LEU B 60 7.46 8.89 46.67
N LEU B 61 8.14 9.32 45.61
CA LEU B 61 9.41 8.69 45.24
C LEU B 61 10.49 9.00 46.29
N SER B 62 10.47 10.20 46.87
CA SER B 62 11.41 10.51 47.93
C SER B 62 11.09 9.76 49.23
N GLU B 63 9.81 9.65 49.59
CA GLU B 63 9.45 8.88 50.77
C GLU B 63 9.70 7.38 50.59
N ALA B 64 9.66 6.89 49.35
CA ALA B 64 10.05 5.51 49.09
C ALA B 64 11.55 5.35 48.96
N ALA B 65 12.27 6.46 48.76
CA ALA B 65 13.72 6.42 48.73
C ALA B 65 14.33 6.35 50.12
N GLU B 66 13.70 6.97 51.11
CA GLU B 66 14.35 7.17 52.40
C GLU B 66 14.49 5.90 53.22
N ASN B 67 13.88 4.78 52.82
CA ASN B 67 14.06 3.51 53.53
C ASN B 67 14.87 2.49 52.73
N GLY B 68 15.66 2.94 51.76
CA GLY B 68 16.60 2.07 51.07
C GLY B 68 15.96 1.10 50.09
N SER B 69 14.97 1.53 49.33
CA SER B 69 14.31 0.68 48.37
C SER B 69 15.09 0.66 47.06
N GLN B 70 14.64 -0.20 46.14
CA GLN B 70 15.38 -0.40 44.91
C GLN B 70 14.50 -0.50 43.67
N LEU B 71 13.19 -0.63 43.81
CA LEU B 71 12.30 -0.82 42.67
C LEU B 71 10.91 -0.33 43.05
N VAL B 72 10.38 0.64 42.32
CA VAL B 72 9.11 1.30 42.65
C VAL B 72 8.12 1.07 41.52
N VAL B 73 6.92 0.61 41.85
CA VAL B 73 5.87 0.31 40.88
C VAL B 73 4.68 1.22 41.12
N PHE B 74 4.23 1.90 40.08
CA PHE B 74 3.09 2.80 40.10
C PHE B 74 1.88 2.16 39.42
N PRO B 75 0.64 2.53 39.81
CA PRO B 75 -0.55 1.83 39.28
C PRO B 75 -0.87 2.13 37.83
N GLU B 76 -1.99 1.59 37.36
CA GLU B 76 -2.43 1.75 35.99
C GLU B 76 -3.01 3.14 35.78
N ALA B 77 -2.62 3.78 34.67
CA ALA B 77 -3.15 5.07 34.21
C ALA B 77 -2.94 6.17 35.26
N PHE B 78 -1.71 6.27 35.73
CA PHE B 78 -1.42 7.19 36.83
C PHE B 78 -1.31 8.62 36.34
N ILE B 79 -0.62 8.86 35.24
CA ILE B 79 -0.41 10.24 34.77
C ILE B 79 -1.63 10.75 34.03
N GLY B 80 -2.16 9.96 33.09
CA GLY B 80 -3.27 10.43 32.29
C GLY B 80 -4.59 10.49 33.02
N GLY B 81 -4.78 9.63 34.02
CA GLY B 81 -6.03 9.60 34.74
C GLY B 81 -6.99 8.57 34.17
N TYR B 82 -7.72 7.90 35.05
CA TYR B 82 -8.60 6.81 34.67
C TYR B 82 -10.04 7.20 34.92
N PRO B 83 -10.82 7.53 33.88
CA PRO B 83 -12.17 8.03 34.10
C PRO B 83 -13.12 6.96 34.59
N ARG B 84 -13.47 6.99 35.87
CA ARG B 84 -14.30 5.96 36.47
C ARG B 84 -15.74 6.44 36.51
N GLY B 85 -16.66 5.57 36.10
CA GLY B 85 -18.07 5.85 36.19
C GLY B 85 -18.66 6.63 35.03
N SER B 86 -17.84 7.34 34.26
CA SER B 86 -18.35 8.14 33.15
C SER B 86 -18.71 7.23 31.99
N THR B 87 -19.75 7.62 31.24
CA THR B 87 -20.25 6.80 30.15
C THR B 87 -20.11 7.43 28.78
N PHE B 88 -19.86 8.74 28.71
CA PHE B 88 -19.72 9.56 27.50
C PHE B 88 -20.99 9.64 26.66
N GLU B 89 -22.12 9.10 27.16
CA GLU B 89 -23.42 9.07 26.49
C GLU B 89 -23.34 8.43 25.10
N LEU B 90 -22.95 7.16 25.07
CA LEU B 90 -22.89 6.38 23.83
C LEU B 90 -23.98 5.32 23.89
N ALA B 91 -25.10 5.56 23.21
CA ALA B 91 -26.19 4.59 23.28
C ALA B 91 -25.99 3.46 22.28
N ILE B 92 -26.13 3.73 21.00
CA ILE B 92 -25.80 2.75 19.98
C ILE B 92 -25.08 3.47 18.84
N GLY B 93 -24.88 4.77 19.01
CA GLY B 93 -24.61 5.64 17.89
C GLY B 93 -25.53 6.84 17.86
N SER B 94 -26.02 7.23 19.04
CA SER B 94 -26.78 8.47 19.15
C SER B 94 -25.86 9.69 19.08
N ARG B 95 -24.78 9.67 19.88
CA ARG B 95 -23.71 10.68 19.89
C ARG B 95 -24.24 12.08 20.20
N THR B 96 -24.69 12.24 21.44
CA THR B 96 -25.15 13.53 21.92
C THR B 96 -23.99 14.53 22.01
N ALA B 97 -24.33 15.81 22.16
CA ALA B 97 -23.34 16.87 22.18
C ALA B 97 -22.46 16.84 23.41
N LYS B 98 -22.96 16.35 24.54
CA LYS B 98 -22.15 16.25 25.76
C LYS B 98 -21.51 14.87 25.88
N GLY B 99 -20.82 14.47 24.81
CA GLY B 99 -19.81 13.44 24.91
C GLY B 99 -18.54 13.93 24.24
N ARG B 100 -18.71 14.87 23.31
CA ARG B 100 -17.59 15.36 22.52
C ARG B 100 -16.72 16.29 23.34
N ASP B 101 -17.35 17.20 24.09
CA ASP B 101 -16.60 18.12 24.94
C ASP B 101 -15.95 17.38 26.10
N ASP B 102 -16.62 16.35 26.60
CA ASP B 102 -16.03 15.48 27.62
C ASP B 102 -14.81 14.75 27.06
N PHE B 103 -14.89 14.29 25.81
CA PHE B 103 -13.74 13.60 25.23
C PHE B 103 -12.58 14.54 24.95
N ARG B 104 -12.86 15.78 24.53
CA ARG B 104 -11.73 16.68 24.27
C ARG B 104 -11.10 17.20 25.56
N LYS B 105 -11.90 17.34 26.64
CA LYS B 105 -11.31 17.70 27.93
C LYS B 105 -10.49 16.55 28.49
N TYR B 106 -10.83 15.31 28.14
CA TYR B 106 -9.98 14.19 28.54
C TYR B 106 -8.76 14.04 27.62
N HIS B 107 -8.91 14.41 26.35
CA HIS B 107 -7.80 14.28 25.41
C HIS B 107 -6.72 15.32 25.65
N ALA B 108 -7.11 16.51 26.12
CA ALA B 108 -6.12 17.56 26.35
C ALA B 108 -5.27 17.35 27.59
N SER B 109 -5.45 16.24 28.33
CA SER B 109 -4.68 15.96 29.52
C SER B 109 -3.88 14.66 29.39
N ALA B 110 -3.32 14.41 28.22
CA ALA B 110 -2.48 13.25 27.98
C ALA B 110 -1.09 13.69 27.55
N ILE B 111 -0.14 12.76 27.59
CA ILE B 111 1.25 13.09 27.28
C ILE B 111 1.65 12.39 25.99
N ASP B 112 2.88 12.60 25.55
CA ASP B 112 3.38 11.95 24.35
C ASP B 112 4.86 11.63 24.51
N VAL B 113 5.26 10.46 24.03
CA VAL B 113 6.64 10.01 24.21
C VAL B 113 7.36 9.97 22.87
N PRO B 114 8.66 10.30 22.80
CA PRO B 114 9.42 10.97 23.86
C PRO B 114 9.15 12.47 23.84
N GLY B 115 9.06 13.10 25.02
CA GLY B 115 8.74 14.50 25.10
C GLY B 115 9.20 15.12 26.40
N PRO B 116 8.59 16.25 26.78
CA PRO B 116 9.01 16.94 28.00
C PRO B 116 8.57 16.27 29.29
N GLU B 117 7.65 15.32 29.23
CA GLU B 117 7.15 14.66 30.43
C GLU B 117 7.94 13.40 30.78
N VAL B 118 8.73 12.86 29.87
CA VAL B 118 9.59 11.73 30.19
C VAL B 118 11.02 12.16 30.52
N GLU B 119 11.43 13.35 30.06
CA GLU B 119 12.73 13.88 30.46
C GLU B 119 12.77 14.20 31.95
N ARG B 120 11.65 14.68 32.50
CA ARG B 120 11.60 14.95 33.92
C ARG B 120 11.58 13.67 34.74
N LEU B 121 10.96 12.60 34.22
CA LEU B 121 10.98 11.33 34.93
C LEU B 121 12.35 10.67 34.86
N ALA B 122 13.06 10.84 33.73
CA ALA B 122 14.43 10.35 33.65
C ALA B 122 15.34 11.11 34.60
N LEU B 123 15.15 12.44 34.70
CA LEU B 123 15.93 13.22 35.66
C LEU B 123 15.53 12.89 37.09
N MET B 124 14.30 12.45 37.31
CA MET B 124 13.86 12.03 38.64
C MET B 124 14.56 10.73 39.06
N ALA B 125 14.57 9.75 38.16
CA ALA B 125 15.24 8.49 38.48
C ALA B 125 16.76 8.56 38.35
N LYS B 126 17.29 9.64 37.78
CA LYS B 126 18.73 9.78 37.59
C LYS B 126 19.44 10.30 38.83
N LYS B 127 18.71 10.93 39.77
CA LYS B 127 19.31 11.55 40.94
C LYS B 127 19.97 10.51 41.85
N TYR B 128 19.32 9.38 42.06
CA TYR B 128 19.91 8.30 42.85
C TYR B 128 19.63 6.97 42.15
N LYS B 129 19.95 5.87 42.81
CA LYS B 129 19.86 4.55 42.21
C LYS B 129 18.51 3.92 42.56
N VAL B 130 17.63 3.84 41.55
CA VAL B 130 16.35 3.12 41.68
C VAL B 130 15.88 2.78 40.27
N TYR B 131 15.21 1.64 40.13
CA TYR B 131 14.54 1.27 38.90
C TYR B 131 13.10 1.74 38.97
N LEU B 132 12.56 2.18 37.84
CA LEU B 132 11.29 2.88 37.82
C LEU B 132 10.42 2.33 36.70
N VAL B 133 9.23 1.86 37.06
CA VAL B 133 8.18 1.61 36.08
C VAL B 133 7.08 2.62 36.34
N MET B 134 6.25 2.87 35.34
CA MET B 134 5.25 3.92 35.43
C MET B 134 4.14 3.66 34.43
N GLY B 135 2.90 3.73 34.89
CA GLY B 135 1.75 3.56 34.01
C GLY B 135 1.17 4.87 33.55
N VAL B 136 1.43 5.25 32.30
CA VAL B 136 1.01 6.54 31.77
C VAL B 136 -0.04 6.32 30.71
N ILE B 137 -0.57 7.41 30.16
CA ILE B 137 -1.44 7.36 28.99
C ILE B 137 -0.85 8.29 27.93
N GLU B 138 -0.52 7.74 26.78
CA GLU B 138 0.14 8.48 25.73
C GLU B 138 -0.85 8.79 24.61
N ARG B 139 -0.48 9.76 23.78
CA ARG B 139 -1.25 10.09 22.59
C ARG B 139 -0.38 9.86 21.36
N GLU B 140 -1.04 9.54 20.24
CA GLU B 140 -0.34 9.45 18.97
C GLU B 140 -1.35 9.82 17.88
N GLY B 141 -1.39 11.09 17.52
CA GLY B 141 -2.27 11.61 16.49
C GLY B 141 -3.75 11.40 16.77
N TYR B 142 -4.26 12.08 17.81
CA TYR B 142 -5.66 12.02 18.25
C TYR B 142 -6.11 10.60 18.59
N THR B 143 -5.21 9.79 19.13
CA THR B 143 -5.54 8.48 19.69
C THR B 143 -5.08 8.44 21.14
N LEU B 144 -5.42 7.35 21.83
CA LEU B 144 -5.01 7.16 23.22
C LEU B 144 -4.56 5.73 23.40
N TYR B 145 -3.31 5.53 23.78
CA TYR B 145 -2.77 4.21 24.08
C TYR B 145 -2.43 4.14 25.56
N CYS B 146 -2.91 3.12 26.24
CA CYS B 146 -2.66 2.95 27.67
C CYS B 146 -1.40 2.13 27.84
N THR B 147 -0.25 2.79 27.80
CA THR B 147 1.04 2.12 27.82
C THR B 147 1.64 2.13 29.22
N VAL B 148 2.83 1.56 29.33
CA VAL B 148 3.59 1.51 30.57
C VAL B 148 5.06 1.74 30.20
N LEU B 149 5.81 2.38 31.09
CA LEU B 149 7.16 2.81 30.78
C LEU B 149 8.17 2.11 31.69
N PHE B 150 9.44 2.19 31.31
CA PHE B 150 10.53 1.54 32.03
C PHE B 150 11.73 2.46 32.09
N PHE B 151 12.37 2.54 33.27
CA PHE B 151 13.54 3.37 33.45
C PHE B 151 14.55 2.66 34.34
N ASP B 152 15.83 2.82 34.02
CA ASP B 152 16.90 2.18 34.77
C ASP B 152 17.48 3.15 35.80
N SER B 153 18.60 2.76 36.40
CA SER B 153 19.25 3.55 37.44
C SER B 153 20.12 4.67 36.88
N GLN B 154 20.37 4.69 35.58
CA GLN B 154 21.25 5.68 34.98
C GLN B 154 20.50 6.72 34.16
N GLY B 155 19.18 6.77 34.28
CA GLY B 155 18.41 7.77 33.57
C GLY B 155 18.20 7.50 32.09
N LEU B 156 18.36 6.25 31.65
CA LEU B 156 18.10 5.90 30.27
C LEU B 156 16.63 5.52 30.10
N PHE B 157 16.22 5.42 28.84
CA PHE B 157 14.86 5.05 28.47
C PHE B 157 14.93 3.69 27.79
N LEU B 158 14.52 2.64 28.52
CA LEU B 158 14.62 1.28 28.01
C LEU B 158 13.60 1.01 26.91
N GLY B 159 12.32 1.20 27.21
CA GLY B 159 11.30 0.98 26.21
C GLY B 159 9.93 1.16 26.81
N LYS B 160 8.94 0.53 26.18
CA LYS B 160 7.56 0.65 26.61
C LYS B 160 6.76 -0.56 26.16
N HIS B 161 5.66 -0.80 26.86
CA HIS B 161 4.76 -1.93 26.56
C HIS B 161 3.33 -1.41 26.47
N ARG B 162 2.82 -1.28 25.25
CA ARG B 162 1.44 -0.87 25.06
C ARG B 162 0.50 -2.01 25.44
N LYS B 163 -0.79 -1.68 25.55
CA LYS B 163 -1.78 -2.67 25.92
C LYS B 163 -2.26 -3.39 24.67
N LEU B 164 -2.44 -4.71 24.78
CA LEU B 164 -2.82 -5.52 23.62
C LEU B 164 -4.27 -5.26 23.23
N MET B 165 -5.20 -5.49 24.14
CA MET B 165 -6.59 -5.19 23.83
C MET B 165 -7.33 -4.66 25.05
N PRO B 166 -7.98 -3.50 24.93
CA PRO B 166 -8.79 -2.99 26.05
C PRO B 166 -10.04 -3.82 26.25
N THR B 167 -10.63 -3.70 27.44
CA THR B 167 -11.47 -4.79 27.92
C THR B 167 -12.89 -4.76 27.36
N ALA B 168 -13.73 -3.85 27.84
CA ALA B 168 -15.12 -3.82 27.38
C ALA B 168 -15.54 -2.48 26.81
N LEU B 169 -15.46 -1.41 27.61
CA LEU B 169 -15.91 -0.10 27.16
C LEU B 169 -14.76 0.79 26.78
N GLU B 170 -13.54 0.44 27.18
CA GLU B 170 -12.34 1.17 26.81
C GLU B 170 -11.99 0.99 25.32
N ARG B 171 -12.64 0.06 24.63
CA ARG B 171 -12.51 -0.06 23.18
C ARG B 171 -13.02 1.18 22.46
N CYS B 172 -13.97 1.90 23.07
CA CYS B 172 -14.55 3.06 22.43
C CYS B 172 -13.58 4.24 22.37
N ILE B 173 -12.67 4.33 23.35
CA ILE B 173 -11.82 5.50 23.49
C ILE B 173 -10.34 5.19 23.32
N TRP B 174 -9.90 3.95 23.45
CA TRP B 174 -8.49 3.61 23.38
C TRP B 174 -8.20 2.80 22.12
N GLY B 175 -6.92 2.44 21.96
CA GLY B 175 -6.46 1.76 20.78
C GLY B 175 -5.78 0.44 21.11
N PHE B 176 -5.48 -0.31 20.05
CA PHE B 176 -4.93 -1.65 20.16
C PHE B 176 -3.44 -1.63 19.93
N GLY B 177 -2.71 -2.44 20.69
CA GLY B 177 -1.29 -2.56 20.54
C GLY B 177 -0.93 -3.65 19.55
N ASP B 178 0.30 -3.64 19.07
CA ASP B 178 0.76 -4.63 18.11
C ASP B 178 1.62 -5.68 18.81
N GLY B 179 2.19 -6.58 18.01
CA GLY B 179 2.98 -7.66 18.56
C GLY B 179 4.41 -7.31 18.90
N SER B 180 4.96 -6.27 18.27
CA SER B 180 6.38 -5.94 18.43
C SER B 180 6.61 -5.03 19.63
N THR B 181 6.08 -5.41 20.79
CA THR B 181 6.14 -4.55 21.97
C THR B 181 6.51 -5.30 23.25
N ILE B 182 6.29 -6.61 23.33
CA ILE B 182 6.50 -7.44 24.51
C ILE B 182 7.98 -7.46 24.90
N PRO B 183 8.35 -6.95 26.08
CA PRO B 183 9.76 -6.75 26.40
C PRO B 183 10.43 -7.87 27.20
N VAL B 184 11.77 -7.88 27.19
CA VAL B 184 12.57 -8.74 28.07
C VAL B 184 13.16 -7.92 29.21
N PHE B 185 14.00 -6.93 28.88
CA PHE B 185 14.56 -5.93 29.77
C PHE B 185 15.35 -6.56 30.91
N ASP B 186 16.45 -7.21 30.53
CA ASP B 186 17.36 -7.78 31.51
C ASP B 186 18.13 -6.70 32.25
N THR B 187 18.16 -6.81 33.57
CA THR B 187 18.82 -5.88 34.48
C THR B 187 19.83 -6.67 35.30
N PRO B 188 20.77 -6.00 36.00
CA PRO B 188 21.65 -6.75 36.92
C PRO B 188 20.99 -7.19 38.22
N ILE B 189 19.69 -7.03 38.38
CA ILE B 189 18.97 -7.63 39.49
C ILE B 189 17.97 -8.67 39.03
N GLY B 190 17.94 -8.98 37.74
CA GLY B 190 17.04 -9.97 37.19
C GLY B 190 16.41 -9.46 35.92
N LYS B 191 15.37 -10.17 35.47
CA LYS B 191 14.61 -9.80 34.28
C LYS B 191 13.20 -9.40 34.70
N ILE B 192 12.78 -8.22 34.28
CA ILE B 192 11.50 -7.67 34.69
C ILE B 192 10.59 -7.52 33.47
N GLY B 193 9.32 -7.84 33.63
CA GLY B 193 8.32 -7.67 32.60
C GLY B 193 7.08 -7.02 33.17
N ALA B 194 6.07 -6.85 32.32
CA ALA B 194 4.86 -6.19 32.77
C ALA B 194 3.67 -6.66 31.97
N ALA B 195 2.49 -6.43 32.54
CA ALA B 195 1.21 -6.66 31.89
C ALA B 195 0.18 -5.79 32.59
N ILE B 196 -0.97 -5.61 31.94
CA ILE B 196 -1.94 -4.62 32.39
C ILE B 196 -3.20 -5.43 32.70
N CYS B 197 -4.31 -4.74 33.01
CA CYS B 197 -5.47 -5.22 33.77
C CYS B 197 -5.98 -6.62 33.44
N TRP B 198 -6.46 -6.83 32.21
CA TRP B 198 -6.96 -8.14 31.82
C TRP B 198 -6.15 -8.75 30.68
N GLU B 199 -4.86 -8.46 30.61
CA GLU B 199 -3.96 -9.27 29.83
C GLU B 199 -3.42 -10.44 30.62
N ASN B 200 -3.57 -10.42 31.93
CA ASN B 200 -3.10 -11.49 32.79
C ASN B 200 -4.02 -12.71 32.78
N ARG B 201 -5.16 -12.62 32.11
CA ARG B 201 -6.08 -13.74 32.02
C ARG B 201 -5.90 -14.55 30.74
N MET B 202 -5.19 -14.02 29.75
CA MET B 202 -4.90 -14.78 28.55
C MET B 202 -3.92 -15.89 28.88
N PRO B 203 -4.10 -17.10 28.36
CA PRO B 203 -3.08 -18.13 28.56
C PRO B 203 -1.90 -17.98 27.60
N SER B 204 -2.13 -17.52 26.37
CA SER B 204 -1.07 -17.46 25.38
C SER B 204 -0.08 -16.35 25.68
N LEU B 205 -0.54 -15.21 26.19
CA LEU B 205 0.40 -14.14 26.52
C LEU B 205 1.26 -14.51 27.72
N ARG B 206 0.72 -15.24 28.68
CA ARG B 206 1.52 -15.64 29.83
C ARG B 206 2.53 -16.72 29.45
N THR B 207 2.16 -17.65 28.56
CA THR B 207 3.16 -18.60 28.12
C THR B 207 4.08 -18.04 27.03
N ALA B 208 3.83 -16.81 26.57
CA ALA B 208 4.83 -16.08 25.81
C ALA B 208 5.75 -15.26 26.69
N MET B 209 5.27 -14.84 27.87
CA MET B 209 6.15 -14.19 28.84
C MET B 209 7.08 -15.20 29.50
N TYR B 210 6.59 -16.42 29.74
CA TYR B 210 7.37 -17.42 30.45
C TYR B 210 8.54 -17.93 29.61
N ALA B 211 8.40 -17.91 28.29
CA ALA B 211 9.45 -18.42 27.42
C ALA B 211 10.63 -17.46 27.29
N LYS B 212 10.50 -16.23 27.75
CA LYS B 212 11.60 -15.28 27.70
C LYS B 212 12.35 -15.18 29.03
N GLY B 213 11.85 -15.80 30.08
CA GLY B 213 12.58 -15.86 31.34
C GLY B 213 12.23 -14.77 32.33
N ILE B 214 10.94 -14.57 32.59
CA ILE B 214 10.51 -13.55 33.54
C ILE B 214 10.55 -14.14 34.94
N GLU B 215 11.18 -13.41 35.87
CA GLU B 215 11.11 -13.78 37.28
C GLU B 215 10.69 -12.65 38.21
N ILE B 216 10.48 -11.44 37.69
CA ILE B 216 9.83 -10.36 38.44
C ILE B 216 8.75 -9.80 37.53
N TYR B 217 7.50 -10.04 37.88
CA TYR B 217 6.37 -9.90 36.96
C TYR B 217 5.40 -8.85 37.50
N CYS B 218 5.65 -7.60 37.13
CA CYS B 218 4.79 -6.50 37.55
C CYS B 218 3.46 -6.56 36.83
N ALA B 219 2.39 -6.14 37.51
CA ALA B 219 1.05 -6.18 36.93
C ALA B 219 0.16 -5.13 37.58
N PRO B 220 0.15 -3.91 37.05
CA PRO B 220 -0.84 -2.93 37.50
C PRO B 220 -2.24 -3.31 37.05
N THR B 221 -3.24 -2.74 37.72
CA THR B 221 -4.63 -3.02 37.39
C THR B 221 -5.50 -1.86 37.84
N ALA B 222 -6.80 -1.97 37.56
CA ALA B 222 -7.76 -0.95 37.97
C ALA B 222 -9.06 -1.57 38.49
N ASP B 223 -8.96 -2.67 39.24
CA ASP B 223 -10.14 -3.26 39.86
C ASP B 223 -9.80 -3.72 41.27
N SER B 224 -10.85 -3.96 42.07
CA SER B 224 -10.70 -4.31 43.48
C SER B 224 -11.77 -5.33 43.85
N ARG B 225 -11.45 -6.61 43.74
CA ARG B 225 -12.35 -7.69 44.14
C ARG B 225 -11.56 -8.73 44.93
N GLU B 226 -12.29 -9.67 45.53
CA GLU B 226 -11.67 -10.88 46.05
C GLU B 226 -11.13 -11.76 44.94
N THR B 227 -11.73 -11.67 43.76
CA THR B 227 -11.29 -12.31 42.53
C THR B 227 -9.81 -12.10 42.21
N TRP B 228 -9.28 -10.90 42.46
CA TRP B 228 -7.96 -10.55 41.94
C TRP B 228 -6.83 -11.24 42.69
N LEU B 229 -6.97 -11.42 44.01
CA LEU B 229 -5.94 -12.11 44.77
C LEU B 229 -5.89 -13.59 44.39
N ALA B 230 -7.05 -14.22 44.22
CA ALA B 230 -7.11 -15.61 43.77
C ALA B 230 -6.67 -15.76 42.32
N SER B 231 -6.75 -14.70 41.51
CA SER B 231 -6.28 -14.80 40.15
C SER B 231 -4.77 -14.53 40.04
N MET B 232 -4.18 -13.86 41.02
CA MET B 232 -2.74 -13.69 41.00
C MET B 232 -1.97 -14.83 41.68
N THR B 233 -2.61 -15.55 42.61
CA THR B 233 -1.94 -16.71 43.22
C THR B 233 -1.67 -17.79 42.17
N HIS B 234 -2.58 -17.94 41.20
CA HIS B 234 -2.38 -18.93 40.14
C HIS B 234 -1.22 -18.55 39.24
N ILE B 235 -1.03 -17.27 38.95
CA ILE B 235 0.09 -16.85 38.11
C ILE B 235 1.41 -17.02 38.87
N ALA B 236 1.41 -16.69 40.16
CA ALA B 236 2.63 -16.87 40.96
C ALA B 236 2.99 -18.34 41.15
N LEU B 237 2.02 -19.24 41.06
CA LEU B 237 2.33 -20.67 41.15
C LEU B 237 2.70 -21.26 39.79
N GLU B 238 1.99 -20.87 38.73
CA GLU B 238 2.25 -21.37 37.39
C GLU B 238 3.60 -20.88 36.86
N GLY B 239 4.08 -19.77 37.38
CA GLY B 239 5.32 -19.15 36.93
C GLY B 239 6.48 -19.58 37.80
N GLY B 240 6.81 -18.77 38.80
CA GLY B 240 8.05 -18.90 39.52
C GLY B 240 8.56 -17.50 39.75
N CYS B 241 7.73 -16.55 39.38
CA CYS B 241 8.02 -15.13 39.40
C CYS B 241 7.34 -14.45 40.58
N PHE B 242 8.02 -13.46 41.14
CA PHE B 242 7.49 -12.64 42.23
C PHE B 242 6.45 -11.69 41.67
N VAL B 243 5.18 -12.07 41.77
CA VAL B 243 4.10 -11.26 41.25
C VAL B 243 3.93 -10.03 42.14
N LEU B 244 3.95 -8.85 41.51
CA LEU B 244 4.06 -7.58 42.23
C LEU B 244 3.02 -6.63 41.65
N SER B 245 1.80 -6.68 42.20
CA SER B 245 0.68 -5.92 41.66
C SER B 245 0.59 -4.55 42.32
N ALA B 246 -0.24 -3.69 41.76
CA ALA B 246 -0.42 -2.34 42.26
C ALA B 246 -1.78 -1.81 41.80
N ASN B 247 -2.50 -1.19 42.71
CA ASN B 247 -3.79 -0.59 42.40
C ASN B 247 -3.90 0.73 43.15
N GLN B 248 -4.82 1.58 42.73
CA GLN B 248 -4.95 2.91 43.30
C GLN B 248 -6.17 3.00 44.23
N PHE B 249 -6.21 4.07 45.02
CA PHE B 249 -7.22 4.27 46.06
C PHE B 249 -7.70 5.70 46.01
N CYS B 250 -8.97 5.89 45.64
CA CYS B 250 -9.53 7.22 45.46
C CYS B 250 -10.91 7.30 46.09
N ARG B 251 -11.40 8.53 46.26
CA ARG B 251 -12.72 8.79 46.81
C ARG B 251 -13.47 9.83 45.99
N VAL B 276 -16.23 3.34 46.10
CA VAL B 276 -15.03 4.15 46.14
C VAL B 276 -13.87 3.41 45.49
N CYS B 277 -14.07 2.10 45.28
CA CYS B 277 -13.11 1.19 44.62
C CYS B 277 -11.78 1.16 45.37
N ALA B 278 -11.83 0.65 46.59
CA ALA B 278 -10.67 0.56 47.46
C ALA B 278 -9.77 -0.57 46.97
N GLY B 279 -8.79 -0.21 46.14
CA GLY B 279 -7.88 -1.19 45.59
C GLY B 279 -6.90 -1.72 46.61
N GLY B 280 -6.51 -2.98 46.42
CA GLY B 280 -5.55 -3.59 47.31
C GLY B 280 -4.36 -4.21 46.59
N SER B 281 -3.17 -3.66 46.81
CA SER B 281 -1.96 -4.17 46.21
C SER B 281 -1.26 -5.13 47.16
N SER B 282 -0.39 -5.96 46.61
CA SER B 282 0.27 -7.01 47.39
C SER B 282 1.55 -7.42 46.69
N ILE B 283 2.16 -8.48 47.19
CA ILE B 283 3.36 -9.11 46.63
C ILE B 283 3.36 -10.57 47.06
N ILE B 284 3.56 -11.48 46.11
CA ILE B 284 3.34 -12.91 46.36
C ILE B 284 4.61 -13.67 46.01
N SER B 285 5.05 -14.52 46.95
CA SER B 285 6.16 -15.43 46.75
C SER B 285 5.81 -16.46 45.66
N PRO B 286 6.80 -17.03 44.99
CA PRO B 286 6.51 -18.09 44.00
C PRO B 286 6.19 -19.45 44.60
N LEU B 287 5.93 -19.55 45.90
CA LEU B 287 5.35 -20.74 46.49
C LEU B 287 3.88 -20.55 46.86
N GLY B 288 3.34 -19.35 46.67
CA GLY B 288 1.98 -19.06 47.07
C GLY B 288 1.85 -18.46 48.46
N ILE B 289 2.85 -17.70 48.91
CA ILE B 289 2.88 -17.14 50.25
C ILE B 289 2.86 -15.62 50.13
N VAL B 290 1.79 -15.01 50.62
CA VAL B 290 1.65 -13.55 50.52
C VAL B 290 2.59 -12.90 51.52
N LEU B 291 3.52 -12.10 51.03
CA LEU B 291 4.46 -11.40 51.91
C LEU B 291 3.78 -10.21 52.58
N ALA B 292 3.21 -9.31 51.79
CA ALA B 292 2.50 -8.14 52.32
C ALA B 292 1.07 -8.19 51.86
N GLY B 293 0.13 -8.04 52.80
CA GLY B 293 -1.25 -8.38 52.56
C GLY B 293 -1.98 -7.37 51.71
N PRO B 294 -3.24 -7.69 51.40
CA PRO B 294 -4.06 -6.79 50.59
C PRO B 294 -4.54 -5.58 51.36
N ASN B 295 -3.73 -4.52 51.37
CA ASN B 295 -4.01 -3.35 52.20
C ASN B 295 -5.21 -2.57 51.69
N TYR B 296 -6.38 -2.87 52.24
CA TYR B 296 -7.61 -2.11 51.96
C TYR B 296 -7.77 -0.91 52.87
N ARG B 297 -6.82 -0.68 53.79
CA ARG B 297 -6.97 0.31 54.84
C ARG B 297 -6.31 1.61 54.38
N GLY B 298 -7.03 2.38 53.57
CA GLY B 298 -6.53 3.64 53.07
C GLY B 298 -5.41 3.45 52.06
N GLU B 299 -4.71 4.54 51.79
CA GLU B 299 -3.56 4.54 50.90
C GLU B 299 -2.29 4.64 51.73
N ALA B 300 -1.26 3.91 51.31
CA ALA B 300 -0.01 3.83 52.05
C ALA B 300 1.08 3.32 51.13
N LEU B 301 2.26 3.10 51.70
CA LEU B 301 3.36 2.47 51.01
C LEU B 301 3.49 1.03 51.50
N ILE B 302 3.86 0.13 50.59
CA ILE B 302 3.98 -1.28 50.89
C ILE B 302 5.36 -1.74 50.44
N THR B 303 6.12 -2.34 51.35
CA THR B 303 7.47 -2.80 51.06
C THR B 303 7.67 -4.23 51.54
N ALA B 304 8.59 -4.92 50.88
CA ALA B 304 9.02 -6.27 51.23
C ALA B 304 10.35 -6.51 50.52
N ASP B 305 11.03 -7.59 50.92
CA ASP B 305 12.28 -7.97 50.30
C ASP B 305 12.09 -9.22 49.43
N LEU B 306 13.00 -9.40 48.48
CA LEU B 306 12.88 -10.45 47.47
C LEU B 306 14.14 -11.31 47.50
N ASP B 307 13.96 -12.59 47.77
CA ASP B 307 15.06 -13.55 47.74
C ASP B 307 15.11 -14.20 46.37
N LEU B 308 16.14 -13.89 45.57
CA LEU B 308 16.26 -14.45 44.23
C LEU B 308 16.70 -15.90 44.22
N GLY B 309 17.07 -16.47 45.37
CA GLY B 309 17.31 -17.88 45.47
C GLY B 309 16.08 -18.70 45.75
N ASP B 310 14.91 -18.06 45.83
CA ASP B 310 13.65 -18.75 46.06
C ASP B 310 12.93 -19.04 44.73
N ILE B 311 13.67 -19.12 43.63
CA ILE B 311 13.11 -19.46 42.34
C ILE B 311 13.66 -20.78 41.83
N ALA B 312 14.98 -20.97 41.94
CA ALA B 312 15.57 -22.25 41.57
C ALA B 312 15.21 -23.36 42.55
N ARG B 313 14.78 -23.02 43.76
CA ARG B 313 14.21 -24.00 44.66
C ARG B 313 12.71 -24.14 44.48
N ALA B 314 12.07 -23.22 43.73
CA ALA B 314 10.64 -23.30 43.50
C ALA B 314 10.31 -23.99 42.20
N LYS B 315 11.23 -24.04 41.23
CA LYS B 315 11.03 -24.71 39.97
C LYS B 315 11.54 -26.14 39.99
N PHE B 316 11.54 -26.78 41.16
CA PHE B 316 11.86 -28.19 41.26
C PHE B 316 10.63 -29.05 41.03
N ASP B 317 9.45 -28.55 41.39
CA ASP B 317 8.22 -29.31 41.23
C ASP B 317 7.66 -29.18 39.81
N PHE B 318 7.30 -27.97 39.41
CA PHE B 318 6.43 -27.79 38.25
C PHE B 318 7.22 -27.62 36.97
N ASP B 319 7.97 -26.50 36.87
CA ASP B 319 8.87 -26.20 35.75
C ASP B 319 8.13 -26.16 34.42
N VAL B 320 7.43 -25.05 34.15
CA VAL B 320 6.89 -24.65 32.85
C VAL B 320 8.05 -24.37 31.87
N VAL B 321 7.79 -23.85 30.67
CA VAL B 321 8.20 -24.28 29.33
C VAL B 321 9.42 -25.21 29.18
N GLY B 322 10.34 -25.26 30.14
CA GLY B 322 11.07 -26.51 30.35
C GLY B 322 10.20 -27.53 31.08
N HIS B 323 10.77 -28.55 31.72
CA HIS B 323 10.72 -29.92 31.22
C HIS B 323 9.29 -30.52 31.14
N TYR B 324 8.26 -29.81 31.59
CA TYR B 324 6.88 -30.03 31.15
C TYR B 324 6.63 -29.43 29.78
N SER B 325 5.33 -29.28 29.44
CA SER B 325 4.87 -28.64 28.22
C SER B 325 5.43 -29.36 26.99
N ARG B 326 4.99 -30.61 26.83
CA ARG B 326 5.42 -31.59 25.83
C ARG B 326 5.51 -30.99 24.44
N PRO B 327 6.71 -30.81 23.89
CA PRO B 327 6.83 -30.23 22.55
C PRO B 327 6.39 -31.18 21.45
N GLU B 328 6.21 -32.46 21.75
CA GLU B 328 5.80 -33.43 20.76
C GLU B 328 4.31 -33.37 20.45
N VAL B 329 3.52 -32.64 21.22
CA VAL B 329 2.10 -32.49 20.97
C VAL B 329 1.68 -31.03 20.84
N PHE B 330 2.16 -30.14 21.72
CA PHE B 330 1.85 -28.73 21.65
C PHE B 330 3.00 -27.98 20.99
N SER B 331 2.66 -26.85 20.36
CA SER B 331 3.67 -25.97 19.76
C SER B 331 3.02 -24.61 19.55
N LEU B 332 3.74 -23.55 19.90
CA LEU B 332 3.24 -22.19 19.79
C LEU B 332 4.18 -21.37 18.93
N ASN B 333 3.64 -20.36 18.24
CA ASN B 333 4.48 -19.42 17.52
C ASN B 333 3.85 -18.03 17.55
N ILE B 334 4.67 -17.05 17.91
CA ILE B 334 4.25 -15.66 18.05
C ILE B 334 4.81 -14.87 16.89
N ARG B 335 3.93 -14.18 16.16
CA ARG B 335 4.33 -13.33 15.04
C ARG B 335 4.55 -11.93 15.59
N GLU B 336 5.80 -11.48 15.56
CA GLU B 336 6.21 -10.23 16.20
C GLU B 336 6.77 -9.29 15.14
N HIS B 337 5.86 -8.55 14.49
CA HIS B 337 6.24 -7.67 13.40
C HIS B 337 5.82 -6.24 13.70
N PRO B 338 6.64 -5.25 13.38
CA PRO B 338 6.22 -3.86 13.55
C PRO B 338 5.37 -3.38 12.37
N ARG B 339 4.08 -3.67 12.39
CA ARG B 339 3.21 -3.34 11.26
C ARG B 339 2.60 -1.96 11.45
N LYS B 340 2.65 -1.14 10.41
CA LYS B 340 2.14 0.21 10.42
C LYS B 340 1.40 0.44 9.11
N ALA B 341 0.47 1.38 9.10
CA ALA B 341 -0.41 1.55 7.94
C ALA B 341 0.33 2.17 6.76
N VAL B 342 0.90 3.36 6.94
CA VAL B 342 1.55 4.11 5.87
C VAL B 342 3.04 4.16 6.15
N SER B 343 3.85 3.74 5.18
CA SER B 343 5.30 3.65 5.35
C SER B 343 5.99 4.45 4.25
N PHE B 344 6.48 5.63 4.59
CA PHE B 344 7.22 6.43 3.62
C PHE B 344 8.63 5.89 3.48
N LYS B 345 9.12 5.83 2.24
CA LYS B 345 10.49 5.45 1.96
C LYS B 345 11.12 6.45 1.01
N THR B 346 12.31 6.92 1.37
CA THR B 346 13.02 7.93 0.59
C THR B 346 14.44 7.48 0.28
N SER B 347 15.26 8.39 -0.24
CA SER B 347 16.67 8.12 -0.52
C SER B 347 17.50 9.37 -0.37
N ILE C 35 -28.97 -5.53 -19.74
CA ILE C 35 -29.78 -4.67 -18.90
C ILE C 35 -30.51 -5.49 -17.86
N VAL C 36 -30.24 -5.21 -16.59
CA VAL C 36 -30.92 -5.86 -15.48
C VAL C 36 -31.74 -4.82 -14.73
N ARG C 37 -32.50 -5.28 -13.74
CA ARG C 37 -33.22 -4.37 -12.86
C ARG C 37 -33.22 -4.95 -11.45
N ALA C 38 -33.09 -4.08 -10.46
CA ALA C 38 -32.87 -4.50 -9.09
C ALA C 38 -33.74 -3.71 -8.15
N THR C 39 -34.04 -4.31 -6.99
CA THR C 39 -34.89 -3.70 -5.98
C THR C 39 -34.19 -3.66 -4.64
N VAL C 40 -34.55 -2.67 -3.82
CA VAL C 40 -34.20 -2.63 -2.41
C VAL C 40 -35.48 -2.56 -1.60
N VAL C 41 -35.42 -3.01 -0.36
CA VAL C 41 -36.57 -2.98 0.52
C VAL C 41 -36.25 -2.03 1.68
N GLN C 42 -37.27 -1.71 2.46
CA GLN C 42 -37.10 -0.73 3.53
C GLN C 42 -37.86 -1.17 4.77
N ALA C 43 -38.25 -2.45 4.84
CA ALA C 43 -39.05 -2.91 5.97
C ALA C 43 -38.18 -3.19 7.19
N SER C 44 -38.83 -3.36 8.33
CA SER C 44 -38.14 -3.60 9.59
C SER C 44 -38.51 -4.97 10.13
N THR C 45 -37.70 -5.44 11.05
CA THR C 45 -37.90 -6.74 11.69
C THR C 45 -38.71 -6.55 12.97
N VAL C 46 -39.22 -7.67 13.49
CA VAL C 46 -39.95 -7.66 14.76
C VAL C 46 -39.04 -7.82 15.95
N PHE C 47 -37.73 -7.97 15.71
CA PHE C 47 -36.61 -7.81 16.65
C PHE C 47 -36.48 -8.96 17.66
N TYR C 48 -37.50 -9.80 17.75
CA TYR C 48 -37.52 -10.97 18.61
C TYR C 48 -38.25 -12.07 17.86
N ASP C 49 -38.04 -13.32 18.30
CA ASP C 49 -38.67 -14.51 17.75
C ASP C 49 -38.37 -14.65 16.25
N THR C 50 -37.09 -14.90 15.97
CA THR C 50 -36.55 -14.97 14.61
C THR C 50 -37.17 -15.95 13.59
N PRO C 51 -37.91 -17.01 13.94
CA PRO C 51 -38.71 -17.68 12.89
C PRO C 51 -39.95 -16.91 12.49
N ALA C 52 -40.36 -15.88 13.22
CA ALA C 52 -41.52 -15.10 12.82
C ALA C 52 -41.18 -13.95 11.89
N THR C 53 -39.94 -13.46 11.91
CA THR C 53 -39.49 -12.43 11.00
C THR C 53 -38.99 -12.97 9.68
N LEU C 54 -39.17 -14.26 9.43
CA LEU C 54 -38.69 -14.89 8.21
C LEU C 54 -39.80 -15.04 7.17
N ASP C 55 -41.06 -14.94 7.56
CA ASP C 55 -42.18 -14.94 6.63
C ASP C 55 -42.50 -13.56 6.07
N LYS C 56 -42.14 -12.50 6.81
CA LYS C 56 -42.14 -11.16 6.24
C LYS C 56 -41.22 -11.09 5.03
N ALA C 57 -40.05 -11.72 5.14
CA ALA C 57 -39.12 -11.85 4.02
C ALA C 57 -39.74 -12.61 2.87
N GLU C 58 -40.54 -13.65 3.14
CA GLU C 58 -41.22 -14.41 2.11
C GLU C 58 -42.26 -13.57 1.36
N ARG C 59 -43.11 -12.86 2.09
CA ARG C 59 -44.15 -12.08 1.43
C ARG C 59 -43.56 -10.86 0.70
N LEU C 60 -42.49 -10.26 1.22
CA LEU C 60 -41.82 -9.19 0.49
C LEU C 60 -41.10 -9.70 -0.74
N LEU C 61 -40.54 -10.92 -0.66
CA LEU C 61 -39.85 -11.50 -1.81
C LEU C 61 -40.84 -11.86 -2.91
N SER C 62 -42.05 -12.29 -2.54
CA SER C 62 -43.07 -12.56 -3.54
C SER C 62 -43.62 -11.27 -4.16
N GLU C 63 -43.84 -10.23 -3.36
CA GLU C 63 -44.29 -8.95 -3.91
C GLU C 63 -43.21 -8.29 -4.77
N ALA C 64 -41.93 -8.55 -4.48
CA ALA C 64 -40.87 -8.08 -5.36
C ALA C 64 -40.66 -8.99 -6.55
N ALA C 65 -41.19 -10.21 -6.51
CA ALA C 65 -41.14 -11.11 -7.64
C ALA C 65 -42.18 -10.78 -8.70
N GLU C 66 -43.34 -10.27 -8.29
CA GLU C 66 -44.47 -10.18 -9.22
C GLU C 66 -44.33 -9.08 -10.27
N ASN C 67 -43.31 -8.21 -10.16
CA ASN C 67 -43.07 -7.21 -11.20
C ASN C 67 -41.81 -7.48 -12.02
N GLY C 68 -41.33 -8.72 -12.04
CA GLY C 68 -40.24 -9.10 -12.92
C GLY C 68 -38.87 -8.59 -12.52
N SER C 69 -38.56 -8.60 -11.22
CA SER C 69 -37.27 -8.13 -10.75
C SER C 69 -36.23 -9.24 -10.86
N GLN C 70 -34.98 -8.88 -10.57
CA GLN C 70 -33.89 -9.82 -10.77
C GLN C 70 -32.87 -9.81 -9.64
N LEU C 71 -32.90 -8.84 -8.73
CA LEU C 71 -31.89 -8.73 -7.67
C LEU C 71 -32.51 -7.97 -6.50
N VAL C 72 -32.54 -8.60 -5.33
CA VAL C 72 -33.21 -8.04 -4.16
C VAL C 72 -32.19 -7.84 -3.04
N VAL C 73 -32.16 -6.65 -2.46
CA VAL C 73 -31.22 -6.28 -1.41
C VAL C 73 -31.98 -5.97 -0.13
N PHE C 74 -31.60 -6.62 0.96
CA PHE C 74 -32.18 -6.44 2.29
C PHE C 74 -31.24 -5.62 3.18
N PRO C 75 -31.79 -4.90 4.17
CA PRO C 75 -30.94 -3.98 4.97
C PRO C 75 -30.00 -4.67 5.94
N GLU C 76 -29.30 -3.86 6.73
CA GLU C 76 -28.32 -4.36 7.69
C GLU C 76 -29.03 -4.94 8.91
N ALA C 77 -28.56 -6.12 9.35
CA ALA C 77 -29.01 -6.80 10.57
C ALA C 77 -30.51 -7.09 10.53
N PHE C 78 -30.94 -7.69 9.42
CA PHE C 78 -32.36 -7.91 9.23
C PHE C 78 -32.89 -9.09 10.03
N ILE C 79 -32.18 -10.21 10.03
CA ILE C 79 -32.66 -11.41 10.71
C ILE C 79 -32.41 -11.32 12.21
N GLY C 80 -31.19 -10.96 12.61
CA GLY C 80 -30.85 -10.95 14.02
C GLY C 80 -31.47 -9.80 14.80
N GLY C 81 -31.71 -8.68 14.14
CA GLY C 81 -32.26 -7.52 14.82
C GLY C 81 -31.17 -6.57 15.29
N TYR C 82 -31.45 -5.28 15.18
CA TYR C 82 -30.47 -4.24 15.49
C TYR C 82 -30.92 -3.47 16.71
N PRO C 83 -30.31 -3.69 17.88
CA PRO C 83 -30.81 -3.04 19.10
C PRO C 83 -30.53 -1.55 19.13
N ARG C 84 -31.54 -0.74 18.91
CA ARG C 84 -31.37 0.70 18.83
C ARG C 84 -31.71 1.33 20.18
N GLY C 85 -30.86 2.24 20.63
CA GLY C 85 -31.11 2.99 21.84
C GLY C 85 -30.68 2.31 23.12
N SER C 86 -30.53 0.99 23.14
CA SER C 86 -30.15 0.28 24.35
C SER C 86 -28.68 0.50 24.65
N THR C 87 -28.34 0.55 25.94
CA THR C 87 -26.98 0.85 26.36
C THR C 87 -26.31 -0.31 27.11
N PHE C 88 -27.07 -1.30 27.56
CA PHE C 88 -26.64 -2.47 28.33
C PHE C 88 -26.03 -2.14 29.68
N GLU C 89 -26.08 -0.87 30.11
CA GLU C 89 -25.54 -0.37 31.38
C GLU C 89 -24.05 -0.70 31.55
N LEU C 90 -23.24 -0.17 30.64
CA LEU C 90 -21.80 -0.32 30.69
C LEU C 90 -21.18 1.03 31.01
N ALA C 91 -20.80 1.24 32.27
CA ALA C 91 -20.26 2.55 32.62
C ALA C 91 -18.77 2.64 32.29
N ILE C 92 -17.94 1.93 33.04
CA ILE C 92 -16.52 1.83 32.72
C ILE C 92 -16.09 0.39 32.95
N GLY C 93 -17.03 -0.45 33.36
CA GLY C 93 -16.68 -1.70 34.01
C GLY C 93 -17.41 -1.87 35.32
N SER C 94 -18.59 -1.23 35.43
CA SER C 94 -19.45 -1.46 36.59
C SER C 94 -20.15 -2.82 36.48
N ARG C 95 -20.77 -3.09 35.31
CA ARG C 95 -21.40 -4.38 34.97
C ARG C 95 -22.51 -4.75 35.94
N THR C 96 -23.59 -3.96 35.89
CA THR C 96 -24.77 -4.24 36.69
C THR C 96 -25.46 -5.51 36.22
N ALA C 97 -26.37 -6.01 37.05
CA ALA C 97 -27.04 -7.29 36.78
C ALA C 97 -27.99 -7.21 35.59
N LYS C 98 -28.56 -6.05 35.32
CA LYS C 98 -29.45 -5.90 34.16
C LYS C 98 -28.67 -5.40 32.94
N GLY C 99 -27.60 -6.11 32.63
CA GLY C 99 -27.03 -6.06 31.29
C GLY C 99 -26.81 -7.47 30.81
N ARG C 100 -26.67 -8.39 31.75
CA ARG C 100 -26.36 -9.77 31.43
C ARG C 100 -27.57 -10.50 30.88
N ASP C 101 -28.73 -10.29 31.52
CA ASP C 101 -29.96 -10.91 31.05
C ASP C 101 -30.40 -10.29 29.73
N ASP C 102 -30.14 -8.99 29.55
CA ASP C 102 -30.40 -8.35 28.27
C ASP C 102 -29.51 -8.92 27.17
N PHE C 103 -28.24 -9.21 27.50
CA PHE C 103 -27.35 -9.79 26.51
C PHE C 103 -27.72 -11.22 26.17
N ARG C 104 -28.16 -12.01 27.14
CA ARG C 104 -28.52 -13.39 26.80
C ARG C 104 -29.84 -13.47 26.06
N LYS C 105 -30.78 -12.54 26.33
CA LYS C 105 -32.01 -12.49 25.54
C LYS C 105 -31.73 -12.03 24.12
N TYR C 106 -30.68 -11.23 23.92
CA TYR C 106 -30.29 -10.88 22.56
C TYR C 106 -29.48 -11.99 21.89
N HIS C 107 -28.72 -12.75 22.68
CA HIS C 107 -27.90 -13.82 22.13
C HIS C 107 -28.73 -15.01 21.70
N ALA C 108 -29.85 -15.27 22.38
CA ALA C 108 -30.67 -16.42 22.04
C ALA C 108 -31.51 -16.22 20.77
N SER C 109 -31.39 -15.08 20.10
CA SER C 109 -32.15 -14.80 18.89
C SER C 109 -31.22 -14.56 17.69
N ALA C 110 -30.15 -15.34 17.58
CA ALA C 110 -29.24 -15.26 16.45
C ALA C 110 -29.18 -16.61 15.76
N ILE C 111 -28.62 -16.61 14.54
CA ILE C 111 -28.58 -17.83 13.73
C ILE C 111 -27.14 -18.27 13.59
N ASP C 112 -26.91 -19.38 12.89
CA ASP C 112 -25.57 -19.88 12.66
C ASP C 112 -25.49 -20.54 11.29
N VAL C 113 -24.39 -20.30 10.59
CA VAL C 113 -24.24 -20.79 9.22
C VAL C 113 -23.16 -21.87 9.18
N PRO C 114 -23.32 -22.91 8.34
CA PRO C 114 -24.56 -23.29 7.66
C PRO C 114 -25.48 -24.05 8.61
N GLY C 115 -26.79 -23.80 8.52
CA GLY C 115 -27.73 -24.42 9.42
C GLY C 115 -29.14 -24.46 8.85
N PRO C 116 -30.13 -24.58 9.73
CA PRO C 116 -31.51 -24.68 9.26
C PRO C 116 -32.11 -23.37 8.77
N GLU C 117 -31.47 -22.23 9.06
CA GLU C 117 -32.00 -20.94 8.64
C GLU C 117 -31.49 -20.49 7.29
N VAL C 118 -30.43 -21.10 6.77
CA VAL C 118 -29.98 -20.78 5.42
C VAL C 118 -30.51 -21.78 4.39
N GLU C 119 -30.89 -22.99 4.81
CA GLU C 119 -31.52 -23.93 3.90
C GLU C 119 -32.88 -23.42 3.44
N ARG C 120 -33.61 -22.76 4.33
CA ARG C 120 -34.90 -22.20 3.95
C ARG C 120 -34.73 -21.00 3.03
N LEU C 121 -33.66 -20.22 3.20
CA LEU C 121 -33.43 -19.10 2.28
C LEU C 121 -32.95 -19.59 0.92
N ALA C 122 -32.18 -20.68 0.89
CA ALA C 122 -31.80 -21.28 -0.38
C ALA C 122 -33.01 -21.86 -1.10
N LEU C 123 -33.91 -22.49 -0.35
CA LEU C 123 -35.16 -23.00 -0.95
C LEU C 123 -36.08 -21.86 -1.36
N MET C 124 -35.97 -20.70 -0.70
CA MET C 124 -36.75 -19.53 -1.08
C MET C 124 -36.27 -18.96 -2.42
N ALA C 125 -34.96 -18.80 -2.57
CA ALA C 125 -34.41 -18.29 -3.82
C ALA C 125 -34.35 -19.36 -4.91
N LYS C 126 -34.58 -20.62 -4.58
CA LYS C 126 -34.51 -21.70 -5.56
C LYS C 126 -35.80 -21.86 -6.35
N LYS C 127 -36.93 -21.32 -5.84
CA LYS C 127 -38.23 -21.51 -6.48
C LYS C 127 -38.30 -20.85 -7.84
N TYR C 128 -37.75 -19.65 -7.98
CA TYR C 128 -37.69 -18.98 -9.27
C TYR C 128 -36.32 -18.33 -9.42
N LYS C 129 -36.15 -17.53 -10.47
CA LYS C 129 -34.86 -16.95 -10.80
C LYS C 129 -34.74 -15.56 -10.19
N VAL C 130 -33.91 -15.44 -9.15
CA VAL C 130 -33.56 -14.16 -8.55
C VAL C 130 -32.24 -14.34 -7.79
N TYR C 131 -31.44 -13.29 -7.77
CA TYR C 131 -30.24 -13.24 -6.94
C TYR C 131 -30.60 -12.59 -5.61
N LEU C 132 -29.99 -13.07 -4.54
CA LEU C 132 -30.42 -12.72 -3.19
C LEU C 132 -29.19 -12.38 -2.35
N VAL C 133 -29.18 -11.19 -1.78
CA VAL C 133 -28.27 -10.85 -0.70
C VAL C 133 -29.11 -10.66 0.55
N MET C 134 -28.48 -10.78 1.71
CA MET C 134 -29.22 -10.75 2.97
C MET C 134 -28.28 -10.39 4.10
N GLY C 135 -28.68 -9.42 4.92
CA GLY C 135 -27.90 -9.05 6.08
C GLY C 135 -28.36 -9.70 7.35
N VAL C 136 -27.61 -10.70 7.83
CA VAL C 136 -28.01 -11.48 8.98
C VAL C 136 -27.04 -11.21 10.12
N ILE C 137 -27.29 -11.81 11.27
CA ILE C 137 -26.36 -11.81 12.39
C ILE C 137 -26.11 -13.25 12.79
N GLU C 138 -24.86 -13.69 12.71
CA GLU C 138 -24.50 -15.06 12.98
C GLU C 138 -23.83 -15.18 14.34
N ARG C 139 -23.77 -16.41 14.84
CA ARG C 139 -23.05 -16.70 16.07
C ARG C 139 -21.95 -17.71 15.76
N GLU C 140 -20.88 -17.65 16.55
CA GLU C 140 -19.82 -18.65 16.46
C GLU C 140 -19.20 -18.77 17.86
N GLY C 141 -19.72 -19.70 18.65
CA GLY C 141 -19.23 -19.96 19.99
C GLY C 141 -19.33 -18.79 20.94
N TYR C 142 -20.56 -18.37 21.25
CA TYR C 142 -20.88 -17.25 22.15
C TYR C 142 -20.27 -15.93 21.67
N THR C 143 -20.17 -15.73 20.36
CA THR C 143 -19.81 -14.45 19.78
C THR C 143 -20.90 -14.02 18.83
N LEU C 144 -20.76 -12.80 18.30
CA LEU C 144 -21.73 -12.26 17.34
C LEU C 144 -20.98 -11.58 16.22
N TYR C 145 -21.15 -12.06 14.99
CA TYR C 145 -20.56 -11.43 13.82
C TYR C 145 -21.66 -10.90 12.93
N CYS C 146 -21.56 -9.63 12.55
CA CYS C 146 -22.58 -8.99 11.72
C CYS C 146 -22.20 -9.19 10.26
N THR C 147 -22.57 -10.33 9.70
CA THR C 147 -22.17 -10.72 8.37
C THR C 147 -23.26 -10.41 7.35
N VAL C 148 -22.98 -10.76 6.10
CA VAL C 148 -23.92 -10.60 4.99
C VAL C 148 -23.77 -11.84 4.11
N LEU C 149 -24.86 -12.27 3.48
CA LEU C 149 -24.89 -13.53 2.75
C LEU C 149 -25.15 -13.28 1.26
N PHE C 150 -24.91 -14.31 0.46
CA PHE C 150 -25.05 -14.23 -0.99
C PHE C 150 -25.67 -15.52 -1.51
N PHE C 151 -26.63 -15.40 -2.42
CA PHE C 151 -27.29 -16.55 -3.01
C PHE C 151 -27.54 -16.31 -4.49
N ASP C 152 -27.38 -17.36 -5.28
CA ASP C 152 -27.57 -17.27 -6.73
C ASP C 152 -28.98 -17.72 -7.10
N SER C 153 -29.20 -17.89 -8.40
CA SER C 153 -30.50 -18.28 -8.93
C SER C 153 -30.76 -19.78 -8.86
N GLN C 154 -29.76 -20.58 -8.53
CA GLN C 154 -29.91 -22.03 -8.51
C GLN C 154 -29.91 -22.60 -7.10
N GLY C 155 -30.04 -21.75 -6.08
CA GLY C 155 -30.11 -22.22 -4.71
C GLY C 155 -28.79 -22.64 -4.11
N LEU C 156 -27.68 -22.20 -4.66
CA LEU C 156 -26.37 -22.47 -4.10
C LEU C 156 -26.01 -21.42 -3.06
N PHE C 157 -24.96 -21.72 -2.30
CA PHE C 157 -24.45 -20.81 -1.27
C PHE C 157 -23.07 -20.35 -1.72
N LEU C 158 -22.98 -19.11 -2.19
CA LEU C 158 -21.73 -18.59 -2.74
C LEU C 158 -20.71 -18.32 -1.63
N GLY C 159 -21.07 -17.49 -0.66
CA GLY C 159 -20.15 -17.20 0.43
C GLY C 159 -20.74 -16.16 1.34
N LYS C 160 -19.86 -15.47 2.05
CA LYS C 160 -20.28 -14.48 3.03
C LYS C 160 -19.17 -13.45 3.23
N HIS C 161 -19.57 -12.27 3.71
CA HIS C 161 -18.64 -11.18 3.99
C HIS C 161 -18.90 -10.65 5.39
N ARG C 162 -18.03 -11.01 6.32
CA ARG C 162 -18.13 -10.47 7.68
C ARG C 162 -17.73 -9.00 7.71
N LYS C 163 -18.02 -8.36 8.83
CA LYS C 163 -17.69 -6.95 8.98
C LYS C 163 -16.27 -6.81 9.50
N LEU C 164 -15.54 -5.84 8.95
CA LEU C 164 -14.13 -5.67 9.31
C LEU C 164 -13.99 -5.11 10.72
N MET C 165 -14.57 -3.95 10.98
CA MET C 165 -14.51 -3.41 12.33
C MET C 165 -15.80 -2.70 12.70
N PRO C 166 -16.43 -3.05 13.81
CA PRO C 166 -17.63 -2.33 14.26
C PRO C 166 -17.27 -0.93 14.74
N THR C 167 -18.28 -0.06 14.81
CA THR C 167 -17.98 1.37 14.74
C THR C 167 -17.56 1.97 16.08
N ALA C 168 -18.52 2.17 17.00
CA ALA C 168 -18.17 2.79 18.27
C ALA C 168 -18.57 1.95 19.47
N LEU C 169 -19.85 1.63 19.63
CA LEU C 169 -20.33 0.90 20.79
C LEU C 169 -20.58 -0.56 20.47
N GLU C 170 -20.68 -0.91 19.19
CA GLU C 170 -20.83 -2.29 18.76
C GLU C 170 -19.57 -3.11 18.98
N ARG C 171 -18.44 -2.47 19.30
CA ARG C 171 -17.23 -3.18 19.70
C ARG C 171 -17.44 -3.97 21.00
N CYS C 172 -18.36 -3.53 21.84
CA CYS C 172 -18.59 -4.19 23.12
C CYS C 172 -19.28 -5.54 22.95
N ILE C 173 -20.09 -5.69 21.90
CA ILE C 173 -20.93 -6.87 21.75
C ILE C 173 -20.60 -7.68 20.51
N TRP C 174 -19.93 -7.13 19.52
CA TRP C 174 -19.66 -7.85 18.28
C TRP C 174 -18.17 -8.13 18.14
N GLY C 175 -17.81 -8.80 17.04
CA GLY C 175 -16.47 -9.24 16.80
C GLY C 175 -15.89 -8.69 15.50
N PHE C 176 -14.60 -8.94 15.32
CA PHE C 176 -13.84 -8.41 14.21
C PHE C 176 -13.67 -9.47 13.12
N GLY C 177 -13.76 -9.05 11.87
CA GLY C 177 -13.55 -9.94 10.75
C GLY C 177 -12.10 -9.96 10.33
N ASP C 178 -11.73 -10.98 9.57
CA ASP C 178 -10.36 -11.12 9.10
C ASP C 178 -10.24 -10.67 7.65
N GLY C 179 -9.06 -10.87 7.08
CA GLY C 179 -8.82 -10.44 5.72
C GLY C 179 -9.30 -11.39 4.64
N SER C 180 -9.45 -12.66 4.95
CA SER C 180 -9.78 -13.68 3.95
C SER C 180 -11.29 -13.79 3.74
N THR C 181 -11.95 -12.66 3.51
CA THR C 181 -13.41 -12.65 3.43
C THR C 181 -13.95 -11.81 2.27
N ILE C 182 -13.19 -10.82 1.78
CA ILE C 182 -13.60 -9.88 0.73
C ILE C 182 -13.88 -10.60 -0.57
N PRO C 183 -15.12 -10.57 -1.08
CA PRO C 183 -15.49 -11.42 -2.21
C PRO C 183 -15.41 -10.76 -3.58
N VAL C 184 -15.40 -11.59 -4.63
CA VAL C 184 -15.53 -11.15 -6.01
C VAL C 184 -16.94 -11.46 -6.52
N PHE C 185 -17.29 -12.74 -6.57
CA PHE C 185 -18.62 -13.29 -6.87
C PHE C 185 -19.11 -12.83 -8.25
N ASP C 186 -18.41 -13.31 -9.27
CA ASP C 186 -18.81 -13.05 -10.64
C ASP C 186 -20.07 -13.82 -11.01
N THR C 187 -21.02 -13.14 -11.61
CA THR C 187 -22.31 -13.67 -12.03
C THR C 187 -22.46 -13.43 -13.53
N PRO C 188 -23.40 -14.08 -14.21
CA PRO C 188 -23.65 -13.72 -15.61
C PRO C 188 -24.41 -12.42 -15.83
N ILE C 189 -24.64 -11.62 -14.79
CA ILE C 189 -25.14 -10.26 -14.96
C ILE C 189 -24.12 -9.22 -14.50
N GLY C 190 -22.92 -9.65 -14.12
CA GLY C 190 -21.88 -8.75 -13.68
C GLY C 190 -21.21 -9.28 -12.44
N LYS C 191 -20.42 -8.41 -11.80
CA LYS C 191 -19.73 -8.74 -10.57
C LYS C 191 -20.31 -7.91 -9.44
N ILE C 192 -20.72 -8.58 -8.36
CA ILE C 192 -21.38 -7.91 -7.25
C ILE C 192 -20.53 -8.04 -5.99
N GLY C 193 -20.46 -6.96 -5.22
CA GLY C 193 -19.76 -6.95 -3.95
C GLY C 193 -20.62 -6.30 -2.89
N ALA C 194 -20.07 -6.17 -1.69
CA ALA C 194 -20.84 -5.60 -0.60
C ALA C 194 -19.91 -4.96 0.42
N ALA C 195 -20.51 -4.10 1.23
CA ALA C 195 -19.86 -3.46 2.37
C ALA C 195 -20.95 -3.03 3.32
N ILE C 196 -20.56 -2.74 4.56
CA ILE C 196 -21.54 -2.51 5.63
C ILE C 196 -21.29 -1.08 6.10
N CYS C 197 -21.95 -0.66 7.17
CA CYS C 197 -22.26 0.72 7.56
C CYS C 197 -21.13 1.74 7.40
N TRP C 198 -20.04 1.58 8.15
CA TRP C 198 -18.91 2.49 8.07
C TRP C 198 -17.64 1.83 7.57
N GLU C 199 -17.78 0.79 6.74
CA GLU C 199 -16.64 0.35 5.96
C GLU C 199 -16.52 1.11 4.65
N ASN C 200 -17.57 1.83 4.26
CA ASN C 200 -17.57 2.61 3.04
C ASN C 200 -16.81 3.92 3.17
N ARG C 201 -16.34 4.27 4.37
CA ARG C 201 -15.57 5.47 4.57
C ARG C 201 -14.07 5.24 4.54
N MET C 202 -13.63 3.99 4.63
CA MET C 202 -12.21 3.70 4.51
C MET C 202 -11.77 3.92 3.08
N PRO C 203 -10.61 4.51 2.83
CA PRO C 203 -10.12 4.60 1.45
C PRO C 203 -9.46 3.32 0.97
N SER C 204 -8.79 2.59 1.86
CA SER C 204 -8.05 1.40 1.45
C SER C 204 -8.97 0.25 1.10
N LEU C 205 -10.08 0.09 1.81
CA LEU C 205 -11.01 -0.99 1.47
C LEU C 205 -11.71 -0.73 0.15
N ARG C 206 -12.00 0.53 -0.15
CA ARG C 206 -12.64 0.83 -1.43
C ARG C 206 -11.67 0.68 -2.59
N THR C 207 -10.41 1.05 -2.40
CA THR C 207 -9.46 0.78 -3.48
C THR C 207 -8.97 -0.66 -3.50
N ALA C 208 -9.36 -1.47 -2.53
CA ALA C 208 -9.22 -2.92 -2.65
C ALA C 208 -10.43 -3.56 -3.32
N MET C 209 -11.61 -2.95 -3.20
CA MET C 209 -12.76 -3.42 -3.95
C MET C 209 -12.64 -3.06 -5.42
N TYR C 210 -12.08 -1.89 -5.73
CA TYR C 210 -12.00 -1.43 -7.12
C TYR C 210 -11.02 -2.25 -7.94
N ALA C 211 -10.00 -2.83 -7.30
CA ALA C 211 -9.00 -3.60 -8.02
C ALA C 211 -9.49 -4.97 -8.44
N LYS C 212 -10.62 -5.42 -7.92
CA LYS C 212 -11.19 -6.71 -8.29
C LYS C 212 -12.26 -6.60 -9.36
N GLY C 213 -12.71 -5.39 -9.68
CA GLY C 213 -13.65 -5.19 -10.77
C GLY C 213 -15.11 -5.17 -10.35
N ILE C 214 -15.44 -4.36 -9.36
CA ILE C 214 -16.81 -4.25 -8.90
C ILE C 214 -17.55 -3.24 -9.77
N GLU C 215 -18.73 -3.62 -10.26
CA GLU C 215 -19.60 -2.66 -10.94
C GLU C 215 -21.03 -2.65 -10.42
N ILE C 216 -21.39 -3.51 -9.46
CA ILE C 216 -22.65 -3.41 -8.73
C ILE C 216 -22.29 -3.51 -7.25
N TYR C 217 -22.42 -2.41 -6.53
CA TYR C 217 -21.79 -2.24 -5.22
C TYR C 217 -22.87 -2.02 -4.17
N CYS C 218 -23.36 -3.12 -3.60
CA CYS C 218 -24.38 -3.05 -2.56
C CYS C 218 -23.77 -2.54 -1.27
N ALA C 219 -24.57 -1.79 -0.50
CA ALA C 219 -24.10 -1.22 0.76
C ALA C 219 -25.27 -0.99 1.71
N PRO C 220 -25.62 -1.99 2.52
CA PRO C 220 -26.59 -1.75 3.59
C PRO C 220 -25.99 -0.87 4.68
N THR C 221 -26.88 -0.26 5.47
CA THR C 221 -26.45 0.61 6.56
C THR C 221 -27.53 0.67 7.62
N ALA C 222 -27.25 1.41 8.68
CA ALA C 222 -28.21 1.58 9.78
C ALA C 222 -28.23 3.02 10.28
N ASP C 223 -28.14 4.01 9.39
CA ASP C 223 -28.26 5.41 9.77
C ASP C 223 -29.07 6.16 8.73
N SER C 224 -29.55 7.34 9.12
CA SER C 224 -30.43 8.15 8.27
C SER C 224 -30.09 9.63 8.48
N ARG C 225 -29.20 10.15 7.65
CA ARG C 225 -28.84 11.56 7.67
C ARG C 225 -28.81 12.10 6.24
N GLU C 226 -28.69 13.41 6.12
CA GLU C 226 -28.35 14.03 4.84
C GLU C 226 -26.93 13.69 4.41
N THR C 227 -26.06 13.44 5.40
CA THR C 227 -24.69 12.95 5.23
C THR C 227 -24.58 11.75 4.29
N TRP C 228 -25.52 10.80 4.37
CA TRP C 228 -25.33 9.51 3.72
C TRP C 228 -25.48 9.59 2.20
N LEU C 229 -26.40 10.43 1.71
CA LEU C 229 -26.54 10.58 0.27
C LEU C 229 -25.34 11.28 -0.35
N ALA C 230 -24.82 12.30 0.33
CA ALA C 230 -23.60 12.97 -0.13
C ALA C 230 -22.37 12.08 0.02
N SER C 231 -22.40 11.09 0.91
CA SER C 231 -21.27 10.19 1.03
C SER C 231 -21.35 9.04 0.03
N MET C 232 -22.54 8.73 -0.49
CA MET C 232 -22.62 7.73 -1.53
C MET C 232 -22.43 8.27 -2.94
N THR C 233 -22.72 9.55 -3.16
CA THR C 233 -22.46 10.14 -4.48
C THR C 233 -20.97 10.14 -4.81
N HIS C 234 -20.12 10.33 -3.80
CA HIS C 234 -18.67 10.29 -4.01
C HIS C 234 -18.20 8.89 -4.39
N ILE C 235 -18.77 7.85 -3.80
CA ILE C 235 -18.38 6.49 -4.15
C ILE C 235 -18.85 6.14 -5.55
N ALA C 236 -20.07 6.56 -5.90
CA ALA C 236 -20.59 6.30 -7.25
C ALA C 236 -19.82 7.06 -8.32
N LEU C 237 -19.18 8.19 -7.97
CA LEU C 237 -18.36 8.90 -8.94
C LEU C 237 -16.93 8.38 -8.99
N GLU C 238 -16.35 8.07 -7.83
CA GLU C 238 -14.99 7.56 -7.74
C GLU C 238 -14.87 6.17 -8.35
N GLY C 239 -15.97 5.43 -8.40
CA GLY C 239 -16.00 4.06 -8.88
C GLY C 239 -16.40 4.03 -10.34
N GLY C 240 -17.68 3.81 -10.59
CA GLY C 240 -18.16 3.46 -11.91
C GLY C 240 -19.21 2.40 -11.71
N CYS C 241 -19.52 2.16 -10.45
CA CYS C 241 -20.43 1.12 -10.00
C CYS C 241 -21.78 1.70 -9.61
N PHE C 242 -22.84 0.93 -9.88
CA PHE C 242 -24.20 1.29 -9.49
C PHE C 242 -24.35 1.09 -8.00
N VAL C 243 -24.19 2.16 -7.23
CA VAL C 243 -24.30 2.09 -5.78
C VAL C 243 -25.76 1.87 -5.41
N LEU C 244 -26.01 0.83 -4.61
CA LEU C 244 -27.35 0.34 -4.35
C LEU C 244 -27.51 0.13 -2.85
N SER C 245 -27.90 1.17 -2.14
CA SER C 245 -27.97 1.15 -0.69
C SER C 245 -29.34 0.70 -0.21
N ALA C 246 -29.43 0.41 1.09
CA ALA C 246 -30.67 -0.06 1.69
C ALA C 246 -30.65 0.24 3.17
N ASN C 247 -31.75 0.75 3.69
CA ASN C 247 -31.89 1.04 5.11
C ASN C 247 -33.30 0.67 5.54
N GLN C 248 -33.50 0.52 6.85
CA GLN C 248 -34.78 0.05 7.38
C GLN C 248 -35.56 1.21 8.00
N PHE C 249 -36.85 0.96 8.23
CA PHE C 249 -37.79 1.99 8.71
C PHE C 249 -38.64 1.38 9.82
N CYS C 250 -38.48 1.88 11.04
CA CYS C 250 -39.17 1.31 12.19
C CYS C 250 -39.72 2.44 13.06
N ARG C 251 -40.61 2.07 13.97
CA ARG C 251 -41.21 3.01 14.91
C ARG C 251 -41.22 2.45 16.34
N VAL C 276 -37.27 8.19 15.30
CA VAL C 276 -37.80 6.96 14.74
C VAL C 276 -36.83 6.37 13.72
N CYS C 277 -35.84 7.19 13.33
CA CYS C 277 -34.76 6.84 12.40
C CYS C 277 -35.32 6.39 11.05
N ALA C 278 -35.97 7.33 10.37
CA ALA C 278 -36.58 7.09 9.06
C ALA C 278 -35.49 6.98 8.00
N GLY C 279 -35.06 5.75 7.74
CA GLY C 279 -34.01 5.51 6.78
C GLY C 279 -34.48 5.72 5.35
N GLY C 280 -33.55 6.15 4.51
CA GLY C 280 -33.85 6.35 3.10
C GLY C 280 -32.91 5.65 2.16
N SER C 281 -33.41 4.68 1.41
CA SER C 281 -32.62 3.93 0.45
C SER C 281 -32.76 4.55 -0.93
N SER C 282 -31.80 4.26 -1.80
CA SER C 282 -31.77 4.85 -3.13
C SER C 282 -30.95 3.97 -4.06
N ILE C 283 -30.68 4.49 -5.25
CA ILE C 283 -29.85 3.86 -6.26
C ILE C 283 -29.27 4.95 -7.15
N ILE C 284 -27.96 4.93 -7.37
CA ILE C 284 -27.27 6.05 -7.99
C ILE C 284 -26.51 5.57 -9.22
N SER C 285 -26.72 6.26 -10.34
CA SER C 285 -25.98 6.03 -11.57
C SER C 285 -24.50 6.36 -11.38
N PRO C 286 -23.60 5.76 -12.18
CA PRO C 286 -22.18 6.11 -12.07
C PRO C 286 -21.80 7.43 -12.71
N LEU C 287 -22.76 8.28 -13.07
CA LEU C 287 -22.47 9.67 -13.42
C LEU C 287 -22.89 10.63 -12.33
N GLY C 288 -23.49 10.15 -11.25
CA GLY C 288 -23.99 11.01 -10.20
C GLY C 288 -25.45 11.40 -10.35
N ILE C 289 -26.27 10.53 -10.93
CA ILE C 289 -27.67 10.83 -11.21
C ILE C 289 -28.52 9.85 -10.42
N VAL C 290 -29.29 10.37 -9.48
CA VAL C 290 -30.13 9.53 -8.62
C VAL C 290 -31.32 9.03 -9.43
N LEU C 291 -31.42 7.71 -9.58
CA LEU C 291 -32.55 7.13 -10.30
C LEU C 291 -33.81 7.15 -9.47
N ALA C 292 -33.76 6.57 -8.26
CA ALA C 292 -34.90 6.54 -7.36
C ALA C 292 -34.51 7.26 -6.08
N GLY C 293 -35.34 8.20 -5.65
CA GLY C 293 -34.96 9.16 -4.64
C GLY C 293 -34.93 8.58 -3.24
N PRO C 294 -34.48 9.42 -2.30
CA PRO C 294 -34.41 8.98 -0.90
C PRO C 294 -35.78 8.91 -0.23
N ASN C 295 -36.45 7.76 -0.35
CA ASN C 295 -37.83 7.62 0.10
C ASN C 295 -37.91 7.65 1.63
N TYR C 296 -38.17 8.83 2.18
CA TYR C 296 -38.41 8.99 3.61
C TYR C 296 -39.89 8.79 3.97
N ARG C 297 -40.74 8.52 2.99
CA ARG C 297 -42.19 8.51 3.16
C ARG C 297 -42.63 7.08 3.46
N GLY C 298 -42.47 6.67 4.72
CA GLY C 298 -42.86 5.34 5.13
C GLY C 298 -41.96 4.27 4.56
N GLU C 299 -42.43 3.03 4.66
CA GLU C 299 -41.73 1.88 4.10
C GLU C 299 -42.44 1.43 2.83
N ALA C 300 -41.65 1.03 1.84
CA ALA C 300 -42.17 0.67 0.52
C ALA C 300 -41.13 -0.16 -0.22
N LEU C 301 -41.44 -0.48 -1.47
CA LEU C 301 -40.49 -1.12 -2.36
C LEU C 301 -39.98 -0.09 -3.35
N ILE C 302 -38.71 -0.20 -3.73
CA ILE C 302 -38.05 0.74 -4.63
C ILE C 302 -37.41 -0.05 -5.75
N THR C 303 -37.75 0.28 -6.99
CA THR C 303 -37.23 -0.42 -8.15
C THR C 303 -36.72 0.55 -9.19
N ALA C 304 -35.76 0.08 -9.98
CA ALA C 304 -35.20 0.81 -11.12
C ALA C 304 -34.49 -0.21 -12.00
N ASP C 305 -34.12 0.21 -13.20
CA ASP C 305 -33.39 -0.63 -14.13
C ASP C 305 -31.95 -0.17 -14.24
N LEU C 306 -31.08 -1.09 -14.67
CA LEU C 306 -29.63 -0.86 -14.68
C LEU C 306 -29.12 -1.11 -16.10
N ASP C 307 -28.52 -0.08 -16.69
CA ASP C 307 -27.90 -0.20 -18.01
C ASP C 307 -26.42 -0.50 -17.83
N LEU C 308 -25.99 -1.72 -18.16
CA LEU C 308 -24.60 -2.10 -18.01
C LEU C 308 -23.68 -1.48 -19.05
N GLY C 309 -24.21 -0.82 -20.07
CA GLY C 309 -23.41 -0.05 -20.98
C GLY C 309 -23.13 1.36 -20.53
N ASP C 310 -23.59 1.73 -19.34
CA ASP C 310 -23.35 3.05 -18.77
C ASP C 310 -22.14 3.04 -17.83
N ILE C 311 -21.23 2.08 -18.01
CA ILE C 311 -20.00 2.01 -17.23
C ILE C 311 -18.78 2.23 -18.11
N ALA C 312 -18.74 1.58 -19.28
CA ALA C 312 -17.65 1.81 -20.22
C ALA C 312 -17.73 3.20 -20.86
N ARG C 313 -18.89 3.84 -20.83
CA ARG C 313 -18.98 5.24 -21.21
C ARG C 313 -18.76 6.17 -20.03
N ALA C 314 -18.75 5.64 -18.81
CA ALA C 314 -18.52 6.47 -17.63
C ALA C 314 -17.07 6.47 -17.19
N LYS C 315 -16.29 5.45 -17.56
CA LYS C 315 -14.88 5.38 -17.23
C LYS C 315 -14.00 5.95 -18.34
N PHE C 316 -14.52 6.90 -19.10
CA PHE C 316 -13.73 7.62 -20.08
C PHE C 316 -13.00 8.80 -19.44
N ASP C 317 -13.61 9.41 -18.42
CA ASP C 317 -13.01 10.56 -17.76
C ASP C 317 -11.98 10.13 -16.71
N PHE C 318 -12.43 9.42 -15.68
CA PHE C 318 -11.63 9.30 -14.47
C PHE C 318 -10.74 8.07 -14.50
N ASP C 319 -11.35 6.88 -14.49
CA ASP C 319 -10.67 5.59 -14.62
C ASP C 319 -9.65 5.38 -13.49
N VAL C 320 -10.13 5.01 -12.30
CA VAL C 320 -9.36 4.47 -11.18
C VAL C 320 -8.79 3.09 -11.57
N VAL C 321 -8.17 2.35 -10.64
CA VAL C 321 -6.85 1.71 -10.65
C VAL C 321 -6.14 1.45 -12.00
N GLY C 322 -6.86 1.37 -13.12
CA GLY C 322 -6.24 1.79 -14.38
C GLY C 322 -6.17 3.30 -14.48
N HIS C 323 -6.04 3.88 -15.67
CA HIS C 323 -4.80 4.52 -16.10
C HIS C 323 -4.36 5.74 -15.24
N TYR C 324 -5.17 6.16 -14.26
CA TYR C 324 -4.69 6.94 -13.12
C TYR C 324 -3.99 6.06 -12.10
N SER C 325 -3.81 6.61 -10.89
CA SER C 325 -3.26 5.93 -9.73
C SER C 325 -1.86 5.41 -10.03
N ARG C 326 -0.95 6.38 -10.23
CA ARG C 326 0.43 6.22 -10.65
C ARG C 326 1.16 5.12 -9.89
N PRO C 327 1.47 4.00 -10.53
CA PRO C 327 2.17 2.92 -9.82
C PRO C 327 3.61 3.23 -9.50
N GLU C 328 4.17 4.28 -10.10
CA GLU C 328 5.55 4.64 -9.86
C GLU C 328 5.75 5.40 -8.56
N VAL C 329 4.69 5.82 -7.89
CA VAL C 329 4.78 6.48 -6.60
C VAL C 329 3.98 5.78 -5.51
N PHE C 330 2.74 5.37 -5.81
CA PHE C 330 1.90 4.67 -4.84
C PHE C 330 1.96 3.17 -5.12
N SER C 331 1.75 2.39 -4.06
CA SER C 331 1.67 0.93 -4.18
C SER C 331 0.98 0.39 -2.94
N LEU C 332 0.05 -0.53 -3.12
CA LEU C 332 -0.71 -1.10 -2.03
C LEU C 332 -0.55 -2.62 -2.02
N ASN C 333 -0.64 -3.22 -0.84
CA ASN C 333 -0.67 -4.67 -0.76
C ASN C 333 -1.56 -5.12 0.39
N ILE C 334 -2.45 -6.06 0.09
CA ILE C 334 -3.42 -6.58 1.04
C ILE C 334 -3.00 -7.98 1.44
N ARG C 335 -2.87 -8.21 2.74
CA ARG C 335 -2.53 -9.52 3.29
C ARG C 335 -3.82 -10.25 3.58
N GLU C 336 -4.08 -11.32 2.84
CA GLU C 336 -5.35 -12.02 2.87
C GLU C 336 -5.12 -13.47 3.31
N HIS C 337 -5.06 -13.67 4.62
CA HIS C 337 -4.77 -14.98 5.19
C HIS C 337 -5.90 -15.44 6.09
N PRO C 338 -6.26 -16.71 6.06
CA PRO C 338 -7.25 -17.23 7.00
C PRO C 338 -6.64 -17.56 8.34
N ARG C 339 -6.48 -16.57 9.22
CA ARG C 339 -5.80 -16.78 10.49
C ARG C 339 -6.82 -17.14 11.57
N LYS C 340 -6.51 -18.18 12.33
CA LYS C 340 -7.37 -18.69 13.39
C LYS C 340 -6.48 -19.00 14.59
N ALA C 341 -7.07 -19.00 15.78
CA ALA C 341 -6.27 -19.12 17.00
C ALA C 341 -5.74 -20.53 17.18
N VAL C 342 -6.61 -21.53 17.25
CA VAL C 342 -6.25 -22.91 17.52
C VAL C 342 -6.49 -23.74 16.27
N SER C 343 -5.48 -24.46 15.82
CA SER C 343 -5.54 -25.23 14.57
C SER C 343 -5.18 -26.67 14.85
N PHE C 344 -6.17 -27.54 14.91
CA PHE C 344 -5.91 -28.96 15.10
C PHE C 344 -5.46 -29.59 13.79
N LYS C 345 -4.45 -30.45 13.87
CA LYS C 345 -4.00 -31.21 12.72
C LYS C 345 -3.87 -32.68 13.08
N THR C 346 -4.44 -33.54 12.24
CA THR C 346 -4.47 -34.98 12.48
C THR C 346 -3.93 -35.74 11.27
N SER C 347 -4.10 -37.05 11.28
CA SER C 347 -3.70 -37.90 10.15
C SER C 347 -4.60 -39.12 10.06
N ILE D 35 -8.21 29.81 17.56
CA ILE D 35 -9.25 30.16 16.60
C ILE D 35 -8.71 31.11 15.54
N VAL D 36 -8.75 30.66 14.28
CA VAL D 36 -8.34 31.49 13.16
C VAL D 36 -9.55 31.76 12.28
N ARG D 37 -9.36 32.59 11.25
CA ARG D 37 -10.40 32.83 10.27
C ARG D 37 -9.75 32.98 8.90
N ALA D 38 -10.42 32.45 7.88
CA ALA D 38 -9.82 32.35 6.56
C ALA D 38 -10.82 32.77 5.50
N THR D 39 -10.29 33.22 4.36
CA THR D 39 -11.10 33.69 3.25
C THR D 39 -10.75 32.95 1.97
N VAL D 40 -11.73 32.85 1.08
CA VAL D 40 -11.51 32.41 -0.30
C VAL D 40 -12.02 33.52 -1.21
N VAL D 41 -11.47 33.57 -2.42
CA VAL D 41 -11.89 34.56 -3.40
C VAL D 41 -12.52 33.81 -4.57
N GLN D 42 -13.16 34.57 -5.46
CA GLN D 42 -13.90 33.97 -6.56
C GLN D 42 -13.69 34.76 -7.84
N ALA D 43 -12.69 35.64 -7.88
CA ALA D 43 -12.49 36.49 -9.03
C ALA D 43 -11.79 35.74 -10.15
N SER D 44 -11.79 36.34 -11.35
CA SER D 44 -11.19 35.73 -12.52
C SER D 44 -10.04 36.60 -13.01
N THR D 45 -9.20 35.99 -13.84
CA THR D 45 -8.06 36.67 -14.43
C THR D 45 -8.44 37.26 -15.78
N VAL D 46 -7.59 38.15 -16.28
CA VAL D 46 -7.78 38.74 -17.60
C VAL D 46 -7.17 37.89 -18.71
N PHE D 47 -6.53 36.78 -18.34
CA PHE D 47 -6.15 35.65 -19.19
C PHE D 47 -4.96 35.93 -20.13
N TYR D 48 -4.59 37.20 -20.25
CA TYR D 48 -3.45 37.65 -21.05
C TYR D 48 -2.82 38.81 -20.31
N ASP D 49 -1.55 39.09 -20.66
CA ASP D 49 -0.76 40.19 -20.09
C ASP D 49 -0.65 40.05 -18.57
N THR D 50 0.08 39.00 -18.17
CA THR D 50 0.25 38.61 -16.76
C THR D 50 0.80 39.64 -15.76
N PRO D 51 1.51 40.72 -16.12
CA PRO D 51 1.70 41.77 -15.10
C PRO D 51 0.47 42.63 -14.84
N ALA D 52 -0.57 42.53 -15.66
CA ALA D 52 -1.79 43.30 -15.41
C ALA D 52 -2.77 42.57 -14.51
N THR D 53 -2.72 41.25 -14.45
CA THR D 53 -3.57 40.46 -13.57
C THR D 53 -2.98 40.30 -12.18
N LEU D 54 -1.89 41.01 -11.87
CA LEU D 54 -1.22 40.90 -10.59
C LEU D 54 -1.62 42.02 -9.64
N ASP D 55 -2.19 43.11 -10.15
CA ASP D 55 -2.71 44.18 -9.31
C ASP D 55 -4.15 43.95 -8.86
N LYS D 56 -4.91 43.14 -9.62
CA LYS D 56 -6.18 42.64 -9.13
C LYS D 56 -5.98 41.83 -7.86
N ALA D 57 -4.92 41.02 -7.82
CA ALA D 57 -4.52 40.30 -6.62
C ALA D 57 -4.18 41.23 -5.49
N GLU D 58 -3.52 42.36 -5.78
CA GLU D 58 -3.20 43.36 -4.75
C GLU D 58 -4.43 43.99 -4.15
N ARG D 59 -5.37 44.44 -4.99
CA ARG D 59 -6.55 45.11 -4.45
C ARG D 59 -7.49 44.13 -3.75
N LEU D 60 -7.56 42.88 -4.21
CA LEU D 60 -8.33 41.88 -3.48
C LEU D 60 -7.67 41.49 -2.17
N LEU D 61 -6.34 41.46 -2.14
CA LEU D 61 -5.63 41.15 -0.91
C LEU D 61 -5.79 42.26 0.12
N SER D 62 -5.84 43.52 -0.33
CA SER D 62 -6.09 44.61 0.61
C SER D 62 -7.55 44.62 1.11
N GLU D 63 -8.51 44.35 0.23
CA GLU D 63 -9.90 44.27 0.68
C GLU D 63 -10.15 43.07 1.57
N ALA D 64 -9.37 42.00 1.42
CA ALA D 64 -9.45 40.88 2.35
C ALA D 64 -8.64 41.13 3.61
N ALA D 65 -7.74 42.11 3.58
CA ALA D 65 -6.99 42.49 4.77
C ALA D 65 -7.80 43.36 5.71
N GLU D 66 -8.69 44.20 5.18
CA GLU D 66 -9.31 45.24 5.99
C GLU D 66 -10.34 44.72 6.99
N ASN D 67 -10.71 43.44 6.94
CA ASN D 67 -11.62 42.87 7.93
C ASN D 67 -10.94 41.87 8.86
N GLY D 68 -9.62 41.94 9.00
CA GLY D 68 -8.91 41.15 9.99
C GLY D 68 -8.79 39.67 9.68
N SER D 69 -8.54 39.32 8.42
CA SER D 69 -8.42 37.92 8.03
C SER D 69 -7.00 37.44 8.30
N GLN D 70 -6.80 36.14 8.09
CA GLN D 70 -5.52 35.53 8.43
C GLN D 70 -5.03 34.53 7.39
N LEU D 71 -5.85 34.11 6.43
CA LEU D 71 -5.46 33.10 5.46
C LEU D 71 -6.29 33.27 4.20
N VAL D 72 -5.64 33.49 3.07
CA VAL D 72 -6.32 33.81 1.81
C VAL D 72 -6.00 32.74 0.79
N VAL D 73 -7.02 32.20 0.14
CA VAL D 73 -6.89 31.13 -0.85
C VAL D 73 -7.38 31.63 -2.19
N PHE D 74 -6.53 31.49 -3.22
CA PHE D 74 -6.81 31.86 -4.59
C PHE D 74 -7.12 30.63 -5.45
N PRO D 75 -7.92 30.77 -6.53
CA PRO D 75 -8.34 29.59 -7.29
C PRO D 75 -7.25 28.95 -8.14
N GLU D 76 -7.65 27.93 -8.91
CA GLU D 76 -6.71 27.20 -9.75
C GLU D 76 -6.37 28.00 -10.99
N ALA D 77 -5.07 28.03 -11.33
CA ALA D 77 -4.52 28.65 -12.54
C ALA D 77 -4.87 30.14 -12.62
N PHE D 78 -4.59 30.84 -11.52
CA PHE D 78 -4.97 32.23 -11.43
C PHE D 78 -4.04 33.15 -12.21
N ILE D 79 -2.74 32.96 -12.09
CA ILE D 79 -1.78 33.84 -12.75
C ILE D 79 -1.62 33.49 -14.22
N GLY D 80 -1.43 32.21 -14.53
CA GLY D 80 -1.19 31.82 -15.91
C GLY D 80 -2.42 31.87 -16.79
N GLY D 81 -3.60 31.68 -16.22
CA GLY D 81 -4.82 31.66 -17.01
C GLY D 81 -5.21 30.26 -17.43
N TYR D 82 -6.51 30.00 -17.42
CA TYR D 82 -7.03 28.67 -17.70
C TYR D 82 -7.82 28.70 -19.00
N PRO D 83 -7.28 28.15 -20.10
CA PRO D 83 -7.96 28.29 -21.39
C PRO D 83 -9.20 27.42 -21.47
N ARG D 84 -10.37 28.03 -21.38
CA ARG D 84 -11.62 27.29 -21.37
C ARG D 84 -12.22 27.26 -22.77
N GLY D 85 -12.67 26.09 -23.19
CA GLY D 85 -13.34 25.95 -24.45
C GLY D 85 -12.46 25.76 -25.67
N SER D 86 -11.19 26.16 -25.59
CA SER D 86 -10.29 26.04 -26.72
C SER D 86 -9.87 24.58 -26.92
N THR D 87 -9.68 24.18 -28.17
CA THR D 87 -9.35 22.80 -28.49
C THR D 87 -7.98 22.61 -29.11
N PHE D 88 -7.33 23.68 -29.58
CA PHE D 88 -6.03 23.73 -30.23
C PHE D 88 -5.98 22.95 -31.55
N GLU D 89 -7.12 22.46 -32.06
CA GLU D 89 -7.26 21.70 -33.30
C GLU D 89 -6.35 20.47 -33.33
N LEU D 90 -6.57 19.56 -32.37
CA LEU D 90 -5.85 18.30 -32.29
C LEU D 90 -6.81 17.17 -32.63
N ALA D 91 -6.75 16.67 -33.86
CA ALA D 91 -7.70 15.62 -34.23
C ALA D 91 -7.21 14.25 -33.79
N ILE D 92 -6.17 13.73 -34.43
CA ILE D 92 -5.54 12.51 -33.97
C ILE D 92 -4.02 12.67 -34.09
N GLY D 93 -3.61 13.85 -34.53
CA GLY D 93 -2.28 14.01 -35.08
C GLY D 93 -2.30 14.68 -36.43
N SER D 94 -3.34 15.47 -36.69
CA SER D 94 -3.37 16.30 -37.89
C SER D 94 -2.44 17.48 -37.77
N ARG D 95 -2.53 18.22 -36.66
CA ARG D 95 -1.64 19.34 -36.29
C ARG D 95 -1.66 20.45 -37.34
N THR D 96 -2.82 21.12 -37.42
CA THR D 96 -2.98 22.26 -38.30
C THR D 96 -2.12 23.44 -37.83
N ALA D 97 -1.96 24.42 -38.71
CA ALA D 97 -1.09 25.56 -38.43
C ALA D 97 -1.64 26.46 -37.33
N LYS D 98 -2.96 26.54 -37.16
CA LYS D 98 -3.54 27.35 -36.10
C LYS D 98 -3.79 26.51 -34.85
N GLY D 99 -2.74 25.84 -34.40
CA GLY D 99 -2.67 25.38 -33.03
C GLY D 99 -1.33 25.76 -32.45
N ARG D 100 -0.37 25.96 -33.34
CA ARG D 100 1.00 26.25 -32.90
C ARG D 100 1.12 27.69 -32.42
N ASP D 101 0.53 28.62 -33.18
CA ASP D 101 0.55 30.02 -32.78
C ASP D 101 -0.29 30.25 -31.53
N ASP D 102 -1.38 29.50 -31.40
CA ASP D 102 -2.19 29.55 -30.18
C ASP D 102 -1.40 29.03 -28.99
N PHE D 103 -0.60 27.97 -29.20
CA PHE D 103 0.19 27.45 -28.10
C PHE D 103 1.33 28.39 -27.71
N ARG D 104 1.96 29.06 -28.68
CA ARG D 104 3.04 29.96 -28.30
C ARG D 104 2.52 31.24 -27.67
N LYS D 105 1.33 31.70 -28.06
CA LYS D 105 0.72 32.84 -27.39
C LYS D 105 0.28 32.48 -25.98
N TYR D 106 -0.03 31.21 -25.73
CA TYR D 106 -0.31 30.80 -24.36
C TYR D 106 0.97 30.55 -23.57
N HIS D 107 2.03 30.12 -24.24
CA HIS D 107 3.29 29.83 -23.57
C HIS D 107 4.01 31.10 -23.14
N ALA D 108 3.86 32.18 -23.91
CA ALA D 108 4.54 33.43 -23.58
C ALA D 108 3.92 34.17 -22.41
N SER D 109 2.87 33.64 -21.78
CA SER D 109 2.21 34.29 -20.66
C SER D 109 2.26 33.42 -19.39
N ALA D 110 3.38 32.75 -19.16
CA ALA D 110 3.59 31.96 -17.97
C ALA D 110 4.79 32.49 -17.18
N ILE D 111 4.91 32.06 -15.93
CA ILE D 111 5.96 32.56 -15.06
C ILE D 111 6.94 31.42 -14.77
N ASP D 112 7.99 31.72 -14.00
CA ASP D 112 8.95 30.71 -13.63
C ASP D 112 9.47 30.98 -12.22
N VAL D 113 9.64 29.91 -11.44
CA VAL D 113 10.04 30.06 -10.04
C VAL D 113 11.45 29.51 -9.85
N PRO D 114 12.27 30.12 -8.96
CA PRO D 114 12.05 31.45 -8.38
C PRO D 114 12.45 32.55 -9.37
N GLY D 115 11.71 33.64 -9.40
CA GLY D 115 11.96 34.70 -10.34
C GLY D 115 11.38 36.03 -9.90
N PRO D 116 11.17 36.94 -10.85
CA PRO D 116 10.67 38.27 -10.49
C PRO D 116 9.20 38.29 -10.13
N GLU D 117 8.44 37.25 -10.42
CA GLU D 117 7.02 37.23 -10.12
C GLU D 117 6.69 36.65 -8.75
N VAL D 118 7.63 35.97 -8.11
CA VAL D 118 7.41 35.50 -6.75
C VAL D 118 8.03 36.45 -5.71
N GLU D 119 9.01 37.25 -6.10
CA GLU D 119 9.54 38.28 -5.20
C GLU D 119 8.48 39.33 -4.89
N ARG D 120 7.66 39.68 -5.88
CA ARG D 120 6.60 40.65 -5.63
C ARG D 120 5.49 40.07 -4.76
N LEU D 121 5.23 38.76 -4.89
CA LEU D 121 4.22 38.15 -4.01
C LEU D 121 4.75 38.00 -2.59
N ALA D 122 6.04 37.72 -2.43
CA ALA D 122 6.65 37.69 -1.10
C ALA D 122 6.62 39.08 -0.46
N LEU D 123 6.91 40.11 -1.25
CA LEU D 123 6.82 41.48 -0.75
C LEU D 123 5.37 41.88 -0.47
N MET D 124 4.41 41.28 -1.18
CA MET D 124 3.00 41.53 -0.92
C MET D 124 2.57 40.94 0.41
N ALA D 125 2.94 39.69 0.67
CA ALA D 125 2.59 39.06 1.93
C ALA D 125 3.48 39.48 3.08
N LYS D 126 4.58 40.20 2.80
CA LYS D 126 5.51 40.63 3.84
C LYS D 126 5.06 41.92 4.52
N LYS D 127 4.17 42.69 3.89
CA LYS D 127 3.77 43.99 4.42
C LYS D 127 3.02 43.87 5.74
N TYR D 128 2.13 42.88 5.85
CA TYR D 128 1.43 42.64 7.11
C TYR D 128 1.38 41.13 7.35
N LYS D 129 0.63 40.70 8.35
CA LYS D 129 0.59 39.31 8.76
C LYS D 129 -0.58 38.60 8.10
N VAL D 130 -0.27 37.74 7.11
CA VAL D 130 -1.24 36.87 6.47
C VAL D 130 -0.49 35.70 5.85
N TYR D 131 -1.13 34.53 5.84
CA TYR D 131 -0.61 33.38 5.12
C TYR D 131 -1.24 33.37 3.73
N LEU D 132 -0.46 32.94 2.73
CA LEU D 132 -0.85 33.11 1.34
C LEU D 132 -0.60 31.82 0.60
N VAL D 133 -1.64 31.29 -0.04
CA VAL D 133 -1.47 30.26 -1.05
C VAL D 133 -1.89 30.87 -2.37
N MET D 134 -1.43 30.28 -3.47
CA MET D 134 -1.65 30.88 -4.78
C MET D 134 -1.51 29.81 -5.85
N GLY D 135 -2.47 29.74 -6.75
CA GLY D 135 -2.42 28.80 -7.85
C GLY D 135 -1.89 29.42 -9.13
N VAL D 136 -0.64 29.11 -9.48
CA VAL D 136 0.02 29.72 -10.63
C VAL D 136 0.24 28.67 -11.69
N ILE D 137 0.79 29.08 -12.83
CA ILE D 137 1.26 28.16 -13.86
C ILE D 137 2.71 28.50 -14.16
N GLU D 138 3.60 27.54 -13.95
CA GLU D 138 5.03 27.75 -14.10
C GLU D 138 5.51 27.11 -15.39
N ARG D 139 6.69 27.53 -15.83
CA ARG D 139 7.36 26.93 -16.97
C ARG D 139 8.69 26.35 -16.52
N GLU D 140 9.13 25.30 -17.21
CA GLU D 140 10.46 24.75 -16.99
C GLU D 140 10.93 24.14 -18.31
N GLY D 141 11.64 24.96 -19.09
CA GLY D 141 12.19 24.55 -20.37
C GLY D 141 11.15 24.10 -21.39
N TYR D 142 10.31 25.04 -21.82
CA TYR D 142 9.24 24.82 -22.81
C TYR D 142 8.24 23.76 -22.36
N THR D 143 7.98 23.66 -21.05
CA THR D 143 6.92 22.84 -20.51
C THR D 143 6.00 23.72 -19.67
N LEU D 144 4.90 23.13 -19.19
CA LEU D 144 3.94 23.84 -18.36
C LEU D 144 3.52 22.95 -17.22
N TYR D 145 3.79 23.36 -15.99
CA TYR D 145 3.36 22.64 -14.81
C TYR D 145 2.36 23.49 -14.04
N CYS D 146 1.21 22.89 -13.73
CA CYS D 146 0.14 23.60 -13.01
C CYS D 146 0.36 23.42 -11.52
N THR D 147 1.20 24.26 -10.94
CA THR D 147 1.61 24.12 -9.55
C THR D 147 0.80 25.05 -8.65
N VAL D 148 1.13 25.02 -7.37
CA VAL D 148 0.51 25.86 -6.35
C VAL D 148 1.63 26.29 -5.40
N LEU D 149 1.52 27.48 -4.83
CA LEU D 149 2.60 28.07 -4.04
C LEU D 149 2.15 28.29 -2.61
N PHE D 150 3.12 28.53 -1.73
CA PHE D 150 2.87 28.72 -0.31
C PHE D 150 3.75 29.83 0.23
N PHE D 151 3.17 30.71 1.05
CA PHE D 151 3.92 31.81 1.64
C PHE D 151 3.47 32.02 3.07
N ASP D 152 4.42 32.35 3.94
CA ASP D 152 4.15 32.57 5.34
C ASP D 152 3.97 34.06 5.63
N SER D 153 3.92 34.40 6.91
CA SER D 153 3.71 35.78 7.35
C SER D 153 4.98 36.61 7.34
N GLN D 154 6.14 36.01 7.13
CA GLN D 154 7.40 36.72 7.18
C GLN D 154 8.03 36.88 5.81
N GLY D 155 7.30 36.60 4.74
CA GLY D 155 7.81 36.78 3.40
C GLY D 155 8.78 35.71 2.92
N LEU D 156 8.77 34.55 3.56
CA LEU D 156 9.60 33.44 3.12
C LEU D 156 8.88 32.62 2.06
N PHE D 157 9.62 31.74 1.40
CA PHE D 157 9.09 30.84 0.38
C PHE D 157 9.18 29.43 0.92
N LEU D 158 8.04 28.87 1.33
CA LEU D 158 8.02 27.55 1.96
C LEU D 158 8.29 26.45 0.93
N GLY D 159 7.47 26.38 -0.11
CA GLY D 159 7.66 25.37 -1.12
C GLY D 159 6.56 25.43 -2.15
N LYS D 160 6.34 24.30 -2.82
CA LYS D 160 5.34 24.23 -3.88
C LYS D 160 4.87 22.80 -4.04
N HIS D 161 3.68 22.65 -4.61
CA HIS D 161 3.07 21.35 -4.86
C HIS D 161 2.60 21.28 -6.30
N ARG D 162 3.35 20.59 -7.15
CA ARG D 162 2.94 20.39 -8.54
C ARG D 162 1.77 19.42 -8.61
N LYS D 163 1.16 19.36 -9.79
CA LYS D 163 0.02 18.48 -9.99
C LYS D 163 0.50 17.10 -10.39
N LEU D 164 -0.14 16.06 -9.82
CA LEU D 164 0.29 14.69 -10.07
C LEU D 164 -0.03 14.26 -11.49
N MET D 165 -1.30 14.30 -11.87
CA MET D 165 -1.65 13.95 -13.23
C MET D 165 -2.80 14.81 -13.74
N PRO D 166 -2.64 15.47 -14.90
CA PRO D 166 -3.73 16.24 -15.48
C PRO D 166 -4.82 15.32 -16.01
N THR D 167 -6.02 15.89 -16.19
CA THR D 167 -7.21 15.03 -16.19
C THR D 167 -7.47 14.34 -17.52
N ALA D 168 -7.96 15.07 -18.52
CA ALA D 168 -8.29 14.43 -19.79
C ALA D 168 -7.57 15.07 -20.98
N LEU D 169 -7.79 16.35 -21.22
CA LEU D 169 -7.21 17.02 -22.38
C LEU D 169 -6.01 17.86 -22.01
N GLU D 170 -5.84 18.16 -20.72
CA GLU D 170 -4.68 18.88 -20.22
C GLU D 170 -3.40 18.06 -20.30
N ARG D 171 -3.50 16.75 -20.56
CA ARG D 171 -2.33 15.92 -20.82
C ARG D 171 -1.60 16.35 -22.07
N CYS D 172 -2.29 16.97 -23.02
CA CYS D 172 -1.68 17.38 -24.28
C CYS D 172 -0.74 18.57 -24.09
N ILE D 173 -1.02 19.43 -23.12
CA ILE D 173 -0.29 20.68 -22.97
C ILE D 173 0.49 20.78 -21.66
N TRP D 174 0.17 19.99 -20.64
CA TRP D 174 0.83 20.10 -19.36
C TRP D 174 1.67 18.87 -19.07
N GLY D 175 2.32 18.88 -17.91
CA GLY D 175 3.25 17.84 -17.54
C GLY D 175 2.88 17.17 -16.22
N PHE D 176 3.60 16.10 -15.92
CA PHE D 176 3.33 15.27 -14.77
C PHE D 176 4.27 15.60 -13.63
N GLY D 177 3.75 15.58 -12.40
CA GLY D 177 4.55 15.82 -11.24
C GLY D 177 5.12 14.53 -10.69
N ASP D 178 6.13 14.64 -9.83
CA ASP D 178 6.77 13.48 -9.25
C ASP D 178 6.28 13.27 -7.82
N GLY D 179 6.90 12.31 -7.14
CA GLY D 179 6.48 11.99 -5.79
C GLY D 179 7.05 12.87 -4.71
N SER D 180 8.19 13.51 -4.97
CA SER D 180 8.90 14.28 -3.94
C SER D 180 8.38 15.71 -3.85
N THR D 181 7.07 15.87 -3.75
CA THR D 181 6.47 17.20 -3.78
C THR D 181 5.38 17.41 -2.73
N ILE D 182 4.75 16.35 -2.22
CA ILE D 182 3.64 16.39 -1.27
C ILE D 182 4.08 17.03 0.05
N PRO D 183 3.50 18.17 0.43
CA PRO D 183 4.04 18.91 1.58
C PRO D 183 3.36 18.65 2.92
N VAL D 184 4.03 19.04 4.01
CA VAL D 184 3.44 19.06 5.34
C VAL D 184 3.12 20.50 5.76
N PHE D 185 4.16 21.35 5.84
CA PHE D 185 4.08 22.80 6.05
C PHE D 185 3.36 23.14 7.36
N ASP D 186 3.99 22.75 8.45
CA ASP D 186 3.48 23.09 9.77
C ASP D 186 3.66 24.57 10.07
N THR D 187 2.59 25.19 10.54
CA THR D 187 2.53 26.61 10.88
C THR D 187 2.13 26.73 12.34
N PRO D 188 2.28 27.90 12.98
CA PRO D 188 1.74 28.06 14.33
C PRO D 188 0.23 28.23 14.42
N ILE D 189 -0.51 28.06 13.32
CA ILE D 189 -1.96 27.97 13.36
C ILE D 189 -2.46 26.59 12.95
N GLY D 190 -1.57 25.65 12.70
CA GLY D 190 -1.93 24.31 12.30
C GLY D 190 -1.08 23.84 11.16
N LYS D 191 -1.49 22.74 10.55
CA LYS D 191 -0.80 22.17 9.39
C LYS D 191 -1.70 22.30 8.16
N ILE D 192 -1.17 22.87 7.10
CA ILE D 192 -1.95 23.15 5.90
C ILE D 192 -1.39 22.36 4.73
N GLY D 193 -2.28 21.81 3.90
CA GLY D 193 -1.91 21.09 2.71
C GLY D 193 -2.76 21.55 1.54
N ALA D 194 -2.54 20.92 0.39
CA ALA D 194 -3.28 21.34 -0.79
C ALA D 194 -3.41 20.18 -1.77
N ALA D 195 -4.37 20.33 -2.67
CA ALA D 195 -4.58 19.41 -3.78
C ALA D 195 -5.35 20.17 -4.85
N ILE D 196 -5.35 19.63 -6.06
CA ILE D 196 -5.86 20.37 -7.22
C ILE D 196 -7.02 19.54 -7.73
N CYS D 197 -7.60 19.91 -8.90
CA CYS D 197 -8.94 19.61 -9.37
C CYS D 197 -9.42 18.17 -9.18
N TRP D 198 -8.78 17.20 -9.82
CA TRP D 198 -9.17 15.81 -9.70
C TRP D 198 -8.09 14.95 -9.05
N GLU D 199 -7.27 15.53 -8.19
CA GLU D 199 -6.48 14.73 -7.28
C GLU D 199 -7.24 14.38 -6.02
N ASN D 200 -8.35 15.07 -5.75
CA ASN D 200 -9.16 14.82 -4.58
C ASN D 200 -10.04 13.59 -4.71
N ARG D 201 -10.06 12.96 -5.88
CA ARG D 201 -10.84 11.75 -6.09
C ARG D 201 -10.03 10.48 -5.91
N MET D 202 -8.70 10.58 -5.90
CA MET D 202 -7.87 9.41 -5.64
C MET D 202 -8.02 8.99 -4.19
N PRO D 203 -8.12 7.71 -3.87
CA PRO D 203 -8.11 7.31 -2.47
C PRO D 203 -6.72 7.26 -1.87
N SER D 204 -5.71 6.88 -2.65
CA SER D 204 -4.37 6.71 -2.12
C SER D 204 -3.71 8.05 -1.79
N LEU D 205 -3.96 9.08 -2.58
CA LEU D 205 -3.37 10.39 -2.27
C LEU D 205 -4.00 10.99 -1.02
N ARG D 206 -5.30 10.77 -0.81
CA ARG D 206 -5.93 11.30 0.39
C ARG D 206 -5.50 10.54 1.64
N THR D 207 -5.32 9.23 1.54
CA THR D 207 -4.79 8.54 2.70
C THR D 207 -3.27 8.67 2.84
N ALA D 208 -2.61 9.31 1.88
CA ALA D 208 -1.24 9.77 2.11
C ALA D 208 -1.20 11.17 2.69
N MET D 209 -2.23 11.99 2.44
CA MET D 209 -2.31 13.27 3.12
C MET D 209 -2.72 13.10 4.57
N TYR D 210 -3.58 12.13 4.86
CA TYR D 210 -4.09 11.95 6.22
C TYR D 210 -3.02 11.44 7.17
N ALA D 211 -2.03 10.70 6.65
CA ALA D 211 -0.99 10.15 7.50
C ALA D 211 0.03 11.18 7.94
N LYS D 212 0.04 12.36 7.34
CA LYS D 212 0.95 13.43 7.75
C LYS D 212 0.33 14.42 8.71
N GLY D 213 -0.98 14.35 8.92
CA GLY D 213 -1.63 15.20 9.92
C GLY D 213 -2.20 16.48 9.38
N ILE D 214 -2.98 16.41 8.30
CA ILE D 214 -3.60 17.59 7.73
C ILE D 214 -4.89 17.91 8.48
N GLU D 215 -5.06 19.16 8.89
CA GLU D 215 -6.33 19.61 9.44
C GLU D 215 -6.88 20.87 8.80
N ILE D 216 -6.15 21.49 7.87
CA ILE D 216 -6.69 22.55 7.02
C ILE D 216 -6.32 22.19 5.59
N TYR D 217 -7.32 21.82 4.79
CA TYR D 217 -7.12 21.10 3.55
C TYR D 217 -7.65 21.94 2.39
N CYS D 218 -6.81 22.80 1.84
CA CYS D 218 -7.19 23.65 0.72
C CYS D 218 -7.32 22.81 -0.55
N ALA D 219 -8.24 23.19 -1.42
CA ALA D 219 -8.47 22.46 -2.66
C ALA D 219 -9.07 23.38 -3.72
N PRO D 220 -8.24 24.06 -4.50
CA PRO D 220 -8.76 24.78 -5.66
C PRO D 220 -9.23 23.82 -6.74
N THR D 221 -10.06 24.34 -7.63
CA THR D 221 -10.60 23.54 -8.72
C THR D 221 -10.99 24.45 -9.88
N ALA D 222 -11.48 23.82 -10.96
CA ALA D 222 -11.92 24.57 -12.13
C ALA D 222 -13.21 23.97 -12.72
N ASP D 223 -14.13 23.54 -11.87
CA ASP D 223 -15.43 23.05 -12.34
C ASP D 223 -16.53 23.54 -11.42
N SER D 224 -17.77 23.48 -11.91
CA SER D 224 -18.93 24.00 -11.19
C SER D 224 -20.12 23.08 -11.44
N ARG D 225 -20.31 22.10 -10.56
CA ARG D 225 -21.45 21.20 -10.63
C ARG D 225 -22.05 21.04 -9.24
N GLU D 226 -23.21 20.40 -9.18
CA GLU D 226 -23.74 19.92 -7.91
C GLU D 226 -22.91 18.78 -7.35
N THR D 227 -22.24 18.04 -8.24
CA THR D 227 -21.26 17.00 -7.92
C THR D 227 -20.20 17.43 -6.92
N TRP D 228 -19.71 18.67 -7.02
CA TRP D 228 -18.51 19.06 -6.29
C TRP D 228 -18.77 19.24 -4.80
N LEU D 229 -19.94 19.77 -4.44
CA LEU D 229 -20.26 19.93 -3.02
C LEU D 229 -20.45 18.58 -2.35
N ALA D 230 -21.14 17.65 -3.01
CA ALA D 230 -21.29 16.29 -2.51
C ALA D 230 -19.98 15.52 -2.50
N SER D 231 -19.02 15.90 -3.33
CA SER D 231 -17.73 15.24 -3.31
C SER D 231 -16.80 15.82 -2.26
N MET D 232 -17.04 17.06 -1.82
CA MET D 232 -16.23 17.61 -0.74
C MET D 232 -16.76 17.29 0.65
N THR D 233 -18.07 17.04 0.78
CA THR D 233 -18.63 16.64 2.08
C THR D 233 -18.04 15.30 2.53
N HIS D 234 -17.80 14.40 1.58
CA HIS D 234 -17.20 13.11 1.93
C HIS D 234 -15.77 13.25 2.42
N ILE D 235 -15.00 14.18 1.84
CA ILE D 235 -13.62 14.38 2.29
C ILE D 235 -13.61 15.04 3.66
N ALA D 236 -14.51 16.00 3.89
CA ALA D 236 -14.60 16.65 5.20
C ALA D 236 -15.07 15.70 6.29
N LEU D 237 -15.81 14.64 5.93
CA LEU D 237 -16.22 13.67 6.93
C LEU D 237 -15.17 12.57 7.13
N GLU D 238 -14.57 12.10 6.04
CA GLU D 238 -13.54 11.06 6.11
C GLU D 238 -12.28 11.56 6.79
N GLY D 239 -12.04 12.87 6.79
CA GLY D 239 -10.85 13.47 7.34
C GLY D 239 -11.11 13.93 8.75
N GLY D 240 -11.44 15.21 8.91
CA GLY D 240 -11.43 15.86 10.20
C GLY D 240 -10.85 17.23 9.97
N CYS D 241 -10.66 17.54 8.70
CA CYS D 241 -10.04 18.77 8.24
C CYS D 241 -11.08 19.75 7.69
N PHE D 242 -10.82 21.03 7.92
CA PHE D 242 -11.66 22.10 7.39
C PHE D 242 -11.42 22.24 5.90
N VAL D 243 -12.27 21.62 5.09
CA VAL D 243 -12.12 21.66 3.65
C VAL D 243 -12.47 23.07 3.16
N LEU D 244 -11.56 23.67 2.40
CA LEU D 244 -11.63 25.08 2.06
C LEU D 244 -11.37 25.23 0.57
N SER D 245 -12.42 25.12 -0.23
CA SER D 245 -12.30 25.10 -1.68
C SER D 245 -12.41 26.51 -2.25
N ALA D 246 -12.07 26.63 -3.53
CA ALA D 246 -12.08 27.93 -4.21
C ALA D 246 -12.23 27.70 -5.71
N ASN D 247 -13.09 28.47 -6.34
CA ASN D 247 -13.29 28.40 -7.79
C ASN D 247 -13.48 29.82 -8.31
N GLN D 248 -13.31 29.99 -9.62
CA GLN D 248 -13.37 31.31 -10.23
C GLN D 248 -14.67 31.52 -10.98
N PHE D 249 -14.95 32.77 -11.31
CA PHE D 249 -16.22 33.19 -11.92
C PHE D 249 -15.92 34.15 -13.06
N CYS D 250 -16.20 33.74 -14.29
CA CYS D 250 -15.87 34.53 -15.46
C CYS D 250 -17.04 34.52 -16.44
N ARG D 251 -16.98 35.44 -17.40
CA ARG D 251 -18.01 35.55 -18.45
C ARG D 251 -17.37 35.70 -19.82
N VAL D 276 -21.12 29.83 -18.76
CA VAL D 276 -20.26 30.85 -18.19
C VAL D 276 -19.42 30.25 -17.05
N CYS D 277 -19.80 29.04 -16.62
CA CYS D 277 -19.13 28.26 -15.59
C CYS D 277 -19.05 29.03 -14.26
N ALA D 278 -20.23 29.27 -13.70
CA ALA D 278 -20.35 30.00 -12.44
C ALA D 278 -19.91 29.10 -11.28
N GLY D 279 -18.64 29.24 -10.92
CA GLY D 279 -18.08 28.43 -9.85
C GLY D 279 -18.57 28.85 -8.48
N GLY D 280 -18.67 27.87 -7.59
CA GLY D 280 -19.10 28.15 -6.23
C GLY D 280 -18.15 27.62 -5.18
N SER D 281 -17.53 28.53 -4.43
CA SER D 281 -16.62 28.16 -3.36
C SER D 281 -17.35 28.11 -2.03
N SER D 282 -16.77 27.40 -1.07
CA SER D 282 -17.41 27.20 0.22
C SER D 282 -16.36 26.88 1.26
N ILE D 283 -16.83 26.49 2.44
CA ILE D 283 -15.99 26.04 3.55
C ILE D 283 -16.84 25.12 4.42
N ILE D 284 -16.32 23.95 4.77
CA ILE D 284 -17.10 22.89 5.38
C ILE D 284 -16.47 22.47 6.69
N SER D 285 -17.27 22.44 7.76
CA SER D 285 -16.87 21.93 9.06
C SER D 285 -16.56 20.43 8.98
N PRO D 286 -15.73 19.92 9.87
CA PRO D 286 -15.47 18.46 9.86
C PRO D 286 -16.57 17.61 10.47
N LEU D 287 -17.76 18.16 10.69
CA LEU D 287 -18.94 17.36 10.99
C LEU D 287 -19.90 17.28 9.82
N GLY D 288 -19.61 17.97 8.73
CA GLY D 288 -20.51 18.02 7.59
C GLY D 288 -21.46 19.20 7.59
N ILE D 289 -21.05 20.32 8.15
CA ILE D 289 -21.89 21.50 8.30
C ILE D 289 -21.29 22.62 7.49
N VAL D 290 -21.99 23.07 6.45
CA VAL D 290 -21.48 24.12 5.58
C VAL D 290 -21.56 25.46 6.30
N LEU D 291 -20.42 26.09 6.52
CA LEU D 291 -20.41 27.40 7.17
C LEU D 291 -20.86 28.50 6.22
N ALA D 292 -20.21 28.62 5.07
CA ALA D 292 -20.58 29.62 4.07
C ALA D 292 -20.96 28.91 2.79
N GLY D 293 -22.11 29.25 2.24
CA GLY D 293 -22.75 28.45 1.22
C GLY D 293 -22.09 28.58 -0.14
N PRO D 294 -22.60 27.79 -1.08
CA PRO D 294 -22.05 27.82 -2.45
C PRO D 294 -22.47 29.05 -3.23
N ASN D 295 -21.71 30.14 -3.10
CA ASN D 295 -22.10 31.42 -3.66
C ASN D 295 -22.02 31.41 -5.19
N TYR D 296 -23.16 31.13 -5.83
CA TYR D 296 -23.29 31.21 -7.28
C TYR D 296 -23.66 32.60 -7.75
N ARG D 297 -23.84 33.55 -6.83
CA ARG D 297 -24.40 34.86 -7.13
C ARG D 297 -23.26 35.83 -7.39
N GLY D 298 -22.71 35.79 -8.60
CA GLY D 298 -21.61 36.67 -8.97
C GLY D 298 -20.32 36.31 -8.27
N GLU D 299 -19.37 37.23 -8.35
CA GLU D 299 -18.09 37.09 -7.67
C GLU D 299 -18.07 37.99 -6.43
N ALA D 300 -17.47 37.49 -5.35
CA ALA D 300 -17.46 38.19 -4.08
C ALA D 300 -16.35 37.62 -3.21
N LEU D 301 -16.29 38.10 -1.97
CA LEU D 301 -15.40 37.54 -0.97
C LEU D 301 -16.22 36.71 0.00
N ILE D 302 -15.64 35.62 0.49
CA ILE D 302 -16.31 34.70 1.39
C ILE D 302 -15.42 34.49 2.61
N THR D 303 -15.96 34.74 3.80
CA THR D 303 -15.21 34.62 5.03
C THR D 303 -15.99 33.81 6.06
N ALA D 304 -15.24 33.17 6.95
CA ALA D 304 -15.77 32.43 8.10
C ALA D 304 -14.63 32.24 9.08
N ASP D 305 -14.98 31.81 10.29
CA ASP D 305 -13.98 31.54 11.32
C ASP D 305 -13.83 30.04 11.54
N LEU D 306 -12.69 29.64 12.08
CA LEU D 306 -12.31 28.24 12.20
C LEU D 306 -12.00 27.95 13.67
N ASP D 307 -12.75 27.02 14.26
CA ASP D 307 -12.50 26.57 15.63
C ASP D 307 -11.62 25.33 15.59
N LEU D 308 -10.37 25.46 16.03
CA LEU D 308 -9.44 24.33 16.01
C LEU D 308 -9.73 23.30 17.09
N GLY D 309 -10.63 23.58 18.02
CA GLY D 309 -11.09 22.58 18.97
C GLY D 309 -12.23 21.73 18.46
N ASP D 310 -12.65 21.94 17.22
CA ASP D 310 -13.71 21.14 16.60
C ASP D 310 -13.13 19.99 15.78
N ILE D 311 -11.92 19.56 16.08
CA ILE D 311 -11.29 18.43 15.42
C ILE D 311 -11.07 17.27 16.38
N ALA D 312 -10.56 17.56 17.58
CA ALA D 312 -10.42 16.54 18.60
C ALA D 312 -11.76 16.08 19.15
N ARG D 313 -12.81 16.88 18.99
CA ARG D 313 -14.16 16.41 19.28
C ARG D 313 -14.82 15.76 18.08
N ALA D 314 -14.23 15.90 16.89
CA ALA D 314 -14.79 15.29 15.70
C ALA D 314 -14.18 13.94 15.38
N LYS D 315 -12.96 13.67 15.88
CA LYS D 315 -12.31 12.39 15.67
C LYS D 315 -12.56 11.42 16.81
N PHE D 316 -13.71 11.55 17.48
CA PHE D 316 -14.13 10.58 18.49
C PHE D 316 -14.86 9.41 17.85
N ASP D 317 -15.57 9.66 16.74
CA ASP D 317 -16.32 8.60 16.08
C ASP D 317 -15.45 7.79 15.15
N PHE D 318 -14.88 8.42 14.12
CA PHE D 318 -14.35 7.67 12.99
C PHE D 318 -12.87 7.36 13.16
N ASP D 319 -12.04 8.41 13.18
CA ASP D 319 -10.59 8.32 13.42
C ASP D 319 -9.90 7.40 12.40
N VAL D 320 -9.65 7.94 11.20
CA VAL D 320 -8.76 7.39 10.17
C VAL D 320 -7.30 7.43 10.68
N VAL D 321 -6.30 7.11 9.86
CA VAL D 321 -5.18 6.18 10.01
C VAL D 321 -4.77 5.72 11.42
N GLY D 322 -5.09 6.48 12.48
CA GLY D 322 -5.32 5.81 13.76
C GLY D 322 -6.69 5.14 13.78
N HIS D 323 -7.27 4.85 14.95
CA HIS D 323 -7.38 3.47 15.45
C HIS D 323 -8.24 2.54 14.57
N TYR D 324 -8.87 3.04 13.51
CA TYR D 324 -9.30 2.23 12.37
C TYR D 324 -8.14 1.88 11.46
N SER D 325 -8.46 1.44 10.24
CA SER D 325 -7.51 1.15 9.17
C SER D 325 -6.50 0.10 9.63
N ARG D 326 -7.04 -1.11 9.85
CA ARG D 326 -6.38 -2.29 10.40
C ARG D 326 -5.03 -2.55 9.75
N PRO D 327 -3.93 -2.35 10.47
CA PRO D 327 -2.61 -2.58 9.88
C PRO D 327 -2.28 -4.05 9.69
N GLU D 328 -3.07 -4.94 10.27
CA GLU D 328 -2.82 -6.37 10.13
C GLU D 328 -3.32 -6.93 8.81
N VAL D 329 -4.08 -6.16 8.03
CA VAL D 329 -4.53 -6.60 6.71
C VAL D 329 -4.14 -5.64 5.61
N PHE D 330 -4.27 -4.33 5.82
CA PHE D 330 -3.89 -3.34 4.83
C PHE D 330 -2.52 -2.76 5.17
N SER D 331 -1.80 -2.31 4.16
CA SER D 331 -0.51 -1.64 4.34
C SER D 331 -0.20 -0.87 3.08
N LEU D 332 0.25 0.37 3.24
CA LEU D 332 0.57 1.24 2.10
C LEU D 332 2.01 1.70 2.20
N ASN D 333 2.63 1.97 1.05
CA ASN D 333 3.94 2.57 1.04
C ASN D 333 4.10 3.50 -0.15
N ILE D 334 4.56 4.71 0.12
CA ILE D 334 4.73 5.76 -0.88
C ILE D 334 6.21 5.92 -1.17
N ARG D 335 6.58 5.82 -2.44
CA ARG D 335 7.96 6.01 -2.88
C ARG D 335 8.13 7.47 -3.25
N GLU D 336 8.94 8.19 -2.46
CA GLU D 336 9.07 9.63 -2.58
C GLU D 336 10.53 9.98 -2.91
N HIS D 337 10.84 9.93 -4.21
CA HIS D 337 12.20 10.16 -4.67
C HIS D 337 12.24 11.34 -5.65
N PRO D 338 13.26 12.17 -5.56
CA PRO D 338 13.40 13.24 -6.57
C PRO D 338 14.06 12.74 -7.84
N ARG D 339 13.30 12.14 -8.74
CA ARG D 339 13.87 11.54 -9.94
C ARG D 339 13.88 12.55 -11.08
N LYS D 340 15.02 12.65 -11.76
CA LYS D 340 15.23 13.58 -12.86
C LYS D 340 15.97 12.82 -13.95
N ALA D 341 15.83 13.29 -15.19
CA ALA D 341 16.37 12.55 -16.32
C ALA D 341 17.89 12.63 -16.39
N VAL D 342 18.45 13.83 -16.48
CA VAL D 342 19.88 14.04 -16.64
C VAL D 342 20.42 14.67 -15.37
N SER D 343 21.46 14.06 -14.80
CA SER D 343 22.03 14.49 -13.52
C SER D 343 23.52 14.73 -13.69
N PHE D 344 23.91 16.00 -13.78
CA PHE D 344 25.33 16.33 -13.87
C PHE D 344 25.97 16.25 -12.50
N LYS D 345 27.17 15.67 -12.45
CA LYS D 345 27.95 15.62 -11.22
C LYS D 345 29.37 16.08 -11.49
N THR D 346 29.86 17.00 -10.66
CA THR D 346 31.18 17.60 -10.82
C THR D 346 31.98 17.49 -9.54
N SER D 347 33.13 18.17 -9.48
CA SER D 347 33.95 18.22 -8.28
C SER D 347 34.71 19.54 -8.20
N ILE E 35 21.30 -16.29 -44.20
CA ILE E 35 20.52 -15.40 -45.05
C ILE E 35 19.03 -15.70 -44.92
N VAL E 36 18.26 -14.71 -44.46
CA VAL E 36 16.83 -14.83 -44.36
C VAL E 36 16.18 -13.84 -45.32
N ARG E 37 14.85 -13.89 -45.41
CA ARG E 37 14.11 -12.92 -46.18
C ARG E 37 12.81 -12.62 -45.47
N ALA E 38 12.39 -11.36 -45.51
CA ALA E 38 11.27 -10.90 -44.71
C ALA E 38 10.36 -10.01 -45.53
N THR E 39 9.09 -9.95 -45.13
CA THR E 39 8.07 -9.18 -45.82
C THR E 39 7.38 -8.22 -44.88
N VAL E 40 6.90 -7.11 -45.43
CA VAL E 40 5.98 -6.21 -44.74
C VAL E 40 4.72 -6.11 -45.57
N VAL E 41 3.62 -5.77 -44.92
CA VAL E 41 2.34 -5.61 -45.60
C VAL E 41 1.92 -4.14 -45.47
N GLN E 42 0.89 -3.77 -46.23
CA GLN E 42 0.49 -2.37 -46.27
C GLN E 42 -1.04 -2.28 -46.29
N ALA E 43 -1.73 -3.36 -45.95
CA ALA E 43 -3.18 -3.36 -46.03
C ALA E 43 -3.80 -2.67 -44.82
N SER E 44 -5.09 -2.38 -44.91
CA SER E 44 -5.81 -1.69 -43.85
C SER E 44 -6.90 -2.60 -43.30
N THR E 45 -7.39 -2.24 -42.12
CA THR E 45 -8.45 -2.98 -41.46
C THR E 45 -9.80 -2.38 -41.82
N VAL E 46 -10.86 -3.14 -41.52
CA VAL E 46 -12.23 -2.66 -41.73
C VAL E 46 -12.76 -1.87 -40.55
N PHE E 47 -11.96 -1.73 -39.49
CA PHE E 47 -12.08 -0.77 -38.38
C PHE E 47 -13.20 -1.10 -37.40
N TYR E 48 -14.09 -2.03 -37.77
CA TYR E 48 -15.18 -2.49 -36.94
C TYR E 48 -15.35 -3.97 -37.21
N ASP E 49 -16.02 -4.67 -36.28
CA ASP E 49 -16.32 -6.09 -36.36
C ASP E 49 -15.03 -6.91 -36.49
N THR E 50 -14.25 -6.90 -35.40
CA THR E 50 -12.93 -7.52 -35.33
C THR E 50 -12.78 -9.02 -35.65
N PRO E 51 -13.81 -9.89 -35.61
CA PRO E 51 -13.61 -11.21 -36.23
C PRO E 51 -13.65 -11.19 -37.75
N ALA E 52 -14.07 -10.10 -38.38
CA ALA E 52 -14.08 -10.04 -39.84
C ALA E 52 -12.77 -9.54 -40.41
N THR E 53 -12.00 -8.78 -39.65
CA THR E 53 -10.69 -8.30 -40.08
C THR E 53 -9.57 -9.30 -39.80
N LEU E 54 -9.92 -10.51 -39.37
CA LEU E 54 -8.94 -11.52 -39.02
C LEU E 54 -8.72 -12.53 -40.15
N ASP E 55 -9.64 -12.60 -41.12
CA ASP E 55 -9.47 -13.43 -42.29
C ASP E 55 -8.72 -12.74 -43.42
N LYS E 56 -8.75 -11.39 -43.44
CA LYS E 56 -7.83 -10.63 -44.29
C LYS E 56 -6.39 -10.96 -43.94
N ALA E 57 -6.10 -11.07 -42.65
CA ALA E 57 -4.80 -11.49 -42.16
C ALA E 57 -4.46 -12.90 -42.63
N GLU E 58 -5.44 -13.80 -42.66
CA GLU E 58 -5.23 -15.16 -43.14
C GLU E 58 -4.88 -15.20 -44.62
N ARG E 59 -5.65 -14.50 -45.46
CA ARG E 59 -5.37 -14.54 -46.90
C ARG E 59 -4.08 -13.81 -47.26
N LEU E 60 -3.74 -12.73 -46.52
CA LEU E 60 -2.45 -12.08 -46.75
C LEU E 60 -1.29 -12.94 -46.26
N LEU E 61 -1.50 -13.69 -45.17
CA LEU E 61 -0.45 -14.57 -44.67
C LEU E 61 -0.20 -15.73 -45.63
N SER E 62 -1.27 -16.23 -46.26
CA SER E 62 -1.08 -17.29 -47.27
C SER E 62 -0.41 -16.76 -48.54
N GLU E 63 -0.80 -15.56 -49.00
CA GLU E 63 -0.14 -14.98 -50.17
C GLU E 63 1.31 -14.60 -49.88
N ALA E 64 1.63 -14.29 -48.63
CA ALA E 64 3.03 -14.07 -48.27
C ALA E 64 3.76 -15.36 -48.00
N ALA E 65 3.04 -16.46 -47.80
CA ALA E 65 3.65 -17.77 -47.65
C ALA E 65 4.06 -18.38 -48.97
N GLU E 66 3.33 -18.10 -50.05
CA GLU E 66 3.52 -18.85 -51.29
C GLU E 66 4.80 -18.50 -52.04
N ASN E 67 5.54 -17.48 -51.63
CA ASN E 67 6.83 -17.17 -52.24
C ASN E 67 8.02 -17.44 -51.33
N GLY E 68 7.84 -18.30 -50.32
CA GLY E 68 8.95 -18.75 -49.51
C GLY E 68 9.51 -17.72 -48.54
N SER E 69 8.65 -16.96 -47.89
CA SER E 69 9.09 -15.95 -46.95
C SER E 69 9.32 -16.58 -45.58
N GLN E 70 9.85 -15.77 -44.66
CA GLN E 70 10.23 -16.31 -43.36
C GLN E 70 9.86 -15.39 -42.19
N LEU E 71 9.47 -14.14 -42.44
CA LEU E 71 9.18 -13.20 -41.37
C LEU E 71 8.21 -12.14 -41.90
N VAL E 72 7.05 -12.01 -41.26
CA VAL E 72 5.98 -11.15 -41.73
C VAL E 72 5.69 -10.09 -40.67
N VAL E 73 5.65 -8.82 -41.08
CA VAL E 73 5.43 -7.70 -40.18
C VAL E 73 4.14 -6.99 -40.57
N PHE E 74 3.25 -6.80 -39.61
CA PHE E 74 1.98 -6.12 -39.77
C PHE E 74 2.03 -4.72 -39.17
N PRO E 75 1.22 -3.76 -39.68
CA PRO E 75 1.34 -2.37 -39.21
C PRO E 75 0.81 -2.11 -37.81
N GLU E 76 0.83 -0.83 -37.42
CA GLU E 76 0.39 -0.44 -36.09
C GLU E 76 -1.13 -0.45 -36.00
N ALA E 77 -1.65 -1.00 -34.90
CA ALA E 77 -3.08 -1.02 -34.55
C ALA E 77 -3.90 -1.71 -35.63
N PHE E 78 -3.46 -2.90 -36.01
CA PHE E 78 -4.11 -3.60 -37.12
C PHE E 78 -5.41 -4.26 -36.71
N ILE E 79 -5.44 -4.94 -35.57
CA ILE E 79 -6.64 -5.65 -35.14
C ILE E 79 -7.67 -4.70 -34.53
N GLY E 80 -7.23 -3.85 -33.61
CA GLY E 80 -8.18 -2.98 -32.92
C GLY E 80 -8.70 -1.84 -33.77
N GLY E 81 -7.91 -1.38 -34.74
CA GLY E 81 -8.32 -0.26 -35.54
C GLY E 81 -7.82 1.07 -35.01
N TYR E 82 -7.42 1.95 -35.92
CA TYR E 82 -6.80 3.22 -35.55
C TYR E 82 -7.73 4.36 -35.94
N PRO E 83 -8.42 4.99 -35.00
CA PRO E 83 -9.42 6.01 -35.36
C PRO E 83 -8.78 7.28 -35.87
N ARG E 84 -8.83 7.52 -37.18
CA ARG E 84 -8.18 8.66 -37.78
C ARG E 84 -9.19 9.78 -37.97
N GLY E 85 -8.80 10.99 -37.60
CA GLY E 85 -9.63 12.16 -37.81
C GLY E 85 -10.65 12.45 -36.75
N SER E 86 -11.04 11.44 -35.96
CA SER E 86 -12.06 11.65 -34.93
C SER E 86 -11.48 12.41 -33.76
N THR E 87 -12.30 13.25 -33.12
CA THR E 87 -11.85 14.11 -32.04
C THR E 87 -12.48 13.80 -30.69
N PHE E 88 -13.58 13.03 -30.67
CA PHE E 88 -14.38 12.64 -29.50
C PHE E 88 -15.02 13.82 -28.77
N GLU E 89 -14.94 15.03 -29.33
CA GLU E 89 -15.49 16.27 -28.77
C GLU E 89 -14.99 16.53 -27.35
N LEU E 90 -13.68 16.70 -27.23
CA LEU E 90 -13.04 17.03 -25.96
C LEU E 90 -12.51 18.45 -26.04
N ALA E 91 -13.24 19.41 -25.47
CA ALA E 91 -12.78 20.80 -25.59
C ALA E 91 -11.74 21.13 -24.52
N ILE E 92 -12.16 21.21 -23.27
CA ILE E 92 -11.22 21.37 -22.17
C ILE E 92 -11.68 20.49 -21.01
N GLY E 93 -12.77 19.78 -21.24
CA GLY E 93 -13.54 19.23 -20.13
C GLY E 93 -15.01 19.58 -20.25
N SER E 94 -15.47 19.80 -21.48
CA SER E 94 -16.89 19.99 -21.72
C SER E 94 -17.63 18.65 -21.65
N ARG E 95 -17.13 17.63 -22.35
CA ARG E 95 -17.62 16.24 -22.32
C ARG E 95 -19.08 16.15 -22.74
N THR E 96 -19.31 16.42 -24.02
CA THR E 96 -20.64 16.29 -24.60
C THR E 96 -21.06 14.83 -24.66
N ALA E 97 -22.36 14.60 -24.89
CA ALA E 97 -22.92 13.26 -24.89
C ALA E 97 -22.44 12.41 -26.05
N LYS E 98 -22.11 13.00 -27.17
CA LYS E 98 -21.60 12.25 -28.32
C LYS E 98 -20.07 12.21 -28.31
N GLY E 99 -19.52 11.80 -27.17
CA GLY E 99 -18.16 11.29 -27.13
C GLY E 99 -18.15 9.97 -26.38
N ARG E 100 -19.16 9.80 -25.53
CA ARG E 100 -19.22 8.62 -24.67
C ARG E 100 -19.65 7.40 -25.46
N ASP E 101 -20.67 7.56 -26.31
CA ASP E 101 -21.14 6.47 -27.14
C ASP E 101 -20.10 6.10 -28.20
N ASP E 102 -19.39 7.11 -28.69
CA ASP E 102 -18.28 6.85 -29.62
C ASP E 102 -17.17 6.08 -28.93
N PHE E 103 -16.89 6.40 -27.66
CA PHE E 103 -15.85 5.68 -26.94
C PHE E 103 -16.27 4.25 -26.62
N ARG E 104 -17.54 4.01 -26.29
CA ARG E 104 -17.92 2.64 -25.99
C ARG E 104 -18.04 1.79 -27.24
N LYS E 105 -18.40 2.39 -28.39
CA LYS E 105 -18.38 1.64 -29.64
C LYS E 105 -16.96 1.33 -30.07
N TYR E 106 -15.99 2.16 -29.68
CA TYR E 106 -14.60 1.82 -29.95
C TYR E 106 -14.05 0.82 -28.94
N HIS E 107 -14.55 0.87 -27.70
CA HIS E 107 -14.07 -0.03 -26.66
C HIS E 107 -14.56 -1.45 -26.87
N ALA E 108 -15.77 -1.61 -27.43
CA ALA E 108 -16.31 -2.95 -27.62
C ALA E 108 -15.67 -3.71 -28.78
N SER E 109 -14.67 -3.14 -29.47
CA SER E 109 -14.00 -3.79 -30.58
C SER E 109 -12.52 -3.97 -30.31
N ALA E 110 -12.15 -4.32 -29.08
CA ALA E 110 -10.77 -4.61 -28.72
C ALA E 110 -10.66 -6.03 -28.20
N ILE E 111 -9.42 -6.53 -28.11
CA ILE E 111 -9.19 -7.91 -27.71
C ILE E 111 -8.51 -7.91 -26.35
N ASP E 112 -8.23 -9.10 -25.82
CA ASP E 112 -7.53 -9.23 -24.55
C ASP E 112 -6.64 -10.45 -24.57
N VAL E 113 -5.45 -10.33 -23.99
CA VAL E 113 -4.47 -11.40 -24.04
C VAL E 113 -4.27 -11.96 -22.63
N PRO E 114 -4.03 -13.28 -22.49
CA PRO E 114 -4.26 -14.30 -23.51
C PRO E 114 -5.74 -14.67 -23.59
N GLY E 115 -6.25 -14.91 -24.80
CA GLY E 115 -7.65 -15.19 -24.98
C GLY E 115 -7.93 -15.94 -26.27
N PRO E 116 -9.17 -15.86 -26.75
CA PRO E 116 -9.54 -16.59 -27.96
C PRO E 116 -9.00 -15.99 -29.25
N GLU E 117 -8.50 -14.75 -29.22
CA GLU E 117 -7.99 -14.11 -30.43
C GLU E 117 -6.51 -14.32 -30.64
N VAL E 118 -5.77 -14.78 -29.63
CA VAL E 118 -4.37 -15.13 -29.82
C VAL E 118 -4.17 -16.62 -30.06
N GLU E 119 -5.12 -17.46 -29.63
CA GLU E 119 -5.04 -18.88 -29.95
C GLU E 119 -5.20 -19.13 -31.44
N ARG E 120 -6.05 -18.33 -32.11
CA ARG E 120 -6.20 -18.47 -33.55
C ARG E 120 -4.97 -17.98 -34.29
N LEU E 121 -4.29 -16.95 -33.77
CA LEU E 121 -3.07 -16.49 -34.41
C LEU E 121 -1.92 -17.48 -34.19
N ALA E 122 -1.87 -18.12 -33.02
CA ALA E 122 -0.89 -19.17 -32.78
C ALA E 122 -1.14 -20.36 -33.69
N LEU E 123 -2.41 -20.74 -33.88
CA LEU E 123 -2.74 -21.81 -34.81
C LEU E 123 -2.49 -21.40 -36.26
N MET E 124 -2.55 -20.11 -36.56
CA MET E 124 -2.23 -19.61 -37.89
C MET E 124 -0.75 -19.74 -38.18
N ALA E 125 0.10 -19.32 -37.24
CA ALA E 125 1.54 -19.42 -37.44
C ALA E 125 2.06 -20.82 -37.18
N LYS E 126 1.25 -21.72 -36.62
CA LYS E 126 1.67 -23.08 -36.32
C LYS E 126 1.58 -24.01 -37.53
N LYS E 127 0.80 -23.64 -38.55
CA LYS E 127 0.59 -24.51 -39.70
C LYS E 127 1.86 -24.75 -40.50
N TYR E 128 2.66 -23.70 -40.70
CA TYR E 128 3.93 -23.85 -41.39
C TYR E 128 4.97 -23.03 -40.64
N LYS E 129 6.17 -22.90 -41.21
CA LYS E 129 7.28 -22.24 -40.56
C LYS E 129 7.35 -20.78 -40.97
N VAL E 130 6.98 -19.88 -40.05
CA VAL E 130 7.13 -18.44 -40.24
C VAL E 130 7.14 -17.79 -38.86
N TYR E 131 7.90 -16.70 -38.72
CA TYR E 131 7.87 -15.87 -37.52
C TYR E 131 6.86 -14.76 -37.75
N LEU E 132 6.15 -14.38 -36.69
CA LEU E 132 5.00 -13.50 -36.82
C LEU E 132 5.08 -12.42 -35.75
N VAL E 133 5.05 -11.17 -36.17
CA VAL E 133 4.78 -10.06 -35.27
C VAL E 133 3.44 -9.48 -35.68
N MET E 134 2.80 -8.76 -34.76
CA MET E 134 1.44 -8.29 -35.00
C MET E 134 1.14 -7.12 -34.08
N GLY E 135 0.63 -6.04 -34.65
CA GLY E 135 0.25 -4.88 -33.86
C GLY E 135 -1.22 -4.85 -33.52
N VAL E 136 -1.55 -5.16 -32.27
CA VAL E 136 -2.95 -5.28 -31.85
C VAL E 136 -3.26 -4.16 -30.87
N ILE E 137 -4.50 -4.10 -30.42
CA ILE E 137 -4.91 -3.22 -29.33
C ILE E 137 -5.60 -4.08 -28.28
N GLU E 138 -5.05 -4.09 -27.08
CA GLU E 138 -5.56 -4.93 -26.01
C GLU E 138 -6.33 -4.09 -25.01
N ARG E 139 -7.14 -4.78 -24.19
CA ARG E 139 -7.84 -4.15 -23.09
C ARG E 139 -7.38 -4.78 -21.78
N GLU E 140 -7.45 -3.99 -20.71
CA GLU E 140 -7.19 -4.51 -19.38
C GLU E 140 -8.02 -3.68 -18.40
N GLY E 141 -9.23 -4.15 -18.11
CA GLY E 141 -10.13 -3.49 -17.18
C GLY E 141 -10.52 -2.08 -17.57
N TYR E 142 -11.25 -1.95 -18.69
CA TYR E 142 -11.72 -0.67 -19.24
C TYR E 142 -10.59 0.30 -19.56
N THR E 143 -9.43 -0.22 -19.96
CA THR E 143 -8.34 0.59 -20.48
C THR E 143 -7.99 0.10 -21.88
N LEU E 144 -7.08 0.81 -22.54
CA LEU E 144 -6.63 0.44 -23.87
C LEU E 144 -5.12 0.61 -23.95
N TYR E 145 -4.42 -0.49 -24.21
CA TYR E 145 -2.97 -0.45 -24.40
C TYR E 145 -2.65 -0.83 -25.82
N CYS E 146 -1.86 0.00 -26.49
CA CYS E 146 -1.48 -0.24 -27.89
C CYS E 146 -0.20 -1.07 -27.91
N THR E 147 -0.36 -2.38 -27.81
CA THR E 147 0.76 -3.28 -27.69
C THR E 147 1.11 -3.91 -29.03
N VAL E 148 2.12 -4.78 -29.01
CA VAL E 148 2.58 -5.52 -30.17
C VAL E 148 2.92 -6.93 -29.70
N LEU E 149 2.72 -7.93 -30.56
CA LEU E 149 2.84 -9.33 -30.16
C LEU E 149 3.96 -10.01 -30.94
N PHE E 150 4.36 -11.19 -30.46
CA PHE E 150 5.46 -11.95 -31.06
C PHE E 150 5.11 -13.42 -31.05
N PHE E 151 5.38 -14.10 -32.17
CA PHE E 151 5.11 -15.52 -32.31
C PHE E 151 6.24 -16.19 -33.07
N ASP E 152 6.58 -17.40 -32.64
CA ASP E 152 7.64 -18.17 -33.27
C ASP E 152 7.08 -19.15 -34.30
N SER E 153 7.93 -20.04 -34.79
CA SER E 153 7.56 -21.02 -35.81
C SER E 153 6.84 -22.23 -35.23
N GLN E 154 6.82 -22.39 -33.92
CA GLN E 154 6.22 -23.57 -33.30
C GLN E 154 4.90 -23.27 -32.60
N GLY E 155 4.34 -22.08 -32.83
CA GLY E 155 3.06 -21.75 -32.24
C GLY E 155 3.10 -21.36 -30.78
N LEU E 156 4.26 -20.98 -30.26
CA LEU E 156 4.37 -20.52 -28.89
C LEU E 156 4.11 -19.02 -28.82
N PHE E 157 3.93 -18.53 -27.59
CA PHE E 157 3.70 -17.12 -27.32
C PHE E 157 4.92 -16.59 -26.58
N LEU E 158 5.76 -15.83 -27.28
CA LEU E 158 7.01 -15.35 -26.69
C LEU E 158 6.75 -14.25 -25.66
N GLY E 159 6.08 -13.17 -26.08
CA GLY E 159 5.80 -12.10 -25.16
C GLY E 159 5.13 -10.95 -25.89
N LYS E 160 5.26 -9.76 -25.31
CA LYS E 160 4.63 -8.57 -25.86
C LYS E 160 5.39 -7.34 -25.42
N HIS E 161 5.22 -6.26 -26.19
CA HIS E 161 5.85 -4.97 -25.91
C HIS E 161 4.80 -3.87 -25.97
N ARG E 162 4.38 -3.39 -24.80
CA ARG E 162 3.44 -2.29 -24.75
C ARG E 162 4.13 -0.99 -25.15
N LYS E 163 3.32 0.04 -25.38
CA LYS E 163 3.86 1.33 -25.78
C LYS E 163 4.21 2.15 -24.54
N LEU E 164 5.36 2.82 -24.60
CA LEU E 164 5.86 3.57 -23.44
C LEU E 164 5.00 4.81 -23.18
N MET E 165 4.92 5.70 -24.16
CA MET E 165 4.06 6.87 -23.98
C MET E 165 3.37 7.24 -25.28
N PRO E 166 2.05 7.39 -25.28
CA PRO E 166 1.34 7.85 -26.48
C PRO E 166 1.62 9.31 -26.74
N THR E 167 1.37 9.73 -27.99
CA THR E 167 2.07 10.92 -28.48
C THR E 167 1.42 12.24 -28.04
N ALA E 168 0.29 12.60 -28.64
CA ALA E 168 -0.32 13.89 -28.30
C ALA E 168 -1.77 13.75 -27.84
N LEU E 169 -2.65 13.21 -28.67
CA LEU E 169 -4.06 13.11 -28.34
C LEU E 169 -4.44 11.71 -27.90
N GLU E 170 -3.61 10.72 -28.20
CA GLU E 170 -3.81 9.36 -27.75
C GLU E 170 -3.64 9.19 -26.24
N ARG E 171 -3.10 10.20 -25.55
CA ARG E 171 -3.05 10.21 -24.10
C ARG E 171 -4.44 10.22 -23.49
N CYS E 172 -5.43 10.76 -24.20
CA CYS E 172 -6.79 10.84 -23.67
C CYS E 172 -7.46 9.49 -23.60
N ILE E 173 -7.11 8.58 -24.51
CA ILE E 173 -7.82 7.31 -24.63
C ILE E 173 -6.97 6.09 -24.32
N TRP E 174 -5.64 6.20 -24.35
CA TRP E 174 -4.77 5.04 -24.14
C TRP E 174 -4.02 5.18 -22.83
N GLY E 175 -3.20 4.17 -22.54
CA GLY E 175 -2.48 4.08 -21.29
C GLY E 175 -0.98 3.99 -21.49
N PHE E 176 -0.27 4.07 -20.37
CA PHE E 176 1.18 4.12 -20.37
C PHE E 176 1.76 2.75 -20.01
N GLY E 177 2.84 2.39 -20.67
CA GLY E 177 3.52 1.14 -20.39
C GLY E 177 4.58 1.31 -19.32
N ASP E 178 5.02 0.22 -18.73
CA ASP E 178 6.03 0.25 -17.70
C ASP E 178 7.39 -0.15 -18.26
N GLY E 179 8.37 -0.27 -17.38
CA GLY E 179 9.72 -0.57 -17.80
C GLY E 179 9.99 -2.04 -18.03
N SER E 180 9.22 -2.93 -17.42
CA SER E 180 9.50 -4.36 -17.48
C SER E 180 8.87 -5.01 -18.70
N THR E 181 9.10 -4.44 -19.88
CA THR E 181 8.43 -4.90 -21.09
C THR E 181 9.36 -5.00 -22.29
N ILE E 182 10.48 -4.27 -22.33
CA ILE E 182 11.43 -4.21 -23.44
C ILE E 182 12.06 -5.56 -23.70
N PRO E 183 11.83 -6.18 -24.87
CA PRO E 183 12.25 -7.56 -25.08
C PRO E 183 13.60 -7.76 -25.76
N VAL E 184 14.15 -8.98 -25.64
CA VAL E 184 15.33 -9.41 -26.40
C VAL E 184 14.91 -10.34 -27.53
N PHE E 185 14.32 -11.49 -27.17
CA PHE E 185 13.70 -12.47 -28.07
C PHE E 185 14.69 -13.00 -29.12
N ASP E 186 15.69 -13.71 -28.61
CA ASP E 186 16.66 -14.36 -29.47
C ASP E 186 16.04 -15.54 -30.20
N THR E 187 16.25 -15.60 -31.51
CA THR E 187 15.75 -16.63 -32.40
C THR E 187 16.94 -17.29 -33.10
N PRO E 188 16.77 -18.44 -33.74
CA PRO E 188 17.87 -18.99 -34.54
C PRO E 188 18.13 -18.29 -35.88
N ILE E 189 17.46 -17.17 -36.15
CA ILE E 189 17.82 -16.33 -37.29
C ILE E 189 18.33 -14.97 -36.85
N GLY E 190 18.50 -14.75 -35.56
CA GLY E 190 18.98 -13.50 -35.05
C GLY E 190 18.16 -13.05 -33.85
N LYS E 191 18.36 -11.80 -33.47
CA LYS E 191 17.62 -11.19 -32.36
C LYS E 191 16.72 -10.10 -32.91
N ILE E 192 15.44 -10.16 -32.59
CA ILE E 192 14.46 -9.22 -33.14
C ILE E 192 13.86 -8.41 -32.00
N GLY E 193 13.66 -7.12 -32.26
CA GLY E 193 13.01 -6.22 -31.32
C GLY E 193 11.96 -5.38 -32.03
N ALA E 194 11.34 -4.48 -31.28
CA ALA E 194 10.30 -3.67 -31.86
C ALA E 194 10.18 -2.34 -31.14
N ALA E 195 9.54 -1.40 -31.81
CA ALA E 195 9.19 -0.11 -31.27
C ALA E 195 8.04 0.44 -32.09
N ILE E 196 7.36 1.45 -31.55
CA ILE E 196 6.10 1.91 -32.13
C ILE E 196 6.36 3.37 -32.51
N CYS E 197 5.31 4.09 -32.94
CA CYS E 197 5.34 5.30 -33.77
C CYS E 197 6.38 6.35 -33.41
N TRP E 198 6.29 6.94 -32.23
CA TRP E 198 7.25 7.95 -31.80
C TRP E 198 8.05 7.53 -30.58
N GLU E 199 8.27 6.23 -30.42
CA GLU E 199 9.32 5.78 -29.51
C GLU E 199 10.67 5.73 -30.19
N ASN E 200 10.70 5.78 -31.51
CA ASN E 200 11.94 5.74 -32.27
C ASN E 200 12.67 7.06 -32.28
N ARG E 201 12.08 8.11 -31.71
CA ARG E 201 12.73 9.40 -31.63
C ARG E 201 13.43 9.64 -30.31
N MET E 202 13.16 8.84 -29.30
CA MET E 202 13.86 8.96 -28.03
C MET E 202 15.30 8.50 -28.22
N PRO E 203 16.29 9.17 -27.65
CA PRO E 203 17.65 8.65 -27.71
C PRO E 203 17.92 7.57 -26.68
N SER E 204 17.31 7.66 -25.49
CA SER E 204 17.59 6.72 -24.42
C SER E 204 17.00 5.35 -24.68
N LEU E 205 15.82 5.28 -25.29
CA LEU E 205 15.24 3.97 -25.60
C LEU E 205 16.03 3.27 -26.70
N ARG E 206 16.56 4.01 -27.67
CA ARG E 206 17.33 3.36 -28.71
C ARG E 206 18.70 2.91 -28.20
N THR E 207 19.32 3.68 -27.30
CA THR E 207 20.55 3.17 -26.72
C THR E 207 20.31 2.17 -25.60
N ALA E 208 19.06 1.93 -25.23
CA ALA E 208 18.73 0.75 -24.41
C ALA E 208 18.42 -0.46 -25.27
N MET E 209 17.95 -0.26 -26.50
CA MET E 209 17.79 -1.38 -27.42
C MET E 209 19.15 -1.85 -27.94
N TYR E 210 20.07 -0.92 -28.17
CA TYR E 210 21.36 -1.27 -28.76
C TYR E 210 22.21 -2.09 -27.79
N ALA E 211 22.04 -1.90 -26.49
CA ALA E 211 22.84 -2.60 -25.51
C ALA E 211 22.45 -4.05 -25.33
N LYS E 212 21.30 -4.46 -25.86
CA LYS E 212 20.86 -5.85 -25.78
C LYS E 212 21.20 -6.64 -27.03
N GLY E 213 21.65 -6.00 -28.11
CA GLY E 213 22.10 -6.71 -29.28
C GLY E 213 21.05 -6.89 -30.35
N ILE E 214 20.36 -5.81 -30.73
CA ILE E 214 19.35 -5.87 -31.77
C ILE E 214 20.01 -5.76 -33.13
N GLU E 215 19.67 -6.68 -34.05
CA GLU E 215 20.10 -6.55 -35.43
C GLU E 215 18.96 -6.67 -36.44
N ILE E 216 17.74 -6.94 -36.02
CA ILE E 216 16.55 -6.83 -36.86
C ILE E 216 15.53 -6.02 -36.09
N TYR E 217 15.28 -4.80 -36.53
CA TYR E 217 14.63 -3.77 -35.71
C TYR E 217 13.33 -3.35 -36.38
N CYS E 218 12.24 -4.07 -36.06
CA CYS E 218 10.93 -3.75 -36.61
C CYS E 218 10.40 -2.47 -36.00
N ALA E 219 9.64 -1.71 -36.78
CA ALA E 219 9.09 -0.44 -36.32
C ALA E 219 7.83 -0.09 -37.10
N PRO E 220 6.67 -0.54 -36.63
CA PRO E 220 5.41 -0.06 -37.22
C PRO E 220 5.16 1.39 -36.85
N THR E 221 4.30 2.03 -37.65
CA THR E 221 3.96 3.43 -37.42
C THR E 221 2.60 3.73 -38.00
N ALA E 222 2.16 4.98 -37.83
CA ALA E 222 0.88 5.42 -38.37
C ALA E 222 0.95 6.82 -38.96
N ASP E 223 2.06 7.14 -39.65
CA ASP E 223 2.18 8.42 -40.33
C ASP E 223 2.85 8.22 -41.68
N SER E 224 2.71 9.23 -42.55
CA SER E 224 3.21 9.16 -43.92
C SER E 224 3.74 10.53 -44.33
N ARG E 225 5.02 10.76 -44.12
CA ARG E 225 5.68 11.99 -44.53
C ARG E 225 7.01 11.65 -45.21
N GLU E 226 7.62 12.67 -45.81
CA GLU E 226 9.01 12.57 -46.23
C GLU E 226 9.96 12.49 -45.03
N THR E 227 9.53 13.07 -43.90
CA THR E 227 10.19 12.99 -42.60
C THR E 227 10.57 11.57 -42.19
N TRP E 228 9.71 10.59 -42.45
CA TRP E 228 9.87 9.27 -41.83
C TRP E 228 11.01 8.48 -42.45
N LEU E 229 11.23 8.61 -43.76
CA LEU E 229 12.34 7.91 -44.39
C LEU E 229 13.68 8.49 -43.94
N ALA E 230 13.77 9.81 -43.84
CA ALA E 230 14.98 10.45 -43.32
C ALA E 230 15.18 10.20 -41.84
N SER E 231 14.12 9.89 -41.10
CA SER E 231 14.28 9.57 -39.69
C SER E 231 14.63 8.09 -39.47
N MET E 232 14.33 7.23 -40.44
CA MET E 232 14.76 5.84 -40.31
C MET E 232 16.16 5.57 -40.85
N THR E 233 16.64 6.38 -41.79
CA THR E 233 18.01 6.22 -42.27
C THR E 233 19.02 6.47 -41.16
N HIS E 234 18.72 7.42 -40.27
CA HIS E 234 19.61 7.69 -39.14
C HIS E 234 19.66 6.54 -38.17
N ILE E 235 18.54 5.85 -37.93
CA ILE E 235 18.55 4.71 -37.02
C ILE E 235 19.28 3.53 -37.66
N ALA E 236 19.10 3.32 -38.95
CA ALA E 236 19.80 2.25 -39.65
C ALA E 236 21.32 2.50 -39.72
N LEU E 237 21.74 3.76 -39.67
CA LEU E 237 23.17 4.05 -39.65
C LEU E 237 23.75 4.03 -38.25
N GLU E 238 23.03 4.58 -37.28
CA GLU E 238 23.48 4.61 -35.89
C GLU E 238 23.52 3.21 -35.28
N GLY E 239 22.74 2.29 -35.81
CA GLY E 239 22.63 0.94 -35.29
C GLY E 239 23.57 0.01 -36.03
N GLY E 240 23.05 -0.68 -37.04
CA GLY E 240 23.72 -1.80 -37.65
C GLY E 240 22.67 -2.85 -37.90
N CYS E 241 21.43 -2.44 -37.65
CA CYS E 241 20.26 -3.29 -37.73
C CYS E 241 19.46 -3.01 -39.00
N PHE E 242 18.88 -4.08 -39.55
CA PHE E 242 18.00 -3.99 -40.71
C PHE E 242 16.67 -3.38 -40.29
N VAL E 243 16.53 -2.07 -40.48
CA VAL E 243 15.30 -1.40 -40.09
C VAL E 243 14.19 -1.80 -41.05
N LEU E 244 13.07 -2.26 -40.50
CA LEU E 244 12.01 -2.90 -41.27
C LEU E 244 10.67 -2.31 -40.82
N SER E 245 10.28 -1.21 -41.46
CA SER E 245 9.09 -0.47 -41.07
C SER E 245 7.87 -0.98 -41.81
N ALA E 246 6.70 -0.53 -41.35
CA ALA E 246 5.44 -0.95 -41.94
C ALA E 246 4.38 0.09 -41.63
N ASN E 247 3.59 0.46 -42.64
CA ASN E 247 2.49 1.41 -42.46
C ASN E 247 1.31 0.93 -43.29
N GLN E 248 0.13 1.45 -42.99
CA GLN E 248 -1.10 0.99 -43.64
C GLN E 248 -1.58 2.01 -44.66
N PHE E 249 -2.51 1.57 -45.51
CA PHE E 249 -3.00 2.36 -46.64
C PHE E 249 -4.51 2.22 -46.70
N CYS E 250 -5.23 3.32 -46.46
CA CYS E 250 -6.69 3.30 -46.39
C CYS E 250 -7.26 4.48 -47.14
N ARG E 251 -8.56 4.42 -47.41
CA ARG E 251 -9.28 5.50 -48.09
C ARG E 251 -10.60 5.80 -47.38
N VAL E 276 -5.78 10.95 -47.40
CA VAL E 276 -6.04 9.52 -47.37
C VAL E 276 -4.94 8.79 -46.59
N CYS E 277 -3.85 9.52 -46.32
CA CYS E 277 -2.69 9.06 -45.54
C CYS E 277 -2.06 7.81 -46.17
N ALA E 278 -1.52 8.01 -47.37
CA ALA E 278 -0.89 6.93 -48.13
C ALA E 278 0.46 6.60 -47.51
N GLY E 279 0.45 5.61 -46.62
CA GLY E 279 1.66 5.20 -45.94
C GLY E 279 2.63 4.46 -46.85
N GLY E 280 3.92 4.63 -46.56
CA GLY E 280 4.94 3.95 -47.34
C GLY E 280 5.91 3.16 -46.50
N SER E 281 5.91 1.85 -46.64
CA SER E 281 6.81 0.97 -45.91
C SER E 281 8.04 0.68 -46.75
N SER E 282 9.11 0.26 -46.08
CA SER E 282 10.38 0.03 -46.75
C SER E 282 11.22 -0.93 -45.92
N ILE E 283 12.48 -1.08 -46.32
CA ILE E 283 13.48 -1.89 -45.63
C ILE E 283 14.85 -1.32 -45.98
N ILE E 284 15.69 -1.09 -44.97
CA ILE E 284 16.92 -0.32 -45.15
C ILE E 284 18.10 -1.14 -44.67
N SER E 285 19.12 -1.26 -45.52
CA SER E 285 20.39 -1.88 -45.17
C SER E 285 21.10 -1.09 -44.08
N PRO E 286 21.97 -1.72 -43.29
CA PRO E 286 22.73 -0.97 -42.28
C PRO E 286 23.89 -0.16 -42.83
N LEU E 287 23.98 0.04 -44.14
CA LEU E 287 24.89 1.04 -44.71
C LEU E 287 24.15 2.26 -45.22
N GLY E 288 22.83 2.28 -45.13
CA GLY E 288 22.04 3.38 -45.67
C GLY E 288 21.55 3.18 -47.08
N ILE E 289 21.31 1.93 -47.48
CA ILE E 289 20.92 1.61 -48.85
C ILE E 289 19.51 1.02 -48.81
N VAL E 290 18.56 1.71 -49.42
CA VAL E 290 17.18 1.25 -49.42
C VAL E 290 17.03 0.07 -50.37
N LEU E 291 16.64 -1.07 -49.83
CA LEU E 291 16.44 -2.25 -50.68
C LEU E 291 15.14 -2.17 -51.46
N ALA E 292 14.02 -1.96 -50.77
CA ALA E 292 12.72 -1.83 -51.41
C ALA E 292 12.15 -0.46 -51.07
N GLY E 293 11.72 0.27 -52.09
CA GLY E 293 11.45 1.68 -51.95
C GLY E 293 10.17 1.98 -51.22
N PRO E 294 9.93 3.28 -51.00
CA PRO E 294 8.72 3.71 -50.30
C PRO E 294 7.48 3.62 -51.17
N ASN E 295 6.83 2.45 -51.18
CA ASN E 295 5.73 2.17 -52.09
C ASN E 295 4.48 2.98 -51.72
N TYR E 296 4.34 4.15 -52.35
CA TYR E 296 3.13 4.96 -52.21
C TYR E 296 2.04 4.57 -53.19
N ARG E 297 2.28 3.58 -54.04
CA ARG E 297 1.42 3.24 -55.16
C ARG E 297 0.46 2.15 -54.71
N GLY E 298 -0.60 2.54 -54.01
CA GLY E 298 -1.59 1.59 -53.52
C GLY E 298 -1.05 0.70 -52.42
N GLU E 299 -1.80 -0.36 -52.14
CA GLU E 299 -1.40 -1.36 -51.17
C GLU E 299 -0.91 -2.61 -51.89
N ALA E 300 0.13 -3.23 -51.35
CA ALA E 300 0.77 -4.38 -51.98
C ALA E 300 1.59 -5.12 -50.94
N LEU E 301 2.32 -6.13 -51.40
CA LEU E 301 3.28 -6.85 -50.58
C LEU E 301 4.67 -6.40 -50.99
N ILE E 302 5.58 -6.33 -50.01
CA ILE E 302 6.95 -5.88 -50.23
C ILE E 302 7.88 -6.91 -49.63
N THR E 303 8.81 -7.42 -50.45
CA THR E 303 9.74 -8.45 -50.02
C THR E 303 11.17 -8.08 -50.41
N ALA E 304 12.11 -8.60 -49.63
CA ALA E 304 13.54 -8.47 -49.88
C ALA E 304 14.24 -9.54 -49.05
N ASP E 305 15.52 -9.74 -49.33
CA ASP E 305 16.33 -10.70 -48.59
C ASP E 305 17.31 -9.97 -47.68
N LEU E 306 17.77 -10.66 -46.64
CA LEU E 306 18.59 -10.08 -45.59
C LEU E 306 19.88 -10.87 -45.48
N ASP E 307 21.01 -10.21 -45.68
CA ASP E 307 22.32 -10.82 -45.51
C ASP E 307 22.83 -10.53 -44.11
N LEU E 308 22.89 -11.56 -43.25
CA LEU E 308 23.34 -11.36 -41.87
C LEU E 308 24.84 -11.16 -41.75
N GLY E 309 25.60 -11.34 -42.83
CA GLY E 309 27.00 -10.99 -42.84
C GLY E 309 27.27 -9.55 -43.19
N ASP E 310 26.23 -8.75 -43.39
CA ASP E 310 26.36 -7.33 -43.69
C ASP E 310 26.24 -6.48 -42.43
N ILE E 311 26.51 -7.07 -41.26
CA ILE E 311 26.49 -6.35 -39.99
C ILE E 311 27.87 -6.28 -39.38
N ALA E 312 28.59 -7.41 -39.36
CA ALA E 312 29.97 -7.42 -38.88
C ALA E 312 30.91 -6.69 -39.83
N ARG E 313 30.52 -6.51 -41.09
CA ARG E 313 31.26 -5.63 -41.99
C ARG E 313 30.76 -4.19 -41.91
N ALA E 314 29.63 -3.95 -41.28
CA ALA E 314 29.10 -2.60 -41.16
C ALA E 314 29.49 -1.93 -39.86
N LYS E 315 29.82 -2.72 -38.82
CA LYS E 315 30.25 -2.18 -37.54
C LYS E 315 31.77 -2.06 -37.44
N PHE E 316 32.43 -1.87 -38.57
CA PHE E 316 33.87 -1.59 -38.59
C PHE E 316 34.14 -0.11 -38.41
N ASP E 317 33.23 0.74 -38.89
CA ASP E 317 33.42 2.18 -38.79
C ASP E 317 32.96 2.72 -37.43
N PHE E 318 31.67 2.58 -37.13
CA PHE E 318 31.08 3.36 -36.05
C PHE E 318 31.13 2.64 -34.71
N ASP E 319 30.40 1.52 -34.62
CA ASP E 319 30.39 0.63 -33.46
C ASP E 319 29.95 1.37 -32.19
N VAL E 320 28.64 1.56 -32.03
CA VAL E 320 27.95 1.97 -30.80
C VAL E 320 28.08 0.85 -29.76
N VAL E 321 27.40 0.94 -28.60
CA VAL E 321 27.85 0.82 -27.21
C VAL E 321 29.18 0.10 -26.91
N GLY E 322 29.67 -0.78 -27.79
CA GLY E 322 31.12 -0.95 -27.87
C GLY E 322 31.77 0.21 -28.61
N HIS E 323 32.98 0.08 -29.15
CA HIS E 323 34.16 0.71 -28.59
C HIS E 323 34.14 2.26 -28.60
N TYR E 324 33.11 2.89 -29.18
CA TYR E 324 32.71 4.26 -28.84
C TYR E 324 31.96 4.33 -27.53
N SER E 325 31.28 5.45 -27.30
CA SER E 325 30.40 5.69 -26.15
C SER E 325 31.18 5.54 -24.85
N ARG E 326 32.13 6.45 -24.66
CA ARG E 326 33.12 6.52 -23.59
C ARG E 326 32.50 6.27 -22.22
N PRO E 327 32.77 5.14 -21.58
CA PRO E 327 32.18 4.87 -20.27
C PRO E 327 32.79 5.71 -19.17
N GLU E 328 33.91 6.37 -19.41
CA GLU E 328 34.54 7.20 -18.40
C GLU E 328 33.87 8.55 -18.23
N VAL E 329 32.94 8.93 -19.10
CA VAL E 329 32.22 10.19 -18.98
C VAL E 329 30.70 9.98 -18.97
N PHE E 330 30.17 9.13 -19.84
CA PHE E 330 28.74 8.84 -19.88
C PHE E 330 28.46 7.53 -19.16
N SER E 331 27.25 7.42 -18.61
CA SER E 331 26.80 6.18 -17.98
C SER E 331 25.28 6.21 -17.90
N LEU E 332 24.64 5.12 -18.24
CA LEU E 332 23.18 5.02 -18.26
C LEU E 332 22.74 3.88 -17.35
N ASN E 333 21.55 4.00 -16.77
CA ASN E 333 20.96 2.89 -16.04
C ASN E 333 19.45 2.90 -16.18
N ILE E 334 18.91 1.74 -16.52
CA ILE E 334 17.49 1.55 -16.77
C ILE E 334 16.90 0.78 -15.60
N ARG E 335 15.85 1.34 -14.99
CA ARG E 335 15.15 0.69 -13.89
C ARG E 335 14.00 -0.11 -14.49
N GLU E 336 14.09 -1.43 -14.38
CA GLU E 336 13.17 -2.34 -15.05
C GLU E 336 12.44 -3.17 -14.00
N HIS E 337 11.36 -2.61 -13.46
CA HIS E 337 10.62 -3.26 -12.39
C HIS E 337 9.16 -3.47 -12.80
N PRO E 338 8.56 -4.61 -12.47
CA PRO E 338 7.14 -4.79 -12.73
C PRO E 338 6.27 -4.15 -11.67
N ARG E 339 6.01 -2.85 -11.78
CA ARG E 339 5.28 -2.13 -10.74
C ARG E 339 3.79 -2.13 -11.06
N LYS E 340 2.98 -2.46 -10.06
CA LYS E 340 1.54 -2.55 -10.18
C LYS E 340 0.93 -1.90 -8.94
N ALA E 341 -0.31 -1.42 -9.07
CA ALA E 341 -0.90 -0.63 -7.99
C ALA E 341 -1.27 -1.49 -6.79
N VAL E 342 -2.12 -2.50 -6.98
CA VAL E 342 -2.63 -3.34 -5.90
C VAL E 342 -2.05 -4.74 -6.06
N SER E 343 -1.42 -5.25 -5.00
CA SER E 343 -0.74 -6.54 -5.05
C SER E 343 -1.28 -7.43 -3.94
N PHE E 344 -2.14 -8.38 -4.29
CA PHE E 344 -2.66 -9.33 -3.31
C PHE E 344 -1.61 -10.39 -3.02
N LYS E 345 -1.46 -10.73 -1.75
CA LYS E 345 -0.58 -11.82 -1.34
C LYS E 345 -1.31 -12.75 -0.38
N THR E 346 -1.24 -14.05 -0.67
CA THR E 346 -1.94 -15.07 0.11
C THR E 346 -0.99 -16.15 0.57
N SER E 347 -1.53 -17.25 1.10
CA SER E 347 -0.74 -18.40 1.51
C SER E 347 -1.54 -19.68 1.37
N ILE F 35 14.70 37.79 -34.07
CA ILE F 35 15.05 37.24 -35.36
C ILE F 35 16.49 37.58 -35.72
N VAL F 36 17.31 36.54 -35.91
CA VAL F 36 18.69 36.71 -36.32
C VAL F 36 18.86 36.10 -37.70
N ARG F 37 20.06 36.26 -38.26
CA ARG F 37 20.39 35.61 -39.53
C ARG F 37 21.85 35.20 -39.48
N ALA F 38 22.13 34.03 -40.07
CA ALA F 38 23.44 33.41 -39.91
C ALA F 38 23.92 32.88 -41.25
N THR F 39 25.25 32.77 -41.39
CA THR F 39 25.88 32.31 -42.61
C THR F 39 26.81 31.15 -42.33
N VAL F 40 26.98 30.30 -43.34
CA VAL F 40 28.03 29.28 -43.35
C VAL F 40 28.88 29.51 -44.60
N VAL F 41 30.13 29.07 -44.53
CA VAL F 41 31.04 29.19 -45.66
C VAL F 41 31.39 27.79 -46.15
N GLN F 42 32.03 27.72 -47.32
CA GLN F 42 32.30 26.43 -47.93
C GLN F 42 33.70 26.44 -48.55
N ALA F 43 34.54 27.41 -48.19
CA ALA F 43 35.86 27.52 -48.80
C ALA F 43 36.83 26.53 -48.18
N SER F 44 37.97 26.36 -48.84
CA SER F 44 39.00 25.42 -48.39
C SER F 44 40.26 26.18 -48.05
N THR F 45 41.14 25.51 -47.31
CA THR F 45 42.41 26.07 -46.90
C THR F 45 43.49 25.69 -47.90
N VAL F 46 44.63 26.38 -47.81
CA VAL F 46 45.78 26.08 -48.66
C VAL F 46 46.66 25.00 -48.06
N PHE F 47 46.31 24.49 -46.87
CA PHE F 47 46.79 23.26 -46.23
C PHE F 47 48.21 23.34 -45.70
N TYR F 48 48.95 24.37 -46.08
CA TYR F 48 50.31 24.63 -45.62
C TYR F 48 50.45 26.13 -45.47
N ASP F 49 51.46 26.54 -44.69
CA ASP F 49 51.80 27.94 -44.43
C ASP F 49 50.60 28.69 -43.82
N THR F 50 50.29 28.29 -42.58
CA THR F 50 49.13 28.78 -41.84
C THR F 50 48.97 30.30 -41.60
N PRO F 51 49.99 31.17 -41.68
CA PRO F 51 49.66 32.61 -41.75
C PRO F 51 49.12 33.06 -43.09
N ALA F 52 49.20 32.23 -44.14
CA ALA F 52 48.67 32.62 -45.45
C ALA F 52 47.21 32.25 -45.61
N THR F 53 46.73 31.24 -44.87
CA THR F 53 45.33 30.84 -44.91
C THR F 53 44.48 31.64 -43.93
N LEU F 54 45.03 32.68 -43.32
CA LEU F 54 44.31 33.48 -42.34
C LEU F 54 43.75 34.76 -42.94
N ASP F 55 44.25 35.18 -44.11
CA ASP F 55 43.70 36.32 -44.83
C ASP F 55 42.54 35.96 -45.73
N LYS F 56 42.47 34.69 -46.17
CA LYS F 56 41.25 34.18 -46.80
C LYS F 56 40.08 34.29 -45.86
N ALA F 57 40.30 33.98 -44.58
CA ALA F 57 39.30 34.16 -43.55
C ALA F 57 38.90 35.62 -43.39
N GLU F 58 39.86 36.55 -43.51
CA GLU F 58 39.57 37.98 -43.45
C GLU F 58 38.69 38.44 -44.59
N ARG F 59 39.03 38.07 -45.83
CA ARG F 59 38.24 38.54 -46.97
C ARG F 59 36.88 37.87 -47.03
N LEU F 60 36.76 36.61 -46.58
CA LEU F 60 35.45 35.99 -46.49
C LEU F 60 34.61 36.57 -45.37
N LEU F 61 35.25 36.97 -44.27
CA LEU F 61 34.53 37.59 -43.16
C LEU F 61 34.01 38.97 -43.55
N SER F 62 34.79 39.71 -44.36
CA SER F 62 34.31 41.00 -44.84
C SER F 62 33.18 40.85 -45.87
N GLU F 63 33.29 39.88 -46.78
CA GLU F 63 32.21 39.65 -47.74
C GLU F 63 30.95 39.11 -47.06
N ALA F 64 31.10 38.41 -45.94
CA ALA F 64 29.93 38.00 -45.16
C ALA F 64 29.43 39.12 -44.26
N ALA F 65 30.25 40.14 -44.03
CA ALA F 65 29.83 41.30 -43.26
C ALA F 65 28.98 42.26 -44.08
N GLU F 66 29.25 42.37 -45.38
CA GLU F 66 28.66 43.45 -46.16
C GLU F 66 27.16 43.27 -46.44
N ASN F 67 26.57 42.12 -46.11
CA ASN F 67 25.12 41.94 -46.27
C ASN F 67 24.38 41.85 -44.93
N GLY F 68 24.97 42.36 -43.86
CA GLY F 68 24.28 42.47 -42.59
C GLY F 68 24.06 41.18 -41.84
N SER F 69 25.06 40.29 -41.84
CA SER F 69 24.95 39.02 -41.15
C SER F 69 25.28 39.19 -39.67
N GLN F 70 25.09 38.12 -38.92
CA GLN F 70 25.26 38.20 -37.48
C GLN F 70 25.98 37.00 -36.88
N LEU F 71 26.17 35.90 -37.62
CA LEU F 71 26.78 34.70 -37.07
C LEU F 71 27.41 33.91 -38.22
N VAL F 72 28.72 33.67 -38.14
CA VAL F 72 29.47 33.05 -39.22
C VAL F 72 30.07 31.74 -38.72
N VAL F 73 29.88 30.67 -39.48
CA VAL F 73 30.34 29.34 -39.13
C VAL F 73 31.35 28.85 -40.17
N PHE F 74 32.52 28.43 -39.72
CA PHE F 74 33.60 27.92 -40.55
C PHE F 74 33.69 26.39 -40.42
N PRO F 75 34.19 25.69 -41.47
CA PRO F 75 34.16 24.23 -41.43
C PRO F 75 35.16 23.58 -40.49
N GLU F 76 35.21 22.25 -40.52
CA GLU F 76 36.09 21.49 -39.65
C GLU F 76 37.52 21.56 -40.14
N ALA F 77 38.46 21.78 -39.20
CA ALA F 77 39.91 21.78 -39.43
C ALA F 77 40.32 22.81 -40.48
N PHE F 78 39.84 24.04 -40.28
CA PHE F 78 40.06 25.07 -41.27
C PHE F 78 41.46 25.65 -41.21
N ILE F 79 41.96 25.95 -40.01
CA ILE F 79 43.28 26.58 -39.88
C ILE F 79 44.39 25.56 -40.02
N GLY F 80 44.29 24.43 -39.30
CA GLY F 80 45.36 23.46 -39.32
C GLY F 80 45.45 22.66 -40.61
N GLY F 81 44.33 22.46 -41.29
CA GLY F 81 44.34 21.68 -42.50
C GLY F 81 43.99 20.22 -42.24
N TYR F 82 43.23 19.64 -43.16
CA TYR F 82 42.72 18.29 -43.00
C TYR F 82 43.36 17.38 -44.03
N PRO F 83 44.31 16.52 -43.66
CA PRO F 83 45.02 15.72 -44.67
C PRO F 83 44.17 14.63 -45.25
N ARG F 84 43.72 14.81 -46.49
CA ARG F 84 42.81 13.87 -47.12
C ARG F 84 43.61 12.93 -48.01
N GLY F 85 43.32 11.63 -47.91
CA GLY F 85 43.91 10.64 -48.76
C GLY F 85 45.25 10.11 -48.30
N SER F 86 45.97 10.83 -47.45
CA SER F 86 47.28 10.39 -47.00
C SER F 86 47.14 9.27 -45.99
N THR F 87 48.09 8.33 -46.00
CA THR F 87 48.02 7.16 -45.14
C THR F 87 49.14 7.08 -44.11
N PHE F 88 50.20 7.87 -44.26
CA PHE F 88 51.40 7.93 -43.42
C PHE F 88 52.20 6.63 -43.38
N GLU F 89 51.84 5.64 -44.21
CA GLU F 89 52.48 4.32 -44.30
C GLU F 89 52.53 3.61 -42.95
N LEU F 90 51.36 3.33 -42.40
CA LEU F 90 51.22 2.59 -41.15
C LEU F 90 50.60 1.23 -41.46
N ALA F 91 51.44 0.19 -41.54
CA ALA F 91 50.89 -1.11 -41.88
C ALA F 91 50.30 -1.81 -40.66
N ILE F 92 51.16 -2.26 -39.74
CA ILE F 92 50.68 -2.80 -38.48
C ILE F 92 51.60 -2.28 -37.37
N GLY F 93 52.58 -1.47 -37.75
CA GLY F 93 53.73 -1.25 -36.92
C GLY F 93 55.02 -1.45 -37.68
N SER F 94 54.97 -1.27 -38.99
CA SER F 94 56.19 -1.28 -39.80
C SER F 94 56.99 0.01 -39.60
N ARG F 95 56.32 1.16 -39.72
CA ARG F 95 56.87 2.50 -39.45
C ARG F 95 58.07 2.82 -40.35
N THR F 96 57.78 2.95 -41.64
CA THR F 96 58.80 3.34 -42.60
C THR F 96 59.27 4.78 -42.35
N ALA F 97 60.39 5.14 -42.98
CA ALA F 97 61.00 6.43 -42.78
C ALA F 97 60.18 7.58 -43.35
N LYS F 98 59.39 7.33 -44.41
CA LYS F 98 58.55 8.38 -44.97
C LYS F 98 57.15 8.32 -44.38
N GLY F 99 57.08 8.33 -43.05
CA GLY F 99 55.88 8.72 -42.36
C GLY F 99 56.23 9.74 -41.29
N ARG F 100 57.49 9.71 -40.87
CA ARG F 100 57.95 10.56 -39.79
C ARG F 100 58.12 11.99 -40.26
N ASP F 101 58.74 12.16 -41.44
CA ASP F 101 58.93 13.48 -42.01
C ASP F 101 57.60 14.09 -42.44
N ASP F 102 56.68 13.25 -42.92
CA ASP F 102 55.33 13.70 -43.23
C ASP F 102 54.61 14.16 -41.97
N PHE F 103 54.80 13.44 -40.85
CA PHE F 103 54.16 13.86 -39.61
C PHE F 103 54.76 15.14 -39.05
N ARG F 104 56.07 15.33 -39.17
CA ARG F 104 56.63 16.57 -38.62
C ARG F 104 56.31 17.78 -39.51
N LYS F 105 56.19 17.57 -40.83
CA LYS F 105 55.74 18.66 -41.70
C LYS F 105 54.29 19.00 -41.44
N TYR F 106 53.48 18.04 -40.99
CA TYR F 106 52.11 18.37 -40.60
C TYR F 106 52.05 18.97 -39.20
N HIS F 107 52.97 18.58 -38.33
CA HIS F 107 52.97 19.08 -36.95
C HIS F 107 53.45 20.52 -36.89
N ALA F 108 54.35 20.92 -37.78
CA ALA F 108 54.88 22.29 -37.75
C ALA F 108 53.90 23.32 -38.29
N SER F 109 52.69 22.93 -38.69
CA SER F 109 51.69 23.85 -39.21
C SER F 109 50.42 23.86 -38.36
N ALA F 110 50.56 23.79 -37.04
CA ALA F 110 49.44 23.87 -36.13
C ALA F 110 49.63 25.05 -35.19
N ILE F 111 48.55 25.42 -34.50
CA ILE F 111 48.56 26.60 -33.63
C ILE F 111 48.44 26.14 -32.19
N ASP F 112 48.46 27.10 -31.25
CA ASP F 112 48.30 26.79 -29.84
C ASP F 112 47.54 27.91 -29.15
N VAL F 113 46.65 27.54 -28.24
CA VAL F 113 45.79 28.52 -27.58
C VAL F 113 46.16 28.61 -26.10
N PRO F 114 46.09 29.80 -25.49
CA PRO F 114 45.98 31.10 -26.16
C PRO F 114 47.34 31.56 -26.67
N GLY F 115 47.37 32.19 -27.85
CA GLY F 115 48.62 32.59 -28.45
C GLY F 115 48.44 33.71 -29.45
N PRO F 116 49.40 33.85 -30.37
CA PRO F 116 49.33 34.95 -31.35
C PRO F 116 48.32 34.74 -32.44
N GLU F 117 47.79 33.52 -32.62
CA GLU F 117 46.83 33.25 -33.68
C GLU F 117 45.38 33.43 -33.24
N VAL F 118 45.11 33.51 -31.94
CA VAL F 118 43.75 33.82 -31.48
C VAL F 118 43.58 35.30 -31.15
N GLU F 119 44.67 36.02 -30.88
CA GLU F 119 44.58 37.47 -30.70
C GLU F 119 44.17 38.16 -31.99
N ARG F 120 44.66 37.66 -33.12
CA ARG F 120 44.27 38.25 -34.40
C ARG F 120 42.82 37.93 -34.74
N LEU F 121 42.32 36.76 -34.34
CA LEU F 121 40.92 36.44 -34.58
C LEU F 121 40.00 37.24 -33.65
N ALA F 122 40.44 37.49 -32.42
CA ALA F 122 39.68 38.35 -31.53
C ALA F 122 39.66 39.78 -32.05
N LEU F 123 40.77 40.27 -32.58
CA LEU F 123 40.80 41.59 -33.19
C LEU F 123 39.99 41.64 -34.48
N MET F 124 39.86 40.50 -35.17
CA MET F 124 39.04 40.42 -36.37
C MET F 124 37.57 40.54 -36.02
N ALA F 125 37.12 39.80 -35.01
CA ALA F 125 35.71 39.87 -34.61
C ALA F 125 35.41 41.10 -33.75
N LYS F 126 36.43 41.83 -33.31
CA LYS F 126 36.23 43.01 -32.47
C LYS F 126 35.92 44.25 -33.27
N LYS F 127 36.23 44.27 -34.57
CA LYS F 127 36.06 45.46 -35.40
C LYS F 127 34.60 45.85 -35.55
N TYR F 128 33.72 44.87 -35.74
CA TYR F 128 32.29 45.14 -35.82
C TYR F 128 31.55 44.07 -35.02
N LYS F 129 30.23 44.05 -35.12
CA LYS F 129 29.40 43.16 -34.32
C LYS F 129 29.09 41.89 -35.11
N VAL F 130 29.71 40.78 -34.72
CA VAL F 130 29.42 39.46 -35.26
C VAL F 130 29.89 38.43 -34.24
N TYR F 131 29.18 37.30 -34.18
CA TYR F 131 29.61 36.15 -33.39
C TYR F 131 30.38 35.21 -34.30
N LEU F 132 31.40 34.58 -33.76
CA LEU F 132 32.37 33.85 -34.57
C LEU F 132 32.63 32.50 -33.94
N VAL F 133 32.42 31.43 -34.70
CA VAL F 133 32.94 30.12 -34.35
C VAL F 133 33.99 29.77 -35.39
N MET F 134 34.88 28.85 -35.05
CA MET F 134 36.02 28.55 -35.91
C MET F 134 36.56 27.18 -35.57
N GLY F 135 36.76 26.36 -36.59
CA GLY F 135 37.33 25.04 -36.40
C GLY F 135 38.82 25.00 -36.67
N VAL F 136 39.62 24.94 -35.60
CA VAL F 136 41.07 24.99 -35.72
C VAL F 136 41.66 23.65 -35.32
N ILE F 137 42.97 23.53 -35.41
CA ILE F 137 43.71 22.39 -34.87
C ILE F 137 44.79 22.92 -33.96
N GLU F 138 44.74 22.54 -32.70
CA GLU F 138 45.66 23.04 -31.69
C GLU F 138 46.70 21.98 -31.36
N ARG F 139 47.79 22.42 -30.74
CA ARG F 139 48.82 21.53 -30.23
C ARG F 139 48.92 21.71 -28.72
N GLU F 140 49.34 20.64 -28.05
CA GLU F 140 49.63 20.71 -26.62
C GLU F 140 50.71 19.67 -26.34
N GLY F 141 51.96 20.09 -26.40
CA GLY F 141 53.11 19.24 -26.13
C GLY F 141 53.23 18.04 -27.05
N TYR F 142 53.48 18.30 -28.33
CA TYR F 142 53.63 17.29 -29.38
C TYR F 142 52.40 16.40 -29.53
N THR F 143 51.22 16.94 -29.29
CA THR F 143 49.95 16.27 -29.58
C THR F 143 49.14 17.15 -30.53
N LEU F 144 48.00 16.61 -30.97
CA LEU F 144 47.11 17.34 -31.86
C LEU F 144 45.68 17.12 -31.41
N TYR F 145 45.00 18.20 -31.04
CA TYR F 145 43.59 18.13 -30.67
C TYR F 145 42.77 18.91 -31.69
N CYS F 146 41.74 18.28 -32.23
CA CYS F 146 40.89 18.90 -33.23
C CYS F 146 39.75 19.63 -32.52
N THR F 147 40.01 20.85 -32.09
CA THR F 147 39.08 21.61 -31.28
C THR F 147 38.28 22.59 -32.14
N VAL F 148 37.42 23.35 -31.47
CA VAL F 148 36.61 24.39 -32.10
C VAL F 148 36.56 25.56 -31.12
N LEU F 149 36.48 26.77 -31.65
CA LEU F 149 36.60 27.98 -30.83
C LEU F 149 35.32 28.79 -30.88
N PHE F 150 35.20 29.75 -29.96
CA PHE F 150 34.02 30.58 -29.83
C PHE F 150 34.43 32.01 -29.52
N PHE F 151 33.79 32.97 -30.18
CA PHE F 151 34.09 34.38 -29.96
C PHE F 151 32.80 35.19 -30.00
N ASP F 152 32.72 36.19 -29.14
CA ASP F 152 31.54 37.04 -29.06
C ASP F 152 31.75 38.32 -29.87
N SER F 153 30.82 39.27 -29.70
CA SER F 153 30.86 40.52 -30.43
C SER F 153 31.81 41.55 -29.83
N GLN F 154 32.34 41.30 -28.64
CA GLN F 154 33.19 42.28 -27.96
C GLN F 154 34.65 41.85 -27.93
N GLY F 155 35.02 40.83 -28.71
CA GLY F 155 36.40 40.40 -28.78
C GLY F 155 36.88 39.59 -27.61
N LEU F 156 35.98 39.00 -26.83
CA LEU F 156 36.36 38.13 -25.72
C LEU F 156 36.54 36.70 -26.22
N PHE F 157 37.13 35.87 -25.36
CA PHE F 157 37.36 34.46 -25.65
C PHE F 157 36.48 33.66 -24.70
N LEU F 158 35.39 33.10 -25.23
CA LEU F 158 34.44 32.39 -24.39
C LEU F 158 34.99 31.05 -23.93
N GLY F 159 35.38 30.20 -24.86
CA GLY F 159 35.92 28.90 -24.50
C GLY F 159 36.19 28.08 -25.73
N LYS F 160 36.21 26.76 -25.54
CA LYS F 160 36.52 25.84 -26.62
C LYS F 160 35.91 24.48 -26.34
N HIS F 161 35.70 23.71 -27.40
CA HIS F 161 35.14 22.36 -27.31
C HIS F 161 36.02 21.40 -28.08
N ARG F 162 36.82 20.62 -27.38
CA ARG F 162 37.64 19.60 -28.02
C ARG F 162 36.77 18.45 -28.50
N LYS F 163 37.37 17.59 -29.32
CA LYS F 163 36.65 16.45 -29.86
C LYS F 163 36.73 15.28 -28.89
N LEU F 164 35.60 14.57 -28.72
CA LEU F 164 35.54 13.50 -27.75
C LEU F 164 36.34 12.29 -28.22
N MET F 165 36.01 11.74 -29.38
CA MET F 165 36.78 10.63 -29.89
C MET F 165 36.91 10.71 -31.41
N PRO F 166 38.13 10.65 -31.95
CA PRO F 166 38.31 10.62 -33.40
C PRO F 166 37.85 9.29 -33.98
N THR F 167 37.59 9.29 -35.30
CA THR F 167 36.68 8.27 -35.82
C THR F 167 37.36 6.93 -36.09
N ALA F 168 38.16 6.82 -37.14
CA ALA F 168 38.78 5.54 -37.47
C ALA F 168 40.30 5.62 -37.57
N LEU F 169 40.83 6.44 -38.46
CA LEU F 169 42.27 6.51 -38.67
C LEU F 169 42.87 7.73 -38.01
N GLU F 170 42.05 8.70 -37.64
CA GLU F 170 42.49 9.88 -36.92
C GLU F 170 42.91 9.57 -35.49
N ARG F 171 42.61 8.37 -34.99
CA ARG F 171 43.11 7.91 -33.70
C ARG F 171 44.63 7.80 -33.68
N CYS F 172 45.24 7.57 -34.84
CA CYS F 172 46.68 7.40 -34.93
C CYS F 172 47.42 8.71 -34.70
N ILE F 173 46.81 9.84 -35.07
CA ILE F 173 47.51 11.12 -35.07
C ILE F 173 46.90 12.13 -34.11
N TRP F 174 45.66 11.96 -33.66
CA TRP F 174 45.01 12.94 -32.80
C TRP F 174 44.80 12.36 -31.41
N GLY F 175 44.20 13.19 -30.55
CA GLY F 175 44.01 12.84 -29.16
C GLY F 175 42.56 12.90 -28.74
N PHE F 176 42.31 12.43 -27.51
CA PHE F 176 40.97 12.31 -26.98
C PHE F 176 40.66 13.47 -26.04
N GLY F 177 39.43 13.95 -26.10
CA GLY F 177 38.99 15.01 -25.21
C GLY F 177 38.40 14.45 -23.94
N ASP F 178 38.28 15.30 -22.92
CA ASP F 178 37.73 14.88 -21.65
C ASP F 178 36.29 15.35 -21.51
N GLY F 179 35.73 15.12 -20.33
CA GLY F 179 34.34 15.47 -20.10
C GLY F 179 34.09 16.92 -19.76
N SER F 180 35.08 17.63 -19.23
CA SER F 180 34.89 18.99 -18.75
C SER F 180 35.06 20.01 -19.86
N THR F 181 34.37 19.81 -20.97
CA THR F 181 34.56 20.67 -22.14
C THR F 181 33.25 21.08 -22.81
N ILE F 182 32.17 20.33 -22.65
CA ILE F 182 30.87 20.54 -23.29
C ILE F 182 30.27 21.88 -22.86
N PRO F 183 30.07 22.83 -23.78
CA PRO F 183 29.70 24.19 -23.38
C PRO F 183 28.21 24.51 -23.41
N VAL F 184 27.82 25.59 -22.74
CA VAL F 184 26.48 26.16 -22.82
C VAL F 184 26.50 27.42 -23.68
N PHE F 185 27.24 28.44 -23.25
CA PHE F 185 27.55 29.67 -23.97
C PHE F 185 26.27 30.44 -24.34
N ASP F 186 25.58 30.90 -23.30
CA ASP F 186 24.41 31.72 -23.50
C ASP F 186 24.78 33.11 -24.02
N THR F 187 24.09 33.55 -25.06
CA THR F 187 24.28 34.83 -25.72
C THR F 187 22.96 35.59 -25.67
N PRO F 188 22.95 36.90 -25.95
CA PRO F 188 21.66 37.61 -26.07
C PRO F 188 20.89 37.33 -27.35
N ILE F 189 21.32 36.40 -28.19
CA ILE F 189 20.52 35.92 -29.31
C ILE F 189 20.12 34.47 -29.15
N GLY F 190 20.44 33.85 -28.02
CA GLY F 190 20.11 32.46 -27.77
C GLY F 190 21.28 31.72 -27.17
N LYS F 191 21.17 30.40 -27.14
CA LYS F 191 22.22 29.54 -26.63
C LYS F 191 22.77 28.72 -27.79
N ILE F 192 24.10 28.76 -27.97
CA ILE F 192 24.74 28.09 -29.09
C ILE F 192 25.67 27.01 -28.58
N GLY F 193 25.67 25.87 -29.28
CA GLY F 193 26.57 24.78 -28.97
C GLY F 193 27.22 24.26 -30.24
N ALA F 194 28.02 23.20 -30.09
CA ALA F 194 28.72 22.68 -31.24
C ALA F 194 29.02 21.20 -31.06
N ALA F 195 29.30 20.55 -32.17
CA ALA F 195 29.74 19.17 -32.22
C ALA F 195 30.46 18.98 -33.55
N ILE F 196 31.24 17.89 -33.64
CA ILE F 196 32.15 17.71 -34.76
C ILE F 196 31.68 16.43 -35.44
N CYS F 197 32.44 15.93 -36.43
CA CYS F 197 32.02 15.04 -37.51
C CYS F 197 31.13 13.87 -37.13
N TRP F 198 31.63 12.94 -36.31
CA TRP F 198 30.84 11.79 -35.88
C TRP F 198 30.58 11.78 -34.38
N GLU F 199 30.51 12.95 -33.76
CA GLU F 199 29.92 13.03 -32.43
C GLU F 199 28.41 13.21 -32.50
N ASN F 200 27.88 13.57 -33.67
CA ASN F 200 26.46 13.76 -33.85
C ASN F 200 25.70 12.46 -33.99
N ARG F 201 26.39 11.33 -34.03
CA ARG F 201 25.73 10.03 -34.12
C ARG F 201 25.56 9.37 -32.76
N MET F 202 26.25 9.84 -31.73
CA MET F 202 26.07 9.29 -30.41
C MET F 202 24.70 9.71 -29.88
N PRO F 203 23.95 8.82 -29.22
CA PRO F 203 22.71 9.27 -28.60
C PRO F 203 22.91 9.96 -27.26
N SER F 204 23.92 9.54 -26.49
CA SER F 204 24.12 10.09 -25.15
C SER F 204 24.65 11.52 -25.20
N LEU F 205 25.51 11.84 -26.15
CA LEU F 205 26.01 13.21 -26.24
C LEU F 205 24.93 14.17 -26.69
N ARG F 206 24.02 13.72 -27.56
CA ARG F 206 22.95 14.61 -27.99
C ARG F 206 21.91 14.80 -26.89
N THR F 207 21.63 13.76 -26.10
CA THR F 207 20.74 13.99 -24.98
C THR F 207 21.44 14.62 -23.78
N ALA F 208 22.76 14.81 -23.85
CA ALA F 208 23.43 15.69 -22.91
C ALA F 208 23.48 17.13 -23.40
N MET F 209 23.44 17.34 -24.71
CA MET F 209 23.31 18.69 -25.24
C MET F 209 21.89 19.22 -25.05
N TYR F 210 20.89 18.35 -25.18
CA TYR F 210 19.51 18.80 -25.10
C TYR F 210 19.12 19.21 -23.69
N ALA F 211 19.77 18.65 -22.67
CA ALA F 211 19.42 18.97 -21.29
C ALA F 211 19.96 20.33 -20.84
N LYS F 212 20.84 20.95 -21.62
CA LYS F 212 21.36 22.26 -21.28
C LYS F 212 20.64 23.38 -22.02
N GLY F 213 19.78 23.06 -22.98
CA GLY F 213 18.96 24.07 -23.62
C GLY F 213 19.55 24.63 -24.90
N ILE F 214 19.97 23.76 -25.81
CA ILE F 214 20.52 24.21 -27.09
C ILE F 214 19.39 24.47 -28.07
N GLU F 215 19.42 25.65 -28.71
CA GLU F 215 18.50 25.91 -29.80
C GLU F 215 19.17 26.42 -31.08
N ILE F 216 20.49 26.61 -31.08
CA ILE F 216 21.25 26.84 -32.31
C ILE F 216 22.44 25.89 -32.26
N TYR F 217 22.43 24.88 -33.11
CA TYR F 217 23.27 23.69 -32.96
C TYR F 217 24.21 23.58 -34.16
N CYS F 218 25.37 24.22 -34.06
CA CYS F 218 26.36 24.17 -35.13
C CYS F 218 27.00 22.79 -35.19
N ALA F 219 27.36 22.36 -36.40
CA ALA F 219 27.97 21.04 -36.57
C ALA F 219 28.82 21.02 -37.84
N PRO F 220 30.09 21.38 -37.74
CA PRO F 220 31.00 21.17 -38.87
C PRO F 220 31.27 19.70 -39.09
N THR F 221 31.74 19.38 -40.29
CA THR F 221 32.05 18.00 -40.65
C THR F 221 33.07 17.97 -41.77
N ALA F 222 33.46 16.77 -42.16
CA ALA F 222 34.42 16.59 -43.25
C ALA F 222 34.03 15.43 -44.16
N ASP F 223 32.75 15.27 -44.44
CA ASP F 223 32.29 14.26 -45.38
C ASP F 223 31.18 14.82 -46.26
N SER F 224 30.92 14.14 -47.38
CA SER F 224 29.94 14.60 -48.38
C SER F 224 29.22 13.38 -48.94
N ARG F 225 28.09 13.03 -48.35
CA ARG F 225 27.25 11.94 -48.84
C ARG F 225 25.79 12.39 -48.82
N GLU F 226 24.93 11.56 -49.43
CA GLU F 226 23.50 11.71 -49.24
C GLU F 226 23.09 11.36 -47.82
N THR F 227 23.86 10.49 -47.17
CA THR F 227 23.74 10.13 -45.76
C THR F 227 23.64 11.33 -44.82
N TRP F 228 24.40 12.39 -45.08
CA TRP F 228 24.57 13.44 -44.08
C TRP F 228 23.32 14.32 -43.95
N LEU F 229 22.63 14.58 -45.05
CA LEU F 229 21.41 15.38 -44.98
C LEU F 229 20.29 14.62 -44.24
N ALA F 230 20.16 13.32 -44.53
CA ALA F 230 19.21 12.48 -43.81
C ALA F 230 19.60 12.25 -42.36
N SER F 231 20.88 12.38 -42.03
CA SER F 231 21.28 12.26 -40.63
C SER F 231 21.12 13.56 -39.87
N MET F 232 21.09 14.70 -40.55
CA MET F 232 20.83 15.95 -39.85
C MET F 232 19.34 16.29 -39.72
N THR F 233 18.50 15.78 -40.62
CA THR F 233 17.06 15.99 -40.48
C THR F 233 16.52 15.36 -39.20
N HIS F 234 17.08 14.21 -38.82
CA HIS F 234 16.67 13.55 -37.58
C HIS F 234 17.05 14.34 -36.35
N ILE F 235 18.22 14.99 -36.36
CA ILE F 235 18.63 15.80 -35.21
C ILE F 235 17.78 17.06 -35.13
N ALA F 236 17.48 17.68 -36.28
CA ALA F 236 16.63 18.86 -36.28
C ALA F 236 15.20 18.57 -35.87
N LEU F 237 14.75 17.32 -36.04
CA LEU F 237 13.41 16.96 -35.58
C LEU F 237 13.40 16.51 -34.12
N GLU F 238 14.40 15.73 -33.71
CA GLU F 238 14.50 15.26 -32.34
C GLU F 238 14.77 16.38 -31.36
N GLY F 239 15.35 17.48 -31.84
CA GLY F 239 15.73 18.60 -31.01
C GLY F 239 14.64 19.65 -31.03
N GLY F 240 14.80 20.65 -31.89
CA GLY F 240 14.02 21.87 -31.83
C GLY F 240 14.97 23.00 -32.13
N CYS F 241 16.18 22.62 -32.50
CA CYS F 241 17.29 23.52 -32.75
C CYS F 241 17.52 23.69 -34.25
N PHE F 242 17.93 24.89 -34.62
CA PHE F 242 18.29 25.22 -36.00
C PHE F 242 19.64 24.60 -36.31
N VAL F 243 19.62 23.42 -36.93
CA VAL F 243 20.86 22.73 -37.26
C VAL F 243 21.56 23.47 -38.40
N LEU F 244 22.83 23.80 -38.19
CA LEU F 244 23.55 24.72 -39.06
C LEU F 244 24.92 24.09 -39.36
N SER F 245 24.97 23.28 -40.40
CA SER F 245 26.18 22.52 -40.74
C SER F 245 27.06 23.30 -41.69
N ALA F 246 28.29 22.81 -41.86
CA ALA F 246 29.27 23.47 -42.72
C ALA F 246 30.29 22.43 -43.17
N ASN F 247 30.63 22.45 -44.45
CA ASN F 247 31.64 21.56 -45.00
C ASN F 247 32.45 22.33 -46.02
N GLN F 248 33.63 21.82 -46.37
CA GLN F 248 34.54 22.53 -47.25
C GLN F 248 34.54 21.90 -48.64
N PHE F 249 35.12 22.63 -49.60
CA PHE F 249 35.09 22.27 -51.01
C PHE F 249 36.48 22.50 -51.59
N CYS F 250 37.16 21.42 -51.98
CA CYS F 250 38.54 21.52 -52.45
C CYS F 250 38.72 20.64 -53.70
N ARG F 251 39.82 20.87 -54.40
CA ARG F 251 40.16 20.09 -55.59
C ARG F 251 41.63 19.66 -55.56
N VAL F 276 36.84 14.49 -55.33
CA VAL F 276 37.18 15.85 -54.97
C VAL F 276 36.50 16.24 -53.65
N CYS F 277 35.55 15.40 -53.24
CA CYS F 277 34.79 15.53 -51.98
C CYS F 277 34.06 16.88 -51.90
N ALA F 278 33.10 17.02 -52.82
CA ALA F 278 32.30 18.24 -52.92
C ALA F 278 31.30 18.29 -51.77
N GLY F 279 31.71 18.96 -50.69
CA GLY F 279 30.86 19.06 -49.51
C GLY F 279 29.68 19.98 -49.72
N GLY F 280 28.59 19.66 -49.04
CA GLY F 280 27.39 20.49 -49.12
C GLY F 280 26.85 20.91 -47.77
N SER F 281 26.90 22.21 -47.51
CA SER F 281 26.38 22.77 -46.26
C SER F 281 24.95 23.23 -46.44
N SER F 282 24.23 23.36 -45.33
CA SER F 282 22.82 23.70 -45.36
C SER F 282 22.42 24.31 -44.03
N ILE F 283 21.12 24.50 -43.86
CA ILE F 283 20.50 25.00 -42.64
C ILE F 283 19.07 24.49 -42.60
N ILE F 284 18.66 23.89 -41.48
CA ILE F 284 17.40 23.16 -41.41
C ILE F 284 16.54 23.73 -40.29
N SER F 285 15.28 24.03 -40.61
CA SER F 285 14.28 24.45 -39.65
C SER F 285 13.98 23.31 -38.67
N PRO F 286 13.51 23.63 -37.45
CA PRO F 286 13.15 22.56 -36.51
C PRO F 286 11.81 21.87 -36.81
N LEU F 287 11.22 22.08 -37.98
CA LEU F 287 10.11 21.27 -38.45
C LEU F 287 10.52 20.29 -39.54
N GLY F 288 11.78 20.33 -39.96
CA GLY F 288 12.24 19.50 -41.05
C GLY F 288 12.17 20.15 -42.42
N ILE F 289 12.33 21.47 -42.49
CA ILE F 289 12.19 22.22 -43.73
C ILE F 289 13.54 22.85 -44.04
N VAL F 290 14.15 22.44 -45.14
CA VAL F 290 15.47 22.94 -45.52
C VAL F 290 15.31 24.36 -46.05
N LEU F 291 15.95 25.32 -45.38
CA LEU F 291 15.89 26.71 -45.83
C LEU F 291 16.79 26.94 -47.03
N ALA F 292 18.07 26.61 -46.91
CA ALA F 292 19.03 26.75 -47.99
C ALA F 292 19.60 25.38 -48.33
N GLY F 293 19.56 25.03 -49.61
CA GLY F 293 19.77 23.66 -50.03
C GLY F 293 21.22 23.22 -49.95
N PRO F 294 21.44 21.94 -50.25
CA PRO F 294 22.80 21.38 -50.23
C PRO F 294 23.62 21.83 -51.42
N ASN F 295 24.29 22.98 -51.31
CA ASN F 295 24.99 23.58 -52.44
C ASN F 295 26.22 22.77 -52.83
N TYR F 296 26.06 21.86 -53.80
CA TYR F 296 27.16 21.12 -54.37
C TYR F 296 27.83 21.85 -55.52
N ARG F 297 27.35 23.04 -55.87
CA ARG F 297 27.76 23.76 -57.07
C ARG F 297 28.89 24.72 -56.71
N GLY F 298 30.10 24.19 -56.60
CA GLY F 298 31.25 25.00 -56.26
C GLY F 298 31.23 25.48 -54.83
N GLU F 299 32.09 26.45 -54.55
CA GLU F 299 32.15 27.09 -53.24
C GLU F 299 31.50 28.46 -53.30
N ALA F 300 30.78 28.82 -52.24
CA ALA F 300 30.02 30.07 -52.22
C ALA F 300 29.70 30.41 -50.77
N LEU F 301 28.92 31.47 -50.59
CA LEU F 301 28.38 31.83 -49.29
C LEU F 301 26.91 31.45 -49.26
N ILE F 302 26.44 31.03 -48.09
CA ILE F 302 25.07 30.58 -47.90
C ILE F 302 24.48 31.33 -46.71
N THR F 303 23.36 32.00 -46.92
CA THR F 303 22.72 32.80 -45.88
C THR F 303 21.23 32.49 -45.80
N ALA F 304 20.69 32.68 -44.61
CA ALA F 304 19.26 32.55 -44.32
C ALA F 304 18.98 33.27 -43.01
N ASP F 305 17.71 33.48 -42.71
CA ASP F 305 17.31 34.10 -41.47
C ASP F 305 16.69 33.08 -40.53
N LEU F 306 16.70 33.39 -39.24
CA LEU F 306 16.30 32.46 -38.19
C LEU F 306 15.20 33.11 -37.35
N ASP F 307 14.03 32.48 -37.32
CA ASP F 307 12.93 32.93 -36.48
C ASP F 307 12.97 32.19 -35.15
N LEU F 308 13.30 32.89 -34.08
CA LEU F 308 13.38 32.27 -32.76
C LEU F 308 12.03 31.96 -32.15
N GLY F 309 10.93 32.40 -32.75
CA GLY F 309 9.62 31.99 -32.34
C GLY F 309 9.14 30.71 -32.99
N ASP F 310 9.98 30.07 -33.80
CA ASP F 310 9.66 28.81 -34.44
C ASP F 310 10.18 27.62 -33.64
N ILE F 311 10.42 27.81 -32.35
CA ILE F 311 10.86 26.74 -31.46
C ILE F 311 9.81 26.41 -30.41
N ALA F 312 9.22 27.42 -29.79
CA ALA F 312 8.13 27.21 -28.85
C ALA F 312 6.85 26.75 -29.55
N ARG F 313 6.73 26.98 -30.86
CA ARG F 313 5.66 26.38 -31.62
C ARG F 313 6.04 25.02 -32.19
N ALA F 314 7.33 24.67 -32.14
CA ALA F 314 7.78 23.38 -32.64
C ALA F 314 7.86 22.32 -31.56
N LYS F 315 7.99 22.73 -30.29
CA LYS F 315 8.04 21.80 -29.17
C LYS F 315 6.68 21.58 -28.55
N PHE F 316 5.62 21.70 -29.34
CA PHE F 316 4.27 21.35 -28.90
C PHE F 316 3.99 19.87 -29.09
N ASP F 317 4.59 19.26 -30.12
CA ASP F 317 4.37 17.85 -30.40
C ASP F 317 5.26 16.96 -29.55
N PHE F 318 6.58 17.07 -29.72
CA PHE F 318 7.48 16.03 -29.25
C PHE F 318 7.99 16.31 -27.84
N ASP F 319 8.77 17.39 -27.69
CA ASP F 319 9.26 17.87 -26.39
C ASP F 319 10.10 16.82 -25.68
N VAL F 320 11.36 16.66 -26.10
CA VAL F 320 12.43 15.94 -25.40
C VAL F 320 12.78 16.68 -24.10
N VAL F 321 13.83 16.28 -23.37
CA VAL F 321 13.94 15.95 -21.95
C VAL F 321 12.88 16.46 -20.96
N GLY F 322 12.15 17.53 -21.28
CA GLY F 322 10.79 17.64 -20.76
C GLY F 322 9.84 16.71 -21.52
N HIS F 323 8.53 16.93 -21.49
CA HIS F 323 7.60 16.09 -20.75
C HIS F 323 7.53 14.62 -21.24
N TYR F 324 8.22 14.26 -22.32
CA TYR F 324 8.63 12.89 -22.59
C TYR F 324 9.80 12.46 -21.75
N SER F 325 10.45 11.36 -22.15
CA SER F 325 11.67 10.83 -21.55
C SER F 325 11.46 10.54 -20.07
N ARG F 326 10.59 9.56 -19.83
CA ARG F 326 10.08 9.10 -18.53
C ARG F 326 11.18 8.95 -17.50
N PRO F 327 11.24 9.82 -16.49
CA PRO F 327 12.29 9.72 -15.48
C PRO F 327 12.10 8.55 -14.54
N GLU F 328 10.93 7.92 -14.55
CA GLU F 328 10.67 6.79 -13.67
C GLU F 328 11.26 5.49 -14.19
N VAL F 329 11.77 5.45 -15.42
CA VAL F 329 12.42 4.26 -15.96
C VAL F 329 13.83 4.55 -16.45
N PHE F 330 14.05 5.65 -17.16
CA PHE F 330 15.37 6.02 -17.64
C PHE F 330 15.98 7.06 -16.72
N SER F 331 17.32 7.09 -16.66
CA SER F 331 18.05 8.09 -15.91
C SER F 331 19.48 8.12 -16.41
N LEU F 332 20.02 9.31 -16.62
CA LEU F 332 21.36 9.49 -17.14
C LEU F 332 22.18 10.33 -16.17
N ASN F 333 23.49 10.10 -16.15
CA ASN F 333 24.38 10.96 -15.39
C ASN F 333 25.72 11.09 -16.08
N ILE F 334 26.17 12.35 -16.23
CA ILE F 334 27.40 12.68 -16.93
C ILE F 334 28.45 13.08 -15.89
N ARG F 335 29.59 12.44 -15.92
CA ARG F 335 30.70 12.74 -15.02
C ARG F 335 31.59 13.76 -15.73
N GLU F 336 31.63 14.98 -15.20
CA GLU F 336 32.29 16.10 -15.86
C GLU F 336 33.41 16.62 -14.95
N HIS F 337 34.57 15.98 -15.06
CA HIS F 337 35.71 16.32 -14.21
C HIS F 337 36.91 16.73 -15.05
N PRO F 338 37.66 17.74 -14.63
CA PRO F 338 38.89 18.09 -15.35
C PRO F 338 40.05 17.20 -14.93
N ARG F 339 40.17 16.01 -15.52
CA ARG F 339 41.19 15.07 -15.11
C ARG F 339 42.45 15.26 -15.95
N LYS F 340 43.59 15.30 -15.28
CA LYS F 340 44.89 15.52 -15.90
C LYS F 340 45.87 14.55 -15.25
N ALA F 341 46.94 14.21 -15.96
CA ALA F 341 47.85 13.16 -15.49
C ALA F 341 48.69 13.63 -14.31
N VAL F 342 49.46 14.71 -14.49
CA VAL F 342 50.38 15.20 -13.49
C VAL F 342 49.88 16.55 -12.98
N SER F 343 49.74 16.68 -11.67
CA SER F 343 49.18 17.87 -11.05
C SER F 343 50.14 18.42 -10.00
N PHE F 344 50.86 19.48 -10.35
CA PHE F 344 51.77 20.11 -9.40
C PHE F 344 50.97 20.96 -8.42
N LYS F 345 51.33 20.90 -7.15
CA LYS F 345 50.74 21.75 -6.13
C LYS F 345 51.84 22.38 -5.29
N THR F 346 51.75 23.70 -5.11
CA THR F 346 52.74 24.47 -4.39
C THR F 346 52.10 25.31 -3.29
N SER F 347 52.87 26.21 -2.70
CA SER F 347 52.36 27.14 -1.69
C SER F 347 53.14 28.45 -1.72
#